data_9PEV
#
_entry.id   9PEV
#
_cell.length_a   1.00
_cell.length_b   1.00
_cell.length_c   1.00
_cell.angle_alpha   90.00
_cell.angle_beta   90.00
_cell.angle_gamma   90.00
#
_symmetry.space_group_name_H-M   'P 1'
#
loop_
_entity.id
_entity.type
_entity.pdbx_description
1 polymer 'Replication factor C subunit 1'
2 polymer 'Replication factor C subunit 4'
3 polymer 'Replication factor C subunit 3'
4 polymer 'Replication factor C subunit 2'
5 polymer 'Replication factor C subunit 5'
6 non-polymer 'ACETATE ION'
7 non-polymer "ADENOSINE-5'-DIPHOSPHATE"
8 non-polymer "GUANOSINE-5'-DIPHOSPHATE"
#
loop_
_entity_poly.entity_id
_entity_poly.type
_entity_poly.pdbx_seq_one_letter_code
_entity_poly.pdbx_strand_id
1 'polypeptide(L)'
;MVNISDFFGKNKKSVRSSTSRPTRQVGSSKPEVIDLDTESDQESTNKTPKKMPVSNVIDVSETPEGEKKLPLPAKRKASS
PTVKPASSKKTKPSSKSSDSASNITAQDVLDKIPSLDLSNVHVKENAKFDFKSANSNADPDEIVSEIGSFPEGKPNCLLG
LTIVFTGVLPTLERGASEALAKRYGARVTKSISSKTSVVVLGDEAGPKKLEKIKQLKIKAIDEEGFKQLIAGMPAEGGDG
EAAEKARRKLEEQHNIATKEAELLVKKEEERSKKLAATRVSGGHLERDNVVREEDKLWTVKYAPTNLQQVCGNKGSVMKL
KNWLANWENSKKNSFKHAGKDGSGVFRAAMLYGPPGIGKTTAAHLVAQELGYDILEQNASDVRSKTLLNAGVKNALDNMS
VVGYFKHNEEAQNLNGKHFVIIMDEVDGMSGGDRGGVGQLAQFCRKTSTPLILICNERNLPKMRPFDRVCLDIQFRRPDA
NSIKSRLMTIAIREKFKLDPNVIDRLIQTTRGDIRQVINLLSTISTTTKTINHENINEISKAWEKNIALKPFDIAHKMLD
GQIYSDIGSRNFTLNDKIALYFDDFDFTPLMIQENYLSTRPSVLKPGQSHLEAVAEAANCISLGDIVEKKIRSSEQLWSL
LPLHAVLSSVYPASKVAGHMAGRINFTAWLGQNSKSAKYYRLLQEIHYHTRLGTSTDKIGLRLDYLPTFRKRLLDPFLKQ
GADAISSVIEVMDDYYLTKEDWDSIMEFFVGPDVTTAIIKKIPATVKSGFTRKYNSMTHPVAIYRTGSTIGGGGVGTSTS
TPDFEDVVDADDNPVPADDEETQDSSTDLKKDKLIKQKAKPTKRKTATSKPGGSKKRKTKA
;
A
2 'polypeptide(L)'
;MSKTLSLQLPWVEKYRPQVLSDIVGNKETIDRLQQIAKDGNMPHMIISGMPGIGKTTSVHCLAHELLGRSYADGVLELNA
SDDRGIDVVRNQIKHFAQKKLHLPPGKHKIVILDEADSMTAGAQQALRRTMELYSNSTRFAFACNQSNKIIEPLQSRCAI
LRYSKLSDEDVLKRLLQIIKLEDVKYTNDGLEAIIFTAEGDMRQAINNLQSTVAGHGLVNADNVFKIVDSPHPLIVKKML
LASNLEDSIQILRTDLWKKGYSSIDIVTTSFRVTKNLAQVKESVRLEMIKEIGLTHMRILEGVGTYLQLASMLAKIHKLN
NKA
;
B
3 'polypeptide(L)'
;MSTSTEKRSKENLPWVEKYRPETLDEVYGQNEVITTVRKFVDEGKLPHLLFYGPPGTGKTSTIVALAREIYGKNYSNMVL
ELNASDDRGIDVVRNQIKDFASTRQIFSKGFKLIILDEADAMTNAAQNALRRVIERYTKNTRFCVLANYAHKLTPALLSR
CTRFRFQPLPQEAIERRIANVLVHEKLKLSPNAEKALIELSNGDMRRVLNVLQSCKATLDNPDEDEISDDVIYECCGAPR
PSDLKAVLKSILEDDWGTAHYTLNKVRSAKGLALIDLIEGIVKILEDYELQNEETRVHLLTKLADIEYSISKGGNDQIQG
SAVIGAIKASFENETVKANV
;
C
4 'polypeptide(L)'
;MFEGFGPNKKRKISKLAAEQSLAQQPWVEKYRPKNLDEVTAQDHAVTVLKKTLKSANLPHMLFYGPPGTGKTSTILALTK
ELYGPDLMKSRILELNASDERGISIVREKVKNFARLTVSKPSKHDLENYPCPPYKIIILDEADSMTADAQSALRRTMETY
SGVTRFCLICNYVTRIIDPLASRCSKFRFKALDASNAIDRLRFISEQENVKCDDGVLERILDISAGDLRRGITLLQSASK
GAQYLGDGKNITSTQVEELAGVVPHDILIEIVEKVKSGDFDEIKKYVNTFMKSGWSAASVVNQLHEYYITNDNFDTNFKN
QISWLLFTTDSRLNNGTNEHIQLLNLLVKISQL
;
D
5 'polypeptide(L)'
;MSLWVDKYRPKSLNALSHNEELTNFLKSLSDQPRDLPHLLLYGPNGTGKKTRCMALLESIFGPGVYRLKIDVRQFVTASN
RKLELNVVSSPYHLEITPSDMGNNDRIVIQELLKEVAQMEQVDFQDSKDGLAHRYKCVIINEANSLTKDAQAALRRTMEK
YSKNIRLIMVCDSMSPIIAPIKSRCLLIRCPAPSDSEISTILSDVVTNERIQLETKDILKRIAQASNGNLRVSLLMLESM
ALNNELALKSSSPIIKPDWIIVIHKLTRKIVKERSVNSLIECRAVLYDLLAHCIPANIILKELTFSLLDVETLNTTNKSS
IIEYSSVFDERLSLGNKAIFHLEGFIAKVMCCLD
;
E
#
loop_
_chem_comp.id
_chem_comp.type
_chem_comp.name
_chem_comp.formula
ACT non-polymer 'ACETATE ION' 'C2 H3 O2 -1'
ADP non-polymer ADENOSINE-5'-DIPHOSPHATE 'C10 H15 N5 O10 P2'
GDP RNA linking GUANOSINE-5'-DIPHOSPHATE 'C10 H15 N5 O11 P2'
#
# COMPACT_ATOMS: atom_id res chain seq x y z
N GLU A 544 36.82 -11.76 11.27
CA GLU A 544 36.08 -13.01 11.13
C GLU A 544 35.34 -13.36 12.42
N LYS A 545 36.10 -13.76 13.44
CA LYS A 545 35.49 -14.14 14.72
C LYS A 545 34.94 -12.94 15.48
N ASN A 546 35.31 -11.72 15.10
CA ASN A 546 34.79 -10.53 15.75
C ASN A 546 33.50 -10.03 15.13
N ILE A 547 32.95 -10.75 14.13
CA ILE A 547 31.72 -10.32 13.49
C ILE A 547 30.57 -10.31 14.51
N ALA A 548 30.51 -11.33 15.37
CA ALA A 548 29.46 -11.39 16.38
C ALA A 548 29.56 -10.22 17.36
N LEU A 549 30.78 -9.75 17.62
CA LEU A 549 30.97 -8.61 18.51
C LEU A 549 30.73 -7.28 17.82
N LYS A 550 30.64 -7.25 16.49
CA LYS A 550 30.44 -5.99 15.78
C LYS A 550 29.15 -5.28 16.16
N PRO A 551 27.99 -5.94 16.23
CA PRO A 551 26.78 -5.21 16.65
C PRO A 551 26.90 -4.63 18.05
N PHE A 552 27.58 -5.33 18.97
CA PHE A 552 27.79 -4.78 20.30
C PHE A 552 28.61 -3.50 20.25
N ASP A 553 29.69 -3.50 19.46
CA ASP A 553 30.51 -2.30 19.32
C ASP A 553 29.72 -1.16 18.70
N ILE A 554 28.91 -1.47 17.69
CA ILE A 554 28.11 -0.42 17.03
C ILE A 554 27.11 0.18 18.01
N ALA A 555 26.43 -0.68 18.78
CA ALA A 555 25.45 -0.18 19.74
C ALA A 555 26.12 0.64 20.84
N HIS A 556 27.27 0.19 21.33
CA HIS A 556 27.98 0.94 22.36
C HIS A 556 28.46 2.28 21.84
N LYS A 557 28.97 2.32 20.61
CA LYS A 557 29.44 3.58 20.03
C LYS A 557 28.30 4.54 19.79
N MET A 558 27.17 4.04 19.28
CA MET A 558 26.06 4.93 18.95
C MET A 558 25.35 5.46 20.18
N LEU A 559 25.44 4.78 21.31
CA LEU A 559 24.84 5.27 22.55
C LEU A 559 25.81 6.08 23.40
N ASP A 560 27.02 6.30 22.91
CA ASP A 560 27.98 7.14 23.62
C ASP A 560 27.54 8.59 23.56
N GLY A 561 27.47 9.25 24.71
CA GLY A 561 27.03 10.63 24.75
C GLY A 561 28.06 11.64 24.28
N GLN A 562 29.32 11.22 24.14
CA GLN A 562 30.36 12.13 23.69
C GLN A 562 30.11 12.61 22.27
N ILE A 563 29.67 11.72 21.38
CA ILE A 563 29.58 12.03 19.96
C ILE A 563 28.33 12.84 19.66
N TYR A 564 27.56 13.19 20.70
CA TYR A 564 26.36 14.00 20.53
C TYR A 564 26.51 15.42 21.07
N SER A 565 27.57 15.71 21.81
CA SER A 565 27.87 17.10 22.13
C SER A 565 28.30 17.83 20.88
N ASP A 566 28.55 19.14 21.01
CA ASP A 566 28.96 19.93 19.85
C ASP A 566 30.32 19.48 19.34
N ILE A 567 31.30 19.37 20.23
CA ILE A 567 32.64 18.95 19.82
C ILE A 567 32.61 17.52 19.30
N GLY A 568 31.88 16.65 19.99
CA GLY A 568 31.77 15.27 19.52
C GLY A 568 31.05 15.16 18.19
N SER A 569 30.06 16.02 17.95
CA SER A 569 29.40 16.04 16.66
C SER A 569 30.35 16.50 15.57
N ARG A 570 31.17 17.52 15.85
CA ARG A 570 32.15 17.96 14.86
C ARG A 570 33.16 16.87 14.55
N ASN A 571 33.65 16.18 15.58
CA ASN A 571 34.63 15.12 15.35
C ASN A 571 33.99 13.90 14.69
N PHE A 572 32.77 13.56 15.09
CA PHE A 572 32.04 12.40 14.58
C PHE A 572 30.74 12.91 13.97
N THR A 573 30.75 13.14 12.67
CA THR A 573 29.62 13.76 12.00
C THR A 573 28.44 12.80 11.89
N LEU A 574 27.33 13.33 11.37
CA LEU A 574 26.13 12.52 11.19
C LEU A 574 26.34 11.46 10.11
N ASN A 575 27.15 11.77 9.09
CA ASN A 575 27.48 10.78 8.07
C ASN A 575 28.15 9.57 8.70
N ASP A 576 29.04 9.80 9.68
CA ASP A 576 29.71 8.69 10.35
C ASP A 576 28.72 7.82 11.10
N LYS A 577 27.71 8.43 11.72
CA LYS A 577 26.72 7.66 12.46
C LYS A 577 25.86 6.83 11.52
N ILE A 578 25.45 7.41 10.39
CA ILE A 578 24.69 6.64 9.42
C ILE A 578 25.54 5.50 8.85
N ALA A 579 26.84 5.74 8.66
CA ALA A 579 27.74 4.67 8.24
C ALA A 579 27.85 3.59 9.29
N LEU A 580 27.86 3.97 10.57
CA LEU A 580 27.83 2.99 11.64
C LEU A 580 26.59 2.11 11.55
N TYR A 581 25.44 2.73 11.25
CA TYR A 581 24.25 1.93 10.99
C TYR A 581 24.47 0.96 9.84
N PHE A 582 25.01 1.47 8.72
CA PHE A 582 25.12 0.65 7.53
C PHE A 582 26.20 -0.41 7.62
N ASP A 583 27.01 -0.40 8.68
CA ASP A 583 27.97 -1.48 8.88
C ASP A 583 27.25 -2.82 9.05
N ASP A 584 26.16 -2.82 9.80
CA ASP A 584 25.31 -4.02 9.95
C ASP A 584 23.87 -3.53 10.12
N PHE A 585 23.16 -3.41 9.00
CA PHE A 585 21.81 -2.85 9.05
C PHE A 585 20.76 -3.87 9.47
N ASP A 586 21.14 -5.15 9.58
CA ASP A 586 20.19 -6.15 10.08
C ASP A 586 20.03 -6.08 11.58
N PHE A 587 21.11 -5.77 12.31
CA PHE A 587 21.11 -5.85 13.76
C PHE A 587 21.13 -4.51 14.48
N THR A 588 21.62 -3.44 13.84
CA THR A 588 21.72 -2.16 14.54
C THR A 588 20.38 -1.65 15.06
N PRO A 589 19.28 -1.63 14.29
CA PRO A 589 18.01 -1.20 14.88
C PRO A 589 17.58 -2.05 16.06
N LEU A 590 17.78 -3.37 15.98
CA LEU A 590 17.41 -4.25 17.09
C LEU A 590 18.28 -3.97 18.32
N MET A 591 19.58 -3.78 18.12
CA MET A 591 20.46 -3.50 19.25
C MET A 591 20.12 -2.17 19.90
N ILE A 592 19.82 -1.16 19.09
CA ILE A 592 19.45 0.14 19.64
C ILE A 592 18.14 0.03 20.42
N GLN A 593 17.14 -0.67 19.86
CA GLN A 593 15.88 -0.84 20.58
C GLN A 593 16.08 -1.62 21.87
N GLU A 594 17.02 -2.57 21.88
CA GLU A 594 17.24 -3.37 23.08
C GLU A 594 17.96 -2.58 24.17
N ASN A 595 18.96 -1.78 23.79
CA ASN A 595 19.89 -1.22 24.76
C ASN A 595 19.64 0.25 25.08
N TYR A 596 18.58 0.85 24.55
CA TYR A 596 18.38 2.27 24.77
C TYR A 596 17.72 2.59 26.11
N LEU A 597 17.30 1.58 26.87
CA LEU A 597 16.79 1.79 28.21
C LEU A 597 17.85 1.65 29.29
N SER A 598 19.03 1.15 28.93
CA SER A 598 20.07 0.81 29.91
C SER A 598 21.13 1.90 30.03
N THR A 599 20.87 3.08 29.49
CA THR A 599 21.84 4.17 29.52
C THR A 599 21.51 5.16 30.63
N ARG A 600 22.51 5.95 30.98
CA ARG A 600 22.35 7.09 31.88
C ARG A 600 22.55 8.35 31.06
N PRO A 601 21.48 9.02 30.63
CA PRO A 601 21.64 10.06 29.62
C PRO A 601 22.45 11.24 30.12
N SER A 602 23.33 11.74 29.26
CA SER A 602 24.09 12.96 29.51
C SER A 602 23.73 14.07 28.54
N VAL A 603 22.79 13.83 27.63
CA VAL A 603 22.38 14.81 26.63
C VAL A 603 20.98 15.34 26.94
N LEU A 604 20.53 15.20 28.19
CA LEU A 604 19.19 15.65 28.55
C LEU A 604 19.08 17.17 28.43
N LYS A 605 18.01 17.62 27.81
CA LYS A 605 17.74 19.05 27.74
C LYS A 605 17.35 19.56 29.13
N PRO A 606 17.57 20.84 29.40
CA PRO A 606 17.14 21.39 30.69
C PRO A 606 15.63 21.25 30.86
N GLY A 607 15.23 20.84 32.07
CA GLY A 607 13.84 20.60 32.34
C GLY A 607 13.29 19.30 31.80
N GLN A 608 14.14 18.44 31.23
CA GLN A 608 13.73 17.17 30.67
C GLN A 608 14.24 16.04 31.55
N SER A 609 13.35 15.10 31.87
CA SER A 609 13.74 13.94 32.65
C SER A 609 14.19 12.80 31.74
N HIS A 610 14.74 11.76 32.35
CA HIS A 610 15.17 10.59 31.59
C HIS A 610 13.98 9.91 30.92
N LEU A 611 12.84 9.85 31.61
CA LEU A 611 11.68 9.15 31.09
C LEU A 611 11.13 9.82 29.83
N GLU A 612 11.16 11.16 29.78
CA GLU A 612 10.67 11.85 28.58
C GLU A 612 11.56 11.57 27.38
N ALA A 613 12.88 11.55 27.58
CA ALA A 613 13.78 11.20 26.49
C ALA A 613 13.56 9.77 26.04
N VAL A 614 13.31 8.86 26.99
CA VAL A 614 12.99 7.48 26.64
C VAL A 614 11.71 7.42 25.81
N ALA A 615 10.69 8.18 26.20
CA ALA A 615 9.44 8.17 25.45
C ALA A 615 9.64 8.68 24.03
N GLU A 616 10.43 9.74 23.86
CA GLU A 616 10.70 10.24 22.52
C GLU A 616 11.47 9.23 21.69
N ALA A 617 12.46 8.56 22.30
CA ALA A 617 13.21 7.54 21.59
C ALA A 617 12.31 6.38 21.18
N ALA A 618 11.40 5.98 22.06
CA ALA A 618 10.47 4.89 21.73
C ALA A 618 9.53 5.29 20.60
N ASN A 619 9.07 6.53 20.60
CA ASN A 619 8.22 7.01 19.51
C ASN A 619 8.96 6.95 18.18
N CYS A 620 10.22 7.40 18.18
CA CYS A 620 11.01 7.34 16.96
C CYS A 620 11.27 5.90 16.53
N ILE A 621 11.48 5.00 17.49
CA ILE A 621 11.70 3.60 17.17
C ILE A 621 10.45 2.98 16.53
N SER A 622 9.28 3.35 17.03
CA SER A 622 8.04 2.89 16.41
C SER A 622 7.92 3.39 14.98
N LEU A 623 8.22 4.66 14.75
CA LEU A 623 8.19 5.20 13.39
C LEU A 623 9.18 4.47 12.50
N GLY A 624 10.37 4.19 13.01
CA GLY A 624 11.36 3.44 12.25
C GLY A 624 10.91 2.04 11.93
N ASP A 625 10.16 1.40 12.83
CA ASP A 625 9.61 0.08 12.54
C ASP A 625 8.60 0.15 11.41
N ILE A 626 7.75 1.18 11.40
CA ILE A 626 6.81 1.34 10.29
C ILE A 626 7.56 1.53 8.97
N VAL A 627 8.62 2.34 9.01
CA VAL A 627 9.43 2.55 7.80
C VAL A 627 10.08 1.25 7.34
N GLU A 628 10.57 0.45 8.28
CA GLU A 628 11.17 -0.83 7.94
C GLU A 628 10.15 -1.77 7.30
N LYS A 629 8.93 -1.80 7.84
CA LYS A 629 7.89 -2.63 7.23
C LYS A 629 7.61 -2.19 5.81
N LYS A 630 7.53 -0.88 5.56
CA LYS A 630 7.31 -0.41 4.20
C LYS A 630 8.49 -0.73 3.30
N ILE A 631 9.71 -0.71 3.84
CA ILE A 631 10.89 -1.03 3.04
C ILE A 631 10.89 -2.50 2.63
N ARG A 632 10.66 -3.39 3.59
CA ARG A 632 10.68 -4.82 3.29
C ARG A 632 9.52 -5.24 2.39
N SER A 633 8.38 -4.57 2.49
CA SER A 633 7.34 -4.74 1.49
C SER A 633 7.86 -4.26 0.14
N SER A 634 7.47 -4.99 -0.91
CA SER A 634 8.05 -4.81 -2.24
C SER A 634 9.57 -4.94 -2.18
N GLU A 635 10.27 -4.42 -3.19
CA GLU A 635 11.72 -4.51 -3.21
C GLU A 635 12.43 -3.23 -3.64
N GLN A 636 11.77 -2.32 -4.34
CA GLN A 636 12.42 -1.13 -4.87
C GLN A 636 12.62 -0.04 -3.84
N LEU A 637 12.14 -0.22 -2.61
CA LEU A 637 12.20 0.80 -1.58
C LEU A 637 13.53 0.79 -0.82
N TRP A 638 14.61 0.27 -1.40
CA TRP A 638 15.91 0.31 -0.76
C TRP A 638 16.44 1.73 -0.62
N SER A 639 15.86 2.69 -1.35
CA SER A 639 16.29 4.07 -1.24
C SER A 639 15.95 4.68 0.11
N LEU A 640 15.07 4.04 0.88
CA LEU A 640 14.67 4.53 2.19
C LEU A 640 15.58 4.06 3.31
N LEU A 641 16.66 3.35 2.98
CA LEU A 641 17.54 2.84 4.03
C LEU A 641 18.14 3.93 4.92
N PRO A 642 18.65 5.06 4.41
CA PRO A 642 19.12 6.12 5.32
C PRO A 642 18.03 6.65 6.24
N LEU A 643 16.80 6.77 5.74
CA LEU A 643 15.70 7.22 6.61
C LEU A 643 15.45 6.22 7.72
N HIS A 644 15.46 4.93 7.41
CA HIS A 644 15.33 3.92 8.46
C HIS A 644 16.50 3.99 9.43
N ALA A 645 17.70 4.24 8.92
CA ALA A 645 18.86 4.41 9.79
C ALA A 645 18.61 5.50 10.82
N VAL A 646 18.18 6.67 10.34
CA VAL A 646 17.96 7.79 11.24
C VAL A 646 16.82 7.48 12.21
N LEU A 647 15.72 6.91 11.72
CA LEU A 647 14.55 6.73 12.57
C LEU A 647 14.71 5.59 13.58
N SER A 648 15.59 4.62 13.32
CA SER A 648 15.71 3.49 14.22
C SER A 648 16.97 3.49 15.06
N SER A 649 18.07 4.07 14.57
CA SER A 649 19.34 3.96 15.24
C SER A 649 19.89 5.30 15.72
N VAL A 650 19.96 6.30 14.85
CA VAL A 650 20.65 7.53 15.19
C VAL A 650 19.79 8.42 16.07
N TYR A 651 18.57 8.74 15.63
CA TYR A 651 17.72 9.62 16.40
C TYR A 651 17.36 9.07 17.78
N PRO A 652 16.91 7.82 17.93
CA PRO A 652 16.63 7.32 19.29
C PRO A 652 17.85 7.33 20.18
N ALA A 653 19.03 7.07 19.63
CA ALA A 653 20.25 7.14 20.44
C ALA A 653 20.57 8.57 20.84
N SER A 654 20.19 9.55 20.02
CA SER A 654 20.49 10.94 20.34
C SER A 654 19.76 11.40 21.60
N LYS A 655 18.57 10.86 21.85
CA LYS A 655 17.78 11.31 22.99
C LYS A 655 18.30 10.74 24.30
N VAL A 656 18.79 9.50 24.28
CA VAL A 656 19.17 8.78 25.50
C VAL A 656 20.66 8.47 25.52
N ALA A 657 21.47 9.22 24.77
CA ALA A 657 22.90 8.99 24.77
C ALA A 657 23.50 9.34 26.12
N GLY A 658 24.49 8.54 26.53
CA GLY A 658 25.15 8.78 27.80
C GLY A 658 26.13 7.67 28.15
N HIS A 659 26.19 7.32 29.43
CA HIS A 659 27.05 6.25 29.90
C HIS A 659 26.23 4.97 30.05
N MET A 660 26.78 3.86 29.56
CA MET A 660 26.08 2.58 29.65
C MET A 660 26.03 2.12 31.09
N ALA A 661 24.84 2.10 31.67
CA ALA A 661 24.64 1.64 33.04
C ALA A 661 24.48 0.12 33.04
N GLY A 662 25.62 -0.55 32.86
CA GLY A 662 25.64 -2.00 32.82
C GLY A 662 26.41 -2.57 31.65
N ARG A 663 25.78 -3.46 30.89
CA ARG A 663 26.43 -4.14 29.78
C ARG A 663 25.53 -4.08 28.55
N ILE A 664 26.16 -4.06 27.38
CA ILE A 664 25.42 -4.08 26.12
C ILE A 664 24.87 -5.49 25.92
N ASN A 665 23.56 -5.64 26.01
CA ASN A 665 22.91 -6.93 25.87
C ASN A 665 22.48 -7.14 24.42
N PHE A 666 22.63 -8.38 23.95
CA PHE A 666 22.16 -8.72 22.62
C PHE A 666 20.64 -8.62 22.56
N THR A 667 20.12 -8.31 21.37
CA THR A 667 18.69 -8.14 21.20
C THR A 667 17.95 -9.42 21.55
N ALA A 668 16.88 -9.28 22.34
CA ALA A 668 16.05 -10.41 22.71
C ALA A 668 14.86 -10.59 21.79
N TRP A 669 14.72 -9.76 20.76
CA TRP A 669 13.54 -9.85 19.90
C TRP A 669 13.58 -11.08 19.01
N LEU A 670 14.78 -11.54 18.62
CA LEU A 670 14.86 -12.68 17.72
C LEU A 670 14.40 -13.96 18.41
N GLY A 671 14.90 -14.22 19.62
CA GLY A 671 14.46 -15.39 20.35
C GLY A 671 12.99 -15.36 20.68
N GLN A 672 12.49 -14.18 21.07
CA GLN A 672 11.07 -14.05 21.37
C GLN A 672 10.22 -14.26 20.12
N ASN A 673 10.70 -13.78 18.97
CA ASN A 673 9.99 -14.00 17.72
C ASN A 673 9.93 -15.47 17.37
N SER A 674 11.05 -16.18 17.53
CA SER A 674 11.05 -17.62 17.27
C SER A 674 10.12 -18.35 18.23
N LYS A 675 10.13 -17.97 19.50
CA LYS A 675 9.23 -18.57 20.49
C LYS A 675 7.77 -18.33 20.12
N SER A 676 7.45 -17.10 19.71
CA SER A 676 6.09 -16.77 19.32
C SER A 676 5.67 -17.58 18.10
N ALA A 677 6.57 -17.74 17.13
CA ALA A 677 6.24 -18.54 15.95
C ALA A 677 5.98 -20.00 16.33
N LYS A 678 6.81 -20.56 17.21
CA LYS A 678 6.62 -21.93 17.65
C LYS A 678 5.28 -22.09 18.35
N TYR A 679 4.94 -21.16 19.24
CA TYR A 679 3.68 -21.28 19.96
C TYR A 679 2.49 -21.05 19.05
N TYR A 680 2.64 -20.21 18.03
CA TYR A 680 1.55 -20.03 17.07
C TYR A 680 1.35 -21.28 16.24
N ARG A 681 2.44 -21.98 15.88
CA ARG A 681 2.29 -23.25 15.19
C ARG A 681 1.58 -24.28 16.08
N LEU A 682 1.96 -24.33 17.37
CA LEU A 682 1.28 -25.25 18.28
C LEU A 682 -0.20 -24.91 18.42
N LEU A 683 -0.52 -23.62 18.52
CA LEU A 683 -1.91 -23.21 18.61
C LEU A 683 -2.68 -23.55 17.34
N GLN A 684 -2.04 -23.40 16.19
CA GLN A 684 -2.68 -23.78 14.93
C GLN A 684 -2.98 -25.26 14.89
N GLU A 685 -2.03 -26.10 15.33
CA GLU A 685 -2.28 -27.54 15.37
C GLU A 685 -3.42 -27.87 16.33
N ILE A 686 -3.43 -27.25 17.51
CA ILE A 686 -4.49 -27.52 18.48
C ILE A 686 -5.85 -27.10 17.93
N HIS A 687 -5.89 -25.93 17.28
CA HIS A 687 -7.15 -25.48 16.68
C HIS A 687 -7.59 -26.41 15.57
N TYR A 688 -6.65 -26.93 14.79
CA TYR A 688 -6.98 -27.92 13.77
C TYR A 688 -7.61 -29.16 14.40
N HIS A 689 -7.07 -29.61 15.53
CA HIS A 689 -7.62 -30.80 16.17
C HIS A 689 -9.01 -30.53 16.75
N THR A 690 -9.21 -29.36 17.35
CA THR A 690 -10.43 -29.06 18.09
C THR A 690 -11.43 -28.21 17.32
N ARG A 691 -11.21 -28.01 16.02
CA ARG A 691 -12.09 -27.11 15.27
C ARG A 691 -13.51 -27.64 15.16
N LEU A 692 -13.66 -28.97 15.07
CA LEU A 692 -14.99 -29.55 14.91
C LEU A 692 -15.83 -29.38 16.17
N GLY A 693 -15.22 -29.50 17.34
CA GLY A 693 -15.97 -29.46 18.58
C GLY A 693 -16.23 -28.07 19.14
N THR A 694 -15.43 -27.10 18.72
CA THR A 694 -15.52 -25.73 19.23
C THR A 694 -15.95 -24.78 18.14
N SER A 695 -16.67 -23.73 18.54
CA SER A 695 -17.09 -22.66 17.65
C SER A 695 -16.32 -21.40 18.04
N THR A 696 -15.13 -21.25 17.45
CA THR A 696 -14.25 -20.12 17.72
C THR A 696 -13.15 -20.13 16.68
N ASP A 697 -12.39 -19.04 16.64
CA ASP A 697 -11.18 -18.97 15.83
C ASP A 697 -9.98 -19.29 16.70
N LYS A 698 -8.79 -19.23 16.09
CA LYS A 698 -7.56 -19.61 16.78
C LYS A 698 -7.31 -18.68 17.97
N ILE A 699 -7.43 -17.37 17.74
CA ILE A 699 -7.20 -16.41 18.81
C ILE A 699 -8.24 -16.56 19.91
N GLY A 700 -9.49 -16.79 19.54
CA GLY A 700 -10.51 -17.05 20.54
C GLY A 700 -10.23 -18.32 21.33
N LEU A 701 -9.69 -19.33 20.66
CA LEU A 701 -9.29 -20.55 21.35
C LEU A 701 -8.21 -20.27 22.39
N ARG A 702 -7.22 -19.46 22.04
CA ARG A 702 -6.18 -19.11 23.01
C ARG A 702 -6.75 -18.30 24.17
N LEU A 703 -7.53 -17.27 23.86
CA LEU A 703 -7.93 -16.31 24.89
C LEU A 703 -8.99 -16.88 25.82
N ASP A 704 -9.99 -17.58 25.30
CA ASP A 704 -11.15 -17.98 26.08
C ASP A 704 -11.19 -19.48 26.40
N TYR A 705 -10.97 -20.34 25.41
CA TYR A 705 -11.18 -21.76 25.61
C TYR A 705 -10.08 -22.37 26.48
N LEU A 706 -8.83 -22.02 26.20
CA LEU A 706 -7.71 -22.66 26.90
C LEU A 706 -7.74 -22.48 28.41
N PRO A 707 -8.05 -21.31 28.97
CA PRO A 707 -8.14 -21.21 30.43
C PRO A 707 -9.13 -22.19 31.04
N THR A 708 -10.24 -22.47 30.36
CA THR A 708 -11.19 -23.46 30.87
C THR A 708 -10.71 -24.88 30.64
N PHE A 709 -9.98 -25.12 29.55
CA PHE A 709 -9.40 -26.45 29.33
C PHE A 709 -8.42 -26.82 30.44
N ARG A 710 -7.77 -25.83 31.05
CA ARG A 710 -6.86 -26.10 32.15
C ARG A 710 -7.59 -26.73 33.33
N LYS A 711 -8.79 -26.23 33.63
CA LYS A 711 -9.55 -26.75 34.76
C LYS A 711 -10.14 -28.13 34.50
N ARG A 712 -10.13 -28.59 33.25
CA ARG A 712 -10.64 -29.91 32.91
C ARG A 712 -9.56 -30.92 32.58
N LEU A 713 -8.36 -30.47 32.22
CA LEU A 713 -7.28 -31.36 31.82
C LEU A 713 -6.14 -31.46 32.83
N LEU A 714 -5.98 -30.46 33.69
CA LEU A 714 -4.89 -30.46 34.68
C LEU A 714 -5.38 -30.38 36.11
N ASP A 715 -6.38 -29.54 36.39
CA ASP A 715 -6.88 -29.41 37.76
C ASP A 715 -7.36 -30.72 38.37
N PRO A 716 -8.10 -31.59 37.68
CA PRO A 716 -8.52 -32.84 38.32
C PRO A 716 -7.38 -33.71 38.81
N PHE A 717 -6.20 -33.62 38.19
CA PHE A 717 -5.07 -34.40 38.66
C PHE A 717 -4.64 -33.97 40.06
N LEU A 718 -4.70 -32.66 40.33
CA LEU A 718 -4.23 -32.16 41.62
C LEU A 718 -5.14 -32.60 42.76
N LYS A 719 -6.44 -32.67 42.52
CA LYS A 719 -7.42 -32.96 43.57
C LYS A 719 -7.81 -34.42 43.65
N GLN A 720 -7.69 -35.18 42.55
CA GLN A 720 -8.09 -36.58 42.53
C GLN A 720 -6.96 -37.55 42.29
N GLY A 721 -5.81 -37.08 41.79
CA GLY A 721 -4.71 -37.99 41.55
C GLY A 721 -4.97 -38.85 40.32
N ALA A 722 -4.63 -40.14 40.43
CA ALA A 722 -4.79 -41.06 39.32
C ALA A 722 -6.26 -41.38 39.03
N ASP A 723 -7.17 -41.06 39.95
CA ASP A 723 -8.59 -41.35 39.74
C ASP A 723 -9.21 -40.46 38.67
N ALA A 724 -8.54 -39.38 38.29
CA ALA A 724 -9.07 -38.45 37.29
C ALA A 724 -8.60 -38.75 35.88
N ILE A 725 -7.86 -39.84 35.68
CA ILE A 725 -7.35 -40.16 34.35
C ILE A 725 -8.48 -40.40 33.37
N SER A 726 -9.51 -41.13 33.80
CA SER A 726 -10.61 -41.47 32.91
C SER A 726 -11.35 -40.21 32.44
N SER A 727 -11.63 -39.30 33.36
CA SER A 727 -12.34 -38.07 32.99
C SER A 727 -11.51 -37.21 32.05
N VAL A 728 -10.21 -37.10 32.32
CA VAL A 728 -9.33 -36.32 31.46
C VAL A 728 -9.28 -36.91 30.06
N ILE A 729 -9.18 -38.24 29.97
CA ILE A 729 -9.15 -38.90 28.66
C ILE A 729 -10.48 -38.70 27.94
N GLU A 730 -11.60 -38.77 28.67
CA GLU A 730 -12.89 -38.54 28.05
C GLU A 730 -13.00 -37.12 27.50
N VAL A 731 -12.50 -36.14 28.25
CA VAL A 731 -12.52 -34.76 27.77
C VAL A 731 -11.64 -34.62 26.53
N MET A 732 -10.48 -35.26 26.54
CA MET A 732 -9.59 -35.19 25.38
C MET A 732 -10.22 -35.83 24.16
N ASP A 733 -10.94 -36.94 24.35
CA ASP A 733 -11.56 -37.63 23.23
C ASP A 733 -12.63 -36.78 22.57
N ASP A 734 -13.38 -36.01 23.37
CA ASP A 734 -14.44 -35.18 22.83
C ASP A 734 -13.91 -34.09 21.90
N TYR A 735 -12.60 -33.79 21.96
CA TYR A 735 -12.02 -32.73 21.16
C TYR A 735 -10.86 -33.22 20.30
N TYR A 736 -10.67 -34.54 20.18
CA TYR A 736 -9.61 -35.13 19.38
C TYR A 736 -8.23 -34.62 19.80
N LEU A 737 -8.01 -34.55 21.11
CA LEU A 737 -6.74 -34.09 21.65
C LEU A 737 -5.85 -35.29 21.97
N THR A 738 -4.63 -35.25 21.45
CA THR A 738 -3.65 -36.28 21.75
C THR A 738 -2.84 -35.90 22.98
N LYS A 739 -1.96 -36.81 23.41
CA LYS A 739 -1.09 -36.52 24.54
C LYS A 739 -0.14 -35.39 24.21
N GLU A 740 0.32 -35.31 22.95
CA GLU A 740 1.16 -34.20 22.53
C GLU A 740 0.39 -32.88 22.63
N ASP A 741 -0.89 -32.89 22.24
CA ASP A 741 -1.70 -31.69 22.38
C ASP A 741 -1.90 -31.33 23.85
N TRP A 742 -2.05 -32.34 24.71
CA TRP A 742 -2.17 -32.08 26.14
C TRP A 742 -0.90 -31.42 26.68
N ASP A 743 0.26 -31.89 26.24
CA ASP A 743 1.52 -31.26 26.64
C ASP A 743 1.59 -29.83 26.11
N SER A 744 1.16 -29.61 24.86
CA SER A 744 1.29 -28.29 24.25
C SER A 744 0.33 -27.28 24.90
N ILE A 745 -0.85 -27.73 25.31
CA ILE A 745 -1.84 -26.82 25.88
C ILE A 745 -1.31 -26.18 27.16
N MET A 746 -0.68 -26.99 28.02
CA MET A 746 -0.19 -26.47 29.29
C MET A 746 0.95 -25.48 29.14
N GLU A 747 1.55 -25.37 27.96
CA GLU A 747 2.66 -24.46 27.74
C GLU A 747 2.21 -23.04 27.39
N PHE A 748 0.91 -22.81 27.22
CA PHE A 748 0.40 -21.54 26.76
C PHE A 748 0.07 -20.56 27.88
N PHE A 749 0.18 -20.98 29.14
CA PHE A 749 -0.32 -20.18 30.24
C PHE A 749 0.77 -19.28 30.81
N VAL A 750 0.36 -18.10 31.27
CA VAL A 750 1.28 -17.07 31.73
C VAL A 750 0.81 -16.58 33.10
N GLY A 751 1.72 -15.91 33.80
CA GLY A 751 1.42 -15.31 35.08
C GLY A 751 1.12 -16.33 36.16
N PRO A 752 0.03 -16.13 36.89
CA PRO A 752 -0.32 -17.05 37.98
C PRO A 752 -0.77 -18.42 37.52
N ASP A 753 -1.02 -18.60 36.23
CA ASP A 753 -1.52 -19.87 35.69
C ASP A 753 -0.43 -20.74 35.10
N VAL A 754 0.84 -20.41 35.33
CA VAL A 754 1.93 -21.23 34.82
C VAL A 754 1.82 -22.63 35.41
N THR A 755 2.05 -23.64 34.58
CA THR A 755 1.80 -25.02 34.95
C THR A 755 3.07 -25.86 35.05
N THR A 756 4.25 -25.28 34.82
CA THR A 756 5.47 -26.08 34.84
C THR A 756 5.72 -26.67 36.22
N ALA A 757 5.69 -25.84 37.26
CA ALA A 757 5.92 -26.32 38.62
C ALA A 757 4.80 -27.25 39.07
N ILE A 758 3.56 -26.93 38.71
CA ILE A 758 2.42 -27.75 39.11
C ILE A 758 2.52 -29.14 38.48
N ILE A 759 2.84 -29.20 37.18
CA ILE A 759 2.98 -30.49 36.52
C ILE A 759 4.17 -31.25 37.10
N LYS A 760 5.25 -30.54 37.41
CA LYS A 760 6.40 -31.20 38.03
C LYS A 760 6.03 -31.81 39.37
N LYS A 761 5.20 -31.12 40.15
CA LYS A 761 4.80 -31.61 41.47
C LYS A 761 3.86 -32.80 41.39
N ILE A 762 3.25 -33.04 40.23
CA ILE A 762 2.36 -34.20 40.10
C ILE A 762 3.17 -35.48 40.25
N PRO A 763 2.70 -36.47 41.01
CA PRO A 763 3.48 -37.69 41.19
C PRO A 763 3.76 -38.39 39.86
N ALA A 764 4.96 -38.96 39.75
CA ALA A 764 5.33 -39.66 38.52
C ALA A 764 4.44 -40.86 38.25
N THR A 765 3.92 -41.49 39.32
CA THR A 765 3.02 -42.62 39.14
C THR A 765 1.73 -42.19 38.44
N VAL A 766 1.21 -41.01 38.79
CA VAL A 766 -0.02 -40.52 38.16
C VAL A 766 0.21 -40.29 36.66
N LYS A 767 1.33 -39.66 36.31
CA LYS A 767 1.62 -39.41 34.91
C LYS A 767 1.85 -40.71 34.14
N SER A 768 2.54 -41.66 34.76
CA SER A 768 2.76 -42.96 34.12
C SER A 768 1.44 -43.69 33.89
N GLY A 769 0.55 -43.66 34.88
CA GLY A 769 -0.75 -44.27 34.70
C GLY A 769 -1.58 -43.58 33.63
N PHE A 770 -1.48 -42.25 33.57
CA PHE A 770 -2.20 -41.49 32.55
C PHE A 770 -1.74 -41.89 31.15
N THR A 771 -0.42 -41.88 30.91
CA THR A 771 0.06 -42.24 29.58
C THR A 771 -0.19 -43.70 29.26
N ARG A 772 -0.11 -44.59 30.26
CA ARG A 772 -0.40 -46.00 30.03
C ARG A 772 -1.85 -46.21 29.65
N LYS A 773 -2.77 -45.56 30.36
CA LYS A 773 -4.19 -45.68 30.03
C LYS A 773 -4.49 -45.09 28.66
N TYR A 774 -3.85 -43.96 28.33
CA TYR A 774 -4.06 -43.39 27.00
C TYR A 774 -3.56 -44.32 25.91
N ASN A 775 -2.41 -44.96 26.13
CA ASN A 775 -1.86 -45.87 25.12
C ASN A 775 -2.61 -47.20 25.07
N SER A 776 -3.40 -47.52 26.10
CA SER A 776 -4.05 -48.81 26.17
C SER A 776 -5.42 -48.85 25.52
N MET A 777 -5.94 -47.71 25.03
CA MET A 777 -7.25 -47.66 24.43
C MET A 777 -7.20 -46.89 23.12
N THR A 778 -8.12 -47.22 22.22
CA THR A 778 -8.24 -46.53 20.95
C THR A 778 -8.92 -45.18 21.13
N HIS A 779 -8.62 -44.26 20.23
CA HIS A 779 -9.15 -42.90 20.32
C HIS A 779 -9.71 -42.47 18.97
N PRO A 780 -10.71 -41.59 18.97
CA PRO A 780 -11.23 -41.07 17.71
C PRO A 780 -10.17 -40.24 16.98
N VAL A 781 -10.26 -40.25 15.66
CA VAL A 781 -9.32 -39.49 14.82
C VAL A 781 -10.08 -38.59 13.86
N LEU B 5 36.49 13.20 -29.92
CA LEU B 5 36.30 11.94 -29.20
C LEU B 5 35.89 10.83 -30.17
N SER B 6 36.42 9.64 -29.93
CA SER B 6 36.13 8.46 -30.74
C SER B 6 35.49 7.39 -29.85
N LEU B 7 35.27 6.22 -30.45
CA LEU B 7 34.68 5.12 -29.71
C LEU B 7 35.66 4.57 -28.68
N GLN B 8 35.30 4.67 -27.40
CA GLN B 8 36.14 4.23 -26.31
C GLN B 8 35.35 3.33 -25.38
N LEU B 9 36.03 2.33 -24.84
CA LEU B 9 35.44 1.47 -23.84
C LEU B 9 35.17 2.30 -22.58
N PRO B 10 33.98 2.22 -21.99
CA PRO B 10 33.68 3.05 -20.82
C PRO B 10 34.64 2.78 -19.66
N TRP B 11 34.94 3.85 -18.92
CA TRP B 11 35.93 3.75 -17.85
C TRP B 11 35.46 2.85 -16.70
N VAL B 12 34.18 2.48 -16.67
CA VAL B 12 33.71 1.54 -15.67
C VAL B 12 34.36 0.17 -15.86
N GLU B 13 34.87 -0.11 -17.06
CA GLU B 13 35.57 -1.35 -17.34
C GLU B 13 36.95 -1.14 -17.95
N LYS B 14 37.22 0.01 -18.56
CA LYS B 14 38.50 0.25 -19.20
C LYS B 14 39.64 0.27 -18.19
N TYR B 15 39.43 0.90 -17.04
CA TYR B 15 40.44 1.00 -16.00
C TYR B 15 40.09 0.18 -14.77
N ARG B 16 39.44 -0.95 -14.96
CA ARG B 16 39.18 -1.86 -13.85
C ARG B 16 40.49 -2.47 -13.37
N PRO B 17 40.65 -2.67 -12.06
CA PRO B 17 41.88 -3.31 -11.56
C PRO B 17 41.91 -4.79 -11.89
N GLN B 18 43.13 -5.33 -11.89
CA GLN B 18 43.34 -6.76 -12.12
C GLN B 18 44.07 -7.42 -10.96
N VAL B 19 44.36 -6.68 -9.90
CA VAL B 19 45.04 -7.22 -8.72
C VAL B 19 44.26 -6.80 -7.48
N LEU B 20 44.17 -7.72 -6.51
CA LEU B 20 43.42 -7.44 -5.30
C LEU B 20 44.03 -6.32 -4.48
N SER B 21 45.32 -6.05 -4.64
CA SER B 21 45.98 -4.98 -3.91
C SER B 21 45.61 -3.60 -4.42
N ASP B 22 44.90 -3.50 -5.54
CA ASP B 22 44.53 -2.23 -6.14
C ASP B 22 43.05 -1.92 -5.93
N ILE B 23 42.42 -2.56 -4.96
CA ILE B 23 41.01 -2.36 -4.64
C ILE B 23 40.92 -1.85 -3.21
N VAL B 24 40.18 -0.76 -3.00
CA VAL B 24 40.14 -0.10 -1.72
C VAL B 24 38.86 -0.37 -0.94
N GLY B 25 37.74 -0.66 -1.62
CA GLY B 25 36.50 -0.90 -0.91
C GLY B 25 36.53 -2.22 -0.16
N ASN B 26 35.95 -2.22 1.04
CA ASN B 26 35.85 -3.42 1.88
C ASN B 26 37.24 -3.98 2.17
N LYS B 27 38.00 -3.21 2.96
CA LYS B 27 39.37 -3.60 3.33
C LYS B 27 39.41 -4.99 3.97
N GLU B 28 38.39 -5.35 4.74
CA GLU B 28 38.33 -6.70 5.29
C GLU B 28 38.24 -7.73 4.18
N THR B 29 37.44 -7.46 3.15
CA THR B 29 37.37 -8.35 2.00
C THR B 29 38.72 -8.45 1.31
N ILE B 30 39.43 -7.32 1.18
CA ILE B 30 40.74 -7.32 0.54
C ILE B 30 41.71 -8.22 1.33
N ASP B 31 41.73 -8.07 2.65
CA ASP B 31 42.63 -8.86 3.47
C ASP B 31 42.29 -10.35 3.38
N ARG B 32 40.99 -10.69 3.46
CA ARG B 32 40.60 -12.09 3.40
C ARG B 32 40.90 -12.70 2.04
N LEU B 33 40.65 -11.95 0.95
CA LEU B 33 40.94 -12.46 -0.37
C LEU B 33 42.43 -12.64 -0.58
N GLN B 34 43.25 -11.71 -0.08
CA GLN B 34 44.70 -11.87 -0.18
C GLN B 34 45.17 -13.10 0.60
N GLN B 35 44.62 -13.31 1.80
CA GLN B 35 44.99 -14.49 2.59
C GLN B 35 44.59 -15.77 1.88
N ILE B 36 43.40 -15.79 1.28
CA ILE B 36 42.93 -17.00 0.59
C ILE B 36 43.76 -17.25 -0.67
N ALA B 37 44.14 -16.18 -1.38
CA ALA B 37 45.01 -16.35 -2.54
C ALA B 37 46.38 -16.88 -2.15
N LYS B 38 46.92 -16.38 -1.04
CA LYS B 38 48.21 -16.88 -0.56
C LYS B 38 48.12 -18.34 -0.14
N ASP B 39 47.03 -18.72 0.55
CA ASP B 39 46.88 -20.09 0.99
C ASP B 39 46.60 -21.02 -0.19
N GLY B 40 45.81 -20.56 -1.16
CA GLY B 40 45.43 -21.36 -2.30
C GLY B 40 44.16 -22.15 -2.14
N ASN B 41 43.56 -22.16 -0.95
CA ASN B 41 42.32 -22.88 -0.69
C ASN B 41 41.15 -21.93 -0.90
N MET B 42 40.52 -22.03 -2.06
CA MET B 42 39.37 -21.19 -2.37
C MET B 42 38.10 -21.77 -1.75
N PRO B 43 37.45 -21.08 -0.82
CA PRO B 43 36.18 -21.58 -0.28
C PRO B 43 34.98 -21.08 -1.06
N HIS B 44 33.78 -21.47 -0.63
CA HIS B 44 32.56 -20.86 -1.14
C HIS B 44 32.45 -19.45 -0.60
N MET B 45 31.78 -18.57 -1.34
CA MET B 45 31.72 -17.17 -0.97
C MET B 45 30.35 -16.57 -1.25
N ILE B 46 29.95 -15.66 -0.38
CA ILE B 46 28.81 -14.77 -0.59
C ILE B 46 29.31 -13.34 -0.54
N ILE B 47 28.99 -12.55 -1.57
CA ILE B 47 29.52 -11.20 -1.68
C ILE B 47 28.36 -10.24 -1.94
N SER B 48 27.17 -10.62 -1.45
CA SER B 48 25.97 -9.85 -1.73
C SER B 48 26.05 -8.45 -1.13
N GLY B 49 25.45 -7.50 -1.83
CA GLY B 49 25.45 -6.12 -1.38
C GLY B 49 24.71 -5.25 -2.38
N MET B 50 24.67 -3.95 -2.08
CA MET B 50 24.03 -3.00 -2.96
C MET B 50 24.82 -2.90 -4.28
N PRO B 51 24.12 -2.70 -5.40
CA PRO B 51 24.82 -2.66 -6.69
C PRO B 51 25.76 -1.47 -6.79
N GLY B 52 26.85 -1.66 -7.53
CA GLY B 52 27.81 -0.61 -7.77
C GLY B 52 28.96 -0.52 -6.80
N ILE B 53 29.10 -1.48 -5.88
CA ILE B 53 30.19 -1.46 -4.92
C ILE B 53 31.34 -2.33 -5.42
N GLY B 54 31.27 -2.74 -6.68
CA GLY B 54 32.35 -3.45 -7.31
C GLY B 54 32.65 -4.83 -6.75
N LYS B 55 31.63 -5.61 -6.44
CA LYS B 55 31.86 -6.98 -5.98
C LYS B 55 32.29 -7.89 -7.13
N THR B 56 31.72 -7.68 -8.33
CA THR B 56 32.13 -8.46 -9.48
C THR B 56 33.59 -8.23 -9.83
N THR B 57 34.03 -6.97 -9.79
CA THR B 57 35.44 -6.67 -10.03
C THR B 57 36.33 -7.32 -8.98
N SER B 58 35.89 -7.32 -7.72
CA SER B 58 36.71 -7.89 -6.66
C SER B 58 36.85 -9.40 -6.84
N VAL B 59 35.76 -10.10 -7.18
CA VAL B 59 35.90 -11.55 -7.39
C VAL B 59 36.68 -11.85 -8.65
N HIS B 60 36.56 -10.99 -9.68
CA HIS B 60 37.36 -11.17 -10.88
C HIS B 60 38.85 -11.04 -10.57
N CYS B 61 39.22 -10.06 -9.75
CA CYS B 61 40.61 -9.94 -9.32
C CYS B 61 41.03 -11.14 -8.48
N LEU B 62 40.12 -11.61 -7.61
CA LEU B 62 40.44 -12.73 -6.73
C LEU B 62 40.73 -13.99 -7.54
N ALA B 63 39.99 -14.21 -8.63
CA ALA B 63 40.21 -15.41 -9.44
C ALA B 63 41.62 -15.43 -10.01
N HIS B 64 42.06 -14.32 -10.62
CA HIS B 64 43.39 -14.25 -11.20
C HIS B 64 44.49 -14.07 -10.16
N GLU B 65 44.15 -13.73 -8.92
CA GLU B 65 45.15 -13.78 -7.86
C GLU B 65 45.33 -15.18 -7.30
N LEU B 66 44.24 -15.95 -7.19
CA LEU B 66 44.34 -17.34 -6.77
C LEU B 66 45.07 -18.17 -7.83
N LEU B 67 44.64 -18.06 -9.08
CA LEU B 67 45.30 -18.73 -10.18
C LEU B 67 46.34 -17.78 -10.78
N GLY B 68 46.87 -18.13 -11.95
CA GLY B 68 47.73 -17.25 -12.71
C GLY B 68 46.91 -16.35 -13.62
N ARG B 69 47.51 -15.96 -14.74
CA ARG B 69 46.78 -15.21 -15.74
C ARG B 69 46.07 -16.17 -16.70
N SER B 70 45.29 -17.09 -16.14
CA SER B 70 44.49 -18.04 -16.91
C SER B 70 43.02 -17.71 -16.68
N TYR B 71 42.29 -17.47 -17.76
CA TYR B 71 40.92 -16.99 -17.67
C TYR B 71 39.95 -17.71 -18.59
N ALA B 72 40.42 -18.43 -19.62
CA ALA B 72 39.55 -18.98 -20.64
C ALA B 72 38.50 -19.93 -20.05
N ASP B 73 38.94 -20.88 -19.23
CA ASP B 73 38.03 -21.87 -18.66
C ASP B 73 38.02 -21.88 -17.13
N GLY B 74 38.97 -21.20 -16.48
CA GLY B 74 39.04 -21.24 -15.03
C GLY B 74 38.09 -20.28 -14.35
N VAL B 75 37.64 -19.26 -15.07
CA VAL B 75 36.75 -18.24 -14.54
C VAL B 75 35.49 -18.18 -15.40
N LEU B 76 34.33 -18.24 -14.75
CA LEU B 76 33.04 -18.13 -15.42
C LEU B 76 32.19 -17.11 -14.69
N GLU B 77 31.53 -16.23 -15.44
CA GLU B 77 30.57 -15.29 -14.90
C GLU B 77 29.27 -15.40 -15.68
N LEU B 78 28.15 -15.35 -14.95
CA LEU B 78 26.82 -15.48 -15.55
C LEU B 78 25.82 -14.71 -14.70
N ASN B 79 24.68 -14.41 -15.31
CA ASN B 79 23.60 -13.72 -14.63
C ASN B 79 22.49 -14.73 -14.34
N ALA B 80 22.16 -14.89 -13.06
CA ALA B 80 21.11 -15.82 -12.66
C ALA B 80 19.73 -15.38 -13.16
N SER B 81 19.53 -14.09 -13.38
CA SER B 81 18.28 -13.55 -13.92
C SER B 81 18.34 -13.40 -15.44
N ASP B 82 19.10 -14.26 -16.11
CA ASP B 82 19.26 -14.16 -17.56
C ASP B 82 17.95 -14.47 -18.26
N ASP B 83 17.78 -13.87 -19.45
CA ASP B 83 16.61 -14.13 -20.26
C ASP B 83 16.54 -15.57 -20.76
N ARG B 84 17.69 -16.24 -20.85
CA ARG B 84 17.72 -17.61 -21.35
C ARG B 84 17.07 -18.60 -20.39
N GLY B 85 16.93 -18.23 -19.13
CA GLY B 85 16.29 -19.08 -18.14
C GLY B 85 17.28 -19.65 -17.14
N ILE B 86 16.72 -20.12 -16.02
CA ILE B 86 17.54 -20.73 -14.97
C ILE B 86 18.17 -22.02 -15.47
N ASP B 87 17.41 -22.83 -16.21
CA ASP B 87 17.90 -24.12 -16.66
C ASP B 87 19.10 -23.97 -17.59
N VAL B 88 19.04 -23.01 -18.52
CA VAL B 88 20.13 -22.82 -19.46
C VAL B 88 21.40 -22.37 -18.74
N VAL B 89 21.25 -21.44 -17.78
CA VAL B 89 22.40 -20.98 -17.00
C VAL B 89 22.99 -22.12 -16.20
N ARG B 90 22.14 -22.95 -15.59
CA ARG B 90 22.63 -24.09 -14.82
C ARG B 90 23.35 -25.09 -15.71
N ASN B 91 22.84 -25.31 -16.92
CA ASN B 91 23.50 -26.21 -17.85
C ASN B 91 24.86 -25.67 -18.27
N GLN B 92 24.94 -24.37 -18.53
CA GLN B 92 26.23 -23.76 -18.87
C GLN B 92 27.21 -23.89 -17.71
N ILE B 93 26.74 -23.67 -16.48
CA ILE B 93 27.59 -23.80 -15.31
C ILE B 93 28.10 -25.23 -15.17
N LYS B 94 27.21 -26.22 -15.38
CA LYS B 94 27.62 -27.61 -15.32
C LYS B 94 28.64 -27.94 -16.39
N HIS B 95 28.44 -27.41 -17.60
CA HIS B 95 29.40 -27.66 -18.68
C HIS B 95 30.76 -27.06 -18.35
N PHE B 96 30.78 -25.85 -17.81
CA PHE B 96 32.05 -25.22 -17.45
C PHE B 96 32.73 -25.97 -16.31
N ALA B 97 31.97 -26.39 -15.30
CA ALA B 97 32.56 -27.10 -14.17
C ALA B 97 33.11 -28.47 -14.58
N GLN B 98 32.38 -29.18 -15.44
CA GLN B 98 32.84 -30.49 -15.89
C GLN B 98 33.90 -30.40 -16.99
N LYS B 99 34.14 -29.22 -17.53
CA LYS B 99 35.18 -29.05 -18.55
C LYS B 99 36.55 -29.13 -17.90
N LYS B 100 37.37 -30.07 -18.36
CA LYS B 100 38.68 -30.26 -17.77
C LYS B 100 39.63 -29.14 -18.15
N LEU B 101 40.40 -28.67 -17.16
CA LEU B 101 41.39 -27.63 -17.38
C LEU B 101 42.55 -27.87 -16.43
N HIS B 102 43.76 -27.49 -16.87
CA HIS B 102 44.94 -27.62 -16.03
C HIS B 102 44.82 -26.72 -14.81
N LEU B 103 44.67 -27.31 -13.64
CA LEU B 103 44.49 -26.56 -12.40
C LEU B 103 45.63 -26.86 -11.45
N PRO B 104 46.31 -25.84 -10.92
CA PRO B 104 47.31 -26.08 -9.87
C PRO B 104 46.67 -26.65 -8.63
N PRO B 105 47.42 -27.36 -7.80
CA PRO B 105 46.82 -28.01 -6.62
C PRO B 105 46.16 -27.00 -5.70
N GLY B 106 44.84 -27.13 -5.55
CA GLY B 106 44.06 -26.27 -4.70
C GLY B 106 43.41 -25.10 -5.40
N LYS B 107 43.90 -24.73 -6.58
CA LYS B 107 43.37 -23.57 -7.32
C LYS B 107 42.15 -24.02 -8.12
N HIS B 108 41.01 -24.04 -7.43
CA HIS B 108 39.76 -24.47 -8.05
C HIS B 108 39.19 -23.36 -8.92
N LYS B 109 38.23 -23.73 -9.76
CA LYS B 109 37.54 -22.77 -10.60
C LYS B 109 36.65 -21.86 -9.76
N ILE B 110 36.26 -20.74 -10.35
CA ILE B 110 35.39 -19.76 -9.69
C ILE B 110 34.26 -19.42 -10.64
N VAL B 111 33.02 -19.54 -10.16
CA VAL B 111 31.83 -19.19 -10.92
C VAL B 111 31.12 -18.06 -10.20
N ILE B 112 30.90 -16.95 -10.89
CA ILE B 112 30.23 -15.78 -10.33
C ILE B 112 28.77 -15.83 -10.72
N LEU B 113 27.89 -15.86 -9.73
CA LEU B 113 26.44 -15.89 -9.95
C LEU B 113 25.90 -14.48 -9.69
N ASP B 114 25.99 -13.63 -10.70
CA ASP B 114 25.45 -12.28 -10.59
C ASP B 114 23.92 -12.34 -10.50
N GLU B 115 23.36 -11.48 -9.65
CA GLU B 115 21.91 -11.44 -9.42
C GLU B 115 21.38 -12.81 -9.01
N ALA B 116 22.12 -13.48 -8.12
CA ALA B 116 21.76 -14.84 -7.70
C ALA B 116 20.48 -14.89 -6.88
N ASP B 117 19.97 -13.74 -6.42
CA ASP B 117 18.75 -13.72 -5.63
C ASP B 117 17.53 -14.15 -6.44
N SER B 118 17.59 -14.07 -7.77
CA SER B 118 16.48 -14.50 -8.60
C SER B 118 16.29 -16.02 -8.56
N MET B 119 17.30 -16.77 -8.12
CA MET B 119 17.19 -18.22 -8.04
C MET B 119 16.20 -18.60 -6.95
N THR B 120 15.27 -19.51 -7.28
CA THR B 120 14.28 -19.98 -6.33
C THR B 120 14.92 -20.99 -5.38
N ALA B 121 14.11 -21.53 -4.47
CA ALA B 121 14.60 -22.52 -3.53
C ALA B 121 15.06 -23.78 -4.25
N GLY B 122 14.26 -24.27 -5.20
CA GLY B 122 14.64 -25.46 -5.95
C GLY B 122 15.87 -25.22 -6.81
N ALA B 123 15.94 -24.05 -7.45
CA ALA B 123 17.11 -23.71 -8.25
C ALA B 123 18.36 -23.63 -7.39
N GLN B 124 18.24 -23.04 -6.20
CA GLN B 124 19.39 -22.97 -5.29
C GLN B 124 19.80 -24.35 -4.82
N GLN B 125 18.83 -25.23 -4.55
CA GLN B 125 19.17 -26.59 -4.16
C GLN B 125 19.87 -27.33 -5.30
N ALA B 126 19.43 -27.12 -6.53
CA ALA B 126 20.10 -27.72 -7.69
C ALA B 126 21.52 -27.18 -7.83
N LEU B 127 21.70 -25.88 -7.58
CA LEU B 127 23.05 -25.30 -7.62
C LEU B 127 23.93 -25.90 -6.54
N ARG B 128 23.37 -26.12 -5.35
CA ARG B 128 24.12 -26.78 -4.28
C ARG B 128 24.52 -28.19 -4.68
N ARG B 129 23.61 -28.93 -5.31
CA ARG B 129 23.92 -30.27 -5.77
C ARG B 129 25.03 -30.24 -6.82
N THR B 130 24.96 -29.27 -7.74
CA THR B 130 26.01 -29.13 -8.75
C THR B 130 27.36 -28.80 -8.11
N MET B 131 27.35 -27.93 -7.10
CA MET B 131 28.59 -27.60 -6.39
C MET B 131 29.18 -28.81 -5.70
N GLU B 132 28.32 -29.61 -5.06
CA GLU B 132 28.82 -30.84 -4.44
C GLU B 132 29.35 -31.82 -5.48
N LEU B 133 28.71 -31.87 -6.64
CA LEU B 133 29.19 -32.75 -7.72
C LEU B 133 30.57 -32.34 -8.19
N TYR B 134 30.82 -31.04 -8.32
CA TYR B 134 32.09 -30.52 -8.81
C TYR B 134 32.86 -29.77 -7.73
N SER B 135 32.82 -30.27 -6.49
CA SER B 135 33.54 -29.62 -5.41
C SER B 135 35.05 -29.82 -5.50
N ASN B 136 35.50 -30.87 -6.19
CA ASN B 136 36.93 -31.14 -6.28
C ASN B 136 37.64 -30.18 -7.22
N SER B 137 36.91 -29.47 -8.08
CA SER B 137 37.55 -28.57 -9.03
C SER B 137 36.83 -27.24 -9.25
N THR B 138 35.76 -26.95 -8.52
CA THR B 138 34.99 -25.73 -8.75
C THR B 138 34.49 -25.16 -7.43
N ARG B 139 34.42 -23.84 -7.37
CA ARG B 139 33.88 -23.11 -6.23
C ARG B 139 32.95 -22.01 -6.73
N PHE B 140 32.00 -21.63 -5.88
CA PHE B 140 30.97 -20.66 -6.24
C PHE B 140 31.09 -19.38 -5.42
N ALA B 141 31.01 -18.25 -6.11
CA ALA B 141 30.86 -16.94 -5.49
C ALA B 141 29.55 -16.33 -5.95
N PHE B 142 28.71 -15.90 -5.02
CA PHE B 142 27.36 -15.44 -5.30
C PHE B 142 27.33 -13.92 -5.22
N ALA B 143 27.17 -13.27 -6.37
CA ALA B 143 27.04 -11.82 -6.44
C ALA B 143 25.58 -11.39 -6.51
N CYS B 144 24.80 -11.76 -5.51
CA CYS B 144 23.39 -11.39 -5.48
C CYS B 144 23.20 -10.06 -4.74
N ASN B 145 21.95 -9.60 -4.70
CA ASN B 145 21.65 -8.37 -3.98
C ASN B 145 21.64 -8.56 -2.47
N GLN B 146 21.05 -9.65 -2.00
CA GLN B 146 20.84 -9.87 -0.57
C GLN B 146 21.36 -11.23 -0.16
N SER B 147 22.00 -11.28 1.02
CA SER B 147 22.45 -12.54 1.58
C SER B 147 21.31 -13.34 2.18
N ASN B 148 20.27 -12.66 2.69
CA ASN B 148 19.16 -13.34 3.33
C ASN B 148 18.29 -14.12 2.35
N LYS B 149 18.44 -13.90 1.05
CA LYS B 149 17.68 -14.62 0.04
C LYS B 149 18.30 -15.96 -0.33
N ILE B 150 19.45 -16.31 0.26
CA ILE B 150 20.15 -17.55 -0.03
C ILE B 150 19.88 -18.53 1.10
N ILE B 151 19.57 -19.78 0.75
CA ILE B 151 19.21 -20.77 1.75
C ILE B 151 20.41 -21.09 2.64
N GLU B 152 20.11 -21.59 3.84
CA GLU B 152 21.16 -21.95 4.78
C GLU B 152 22.14 -23.00 4.26
N PRO B 153 21.73 -24.08 3.59
CA PRO B 153 22.72 -25.05 3.11
C PRO B 153 23.80 -24.45 2.23
N LEU B 154 23.47 -23.43 1.45
CA LEU B 154 24.49 -22.74 0.66
C LEU B 154 25.34 -21.84 1.54
N GLN B 155 24.70 -21.10 2.46
CA GLN B 155 25.43 -20.13 3.27
C GLN B 155 26.38 -20.79 4.25
N SER B 156 26.03 -21.96 4.78
CA SER B 156 26.85 -22.60 5.81
C SER B 156 28.23 -22.96 5.29
N ARG B 157 28.36 -23.24 3.99
CA ARG B 157 29.64 -23.55 3.39
C ARG B 157 30.36 -22.33 2.83
N CYS B 158 29.75 -21.14 2.90
CA CYS B 158 30.32 -19.94 2.34
C CYS B 158 31.01 -19.12 3.43
N ALA B 159 32.09 -18.45 3.05
CA ALA B 159 32.77 -17.50 3.92
C ALA B 159 32.04 -16.17 3.77
N ILE B 160 31.27 -15.81 4.81
CA ILE B 160 30.38 -14.67 4.71
C ILE B 160 31.19 -13.37 4.70
N LEU B 161 31.06 -12.62 3.61
CA LEU B 161 31.68 -11.32 3.47
C LEU B 161 30.57 -10.29 3.33
N ARG B 162 30.34 -9.51 4.39
CA ARG B 162 29.21 -8.59 4.44
C ARG B 162 29.57 -7.30 3.71
N TYR B 163 29.40 -7.33 2.39
CA TYR B 163 29.65 -6.14 1.58
C TYR B 163 28.61 -5.08 1.90
N SER B 164 29.08 -3.84 2.11
CA SER B 164 28.23 -2.73 2.48
C SER B 164 28.58 -1.52 1.60
N LYS B 165 27.85 -0.43 1.83
CA LYS B 165 28.08 0.79 1.08
C LYS B 165 29.48 1.33 1.32
N LEU B 166 30.17 1.69 0.25
CA LEU B 166 31.52 2.21 0.38
C LEU B 166 31.52 3.63 0.93
N SER B 167 32.51 3.93 1.75
CA SER B 167 32.65 5.26 2.31
C SER B 167 33.22 6.23 1.28
N ASP B 168 33.12 7.52 1.59
CA ASP B 168 33.61 8.54 0.67
C ASP B 168 35.12 8.47 0.52
N GLU B 169 35.83 8.08 1.58
CA GLU B 169 37.29 7.97 1.48
C GLU B 169 37.68 6.89 0.47
N ASP B 170 37.00 5.74 0.50
CA ASP B 170 37.28 4.68 -0.46
C ASP B 170 36.97 5.15 -1.88
N VAL B 171 35.86 5.87 -2.06
CA VAL B 171 35.50 6.35 -3.39
C VAL B 171 36.55 7.30 -3.91
N LEU B 172 37.02 8.23 -3.06
CA LEU B 172 38.06 9.16 -3.48
C LEU B 172 39.36 8.43 -3.81
N LYS B 173 39.73 7.45 -2.98
CA LYS B 173 40.97 6.71 -3.24
C LYS B 173 40.89 5.95 -4.56
N ARG B 174 39.75 5.32 -4.84
CA ARG B 174 39.60 4.59 -6.09
C ARG B 174 39.58 5.53 -7.29
N LEU B 175 38.89 6.67 -7.17
CA LEU B 175 38.83 7.62 -8.27
C LEU B 175 40.17 8.31 -8.53
N LEU B 176 41.04 8.36 -7.52
CA LEU B 176 42.38 8.91 -7.75
C LEU B 176 43.14 8.09 -8.80
N GLN B 177 42.85 6.80 -8.90
CA GLN B 177 43.46 5.97 -9.94
C GLN B 177 43.14 6.50 -11.33
N ILE B 178 41.85 6.71 -11.61
CA ILE B 178 41.47 7.26 -12.90
C ILE B 178 41.98 8.70 -13.05
N ILE B 179 42.02 9.44 -11.95
CA ILE B 179 42.51 10.82 -12.00
C ILE B 179 43.96 10.85 -12.49
N LYS B 180 44.80 9.97 -11.97
CA LYS B 180 46.18 9.91 -12.42
C LYS B 180 46.35 9.19 -13.76
N LEU B 181 45.40 8.33 -14.14
CA LEU B 181 45.48 7.67 -15.43
C LEU B 181 44.96 8.52 -16.58
N GLU B 182 44.26 9.62 -16.29
CA GLU B 182 43.72 10.49 -17.32
C GLU B 182 44.27 11.89 -17.14
N ASP B 183 44.40 12.61 -18.26
CA ASP B 183 44.84 14.01 -18.26
C ASP B 183 43.65 14.88 -17.89
N VAL B 184 43.43 15.01 -16.58
CA VAL B 184 42.25 15.69 -16.05
C VAL B 184 42.66 17.06 -15.53
N LYS B 185 42.02 18.11 -16.05
CA LYS B 185 42.07 19.44 -15.46
C LYS B 185 40.83 19.60 -14.59
N TYR B 186 41.03 19.96 -13.32
CA TYR B 186 39.96 19.86 -12.36
C TYR B 186 40.10 20.92 -11.28
N THR B 187 39.03 21.10 -10.53
CA THR B 187 39.02 21.92 -9.32
C THR B 187 38.47 21.07 -8.18
N ASN B 188 38.76 21.50 -6.95
CA ASN B 188 38.32 20.74 -5.78
C ASN B 188 36.80 20.64 -5.71
N ASP B 189 36.09 21.70 -6.07
CA ASP B 189 34.63 21.67 -6.04
C ASP B 189 34.09 20.62 -7.00
N GLY B 190 34.74 20.43 -8.15
CA GLY B 190 34.26 19.44 -9.10
C GLY B 190 34.36 18.02 -8.54
N LEU B 191 35.50 17.69 -7.93
CA LEU B 191 35.64 16.36 -7.33
C LEU B 191 34.71 16.18 -6.15
N GLU B 192 34.52 17.23 -5.35
CA GLU B 192 33.56 17.16 -4.25
C GLU B 192 32.16 16.90 -4.78
N ALA B 193 31.79 17.56 -5.88
CA ALA B 193 30.48 17.34 -6.49
C ALA B 193 30.34 15.92 -7.00
N ILE B 194 31.40 15.40 -7.64
CA ILE B 194 31.34 14.04 -8.18
C ILE B 194 31.17 13.03 -7.05
N ILE B 195 31.90 13.21 -5.95
CA ILE B 195 31.74 12.31 -4.81
C ILE B 195 30.35 12.45 -4.21
N PHE B 196 29.84 13.68 -4.15
CA PHE B 196 28.51 13.93 -3.59
C PHE B 196 27.43 13.21 -4.39
N THR B 197 27.52 13.27 -5.72
CA THR B 197 26.48 12.68 -6.56
C THR B 197 26.42 11.17 -6.39
N ALA B 198 27.59 10.51 -6.37
CA ALA B 198 27.61 9.05 -6.32
C ALA B 198 27.11 8.53 -4.98
N GLU B 199 27.62 9.10 -3.87
CA GLU B 199 27.28 8.67 -2.52
C GLU B 199 27.60 7.19 -2.32
N GLY B 200 28.88 6.87 -2.45
CA GLY B 200 29.37 5.53 -2.23
C GLY B 200 29.22 4.57 -3.39
N ASP B 201 28.62 5.01 -4.50
CA ASP B 201 28.44 4.15 -5.66
C ASP B 201 29.65 4.32 -6.58
N MET B 202 30.47 3.28 -6.68
CA MET B 202 31.70 3.37 -7.46
C MET B 202 31.41 3.49 -8.95
N ARG B 203 30.50 2.65 -9.45
CA ARG B 203 30.18 2.67 -10.88
C ARG B 203 29.59 4.01 -11.28
N GLN B 204 28.68 4.55 -10.45
CA GLN B 204 28.10 5.85 -10.76
C GLN B 204 29.15 6.95 -10.72
N ALA B 205 30.07 6.90 -9.77
CA ALA B 205 31.13 7.90 -9.70
C ALA B 205 32.01 7.85 -10.94
N ILE B 206 32.39 6.64 -11.36
CA ILE B 206 33.24 6.50 -12.55
C ILE B 206 32.50 7.00 -13.78
N ASN B 207 31.22 6.64 -13.90
CA ASN B 207 30.44 7.08 -15.06
C ASN B 207 30.30 8.59 -15.09
N ASN B 208 30.05 9.21 -13.94
CA ASN B 208 29.93 10.66 -13.89
C ASN B 208 31.26 11.33 -14.25
N LEU B 209 32.37 10.78 -13.75
CA LEU B 209 33.68 11.34 -14.09
C LEU B 209 33.94 11.26 -15.59
N GLN B 210 33.64 10.10 -16.19
CA GLN B 210 33.84 9.95 -17.62
C GLN B 210 32.94 10.89 -18.41
N SER B 211 31.69 11.04 -17.99
CA SER B 211 30.78 11.94 -18.68
C SER B 211 31.25 13.38 -18.59
N THR B 212 31.73 13.79 -17.41
CA THR B 212 32.24 15.15 -17.27
C THR B 212 33.46 15.39 -18.16
N VAL B 213 34.39 14.42 -18.18
CA VAL B 213 35.58 14.56 -19.02
C VAL B 213 35.18 14.65 -20.49
N ALA B 214 34.25 13.80 -20.93
CA ALA B 214 33.84 13.83 -22.32
C ALA B 214 33.14 15.13 -22.68
N GLY B 215 32.22 15.59 -21.81
CA GLY B 215 31.44 16.77 -22.15
C GLY B 215 32.24 18.05 -22.11
N HIS B 216 33.09 18.22 -21.09
CA HIS B 216 33.78 19.48 -20.88
C HIS B 216 35.28 19.36 -20.65
N GLY B 217 35.77 18.20 -20.21
CA GLY B 217 37.18 18.06 -19.90
C GLY B 217 37.53 18.61 -18.54
N LEU B 218 37.30 19.90 -18.33
CA LEU B 218 37.50 20.50 -17.01
C LEU B 218 36.42 20.01 -16.04
N VAL B 219 36.81 19.81 -14.80
CA VAL B 219 35.93 19.27 -13.77
C VAL B 219 35.67 20.39 -12.76
N ASN B 220 34.56 21.10 -12.94
CA ASN B 220 34.11 22.11 -12.01
C ASN B 220 32.63 21.91 -11.76
N ALA B 221 32.17 22.40 -10.60
CA ALA B 221 30.83 22.07 -10.12
C ALA B 221 29.75 22.44 -11.13
N ASP B 222 29.90 23.59 -11.79
CA ASP B 222 28.86 24.04 -12.71
C ASP B 222 28.67 23.08 -13.86
N ASN B 223 29.76 22.71 -14.54
CA ASN B 223 29.65 21.76 -15.64
C ASN B 223 29.25 20.38 -15.14
N VAL B 224 29.75 19.98 -13.97
CA VAL B 224 29.42 18.66 -13.43
C VAL B 224 27.91 18.54 -13.22
N PHE B 225 27.30 19.55 -12.61
CA PHE B 225 25.86 19.48 -12.38
C PHE B 225 25.05 19.85 -13.60
N LYS B 226 25.65 20.48 -14.62
CA LYS B 226 24.97 20.57 -15.90
C LYS B 226 24.93 19.20 -16.58
N ILE B 227 25.92 18.35 -16.33
CA ILE B 227 25.85 16.98 -16.82
C ILE B 227 24.87 16.16 -15.98
N VAL B 228 24.97 16.26 -14.65
CA VAL B 228 24.21 15.40 -13.76
C VAL B 228 22.76 15.84 -13.71
N ASP B 229 21.85 14.86 -13.66
CA ASP B 229 20.42 15.16 -13.66
C ASP B 229 19.95 15.72 -12.33
N SER B 230 20.69 15.47 -11.24
CA SER B 230 20.22 15.85 -9.93
C SER B 230 20.20 17.37 -9.76
N PRO B 231 19.33 17.87 -8.89
CA PRO B 231 19.32 19.31 -8.62
C PRO B 231 20.63 19.77 -8.00
N HIS B 232 20.97 21.03 -8.25
CA HIS B 232 22.24 21.56 -7.75
C HIS B 232 22.19 21.66 -6.23
N PRO B 233 23.16 21.09 -5.52
CA PRO B 233 23.13 21.15 -4.05
C PRO B 233 23.16 22.55 -3.49
N LEU B 234 23.77 23.51 -4.19
CA LEU B 234 23.75 24.89 -3.71
C LEU B 234 22.33 25.44 -3.69
N ILE B 235 21.55 25.14 -4.72
CA ILE B 235 20.16 25.60 -4.76
C ILE B 235 19.35 24.97 -3.63
N VAL B 236 19.54 23.68 -3.39
CA VAL B 236 18.81 23.00 -2.33
C VAL B 236 19.24 23.55 -0.97
N LYS B 237 20.53 23.85 -0.81
CA LYS B 237 21.01 24.43 0.45
C LYS B 237 20.40 25.81 0.68
N LYS B 238 20.32 26.63 -0.38
CA LYS B 238 19.68 27.93 -0.25
C LYS B 238 18.21 27.78 0.11
N MET B 239 17.54 26.80 -0.49
CA MET B 239 16.14 26.55 -0.16
C MET B 239 15.97 26.12 1.29
N LEU B 240 16.87 25.28 1.79
CA LEU B 240 16.71 24.76 3.14
C LEU B 240 17.08 25.80 4.19
N LEU B 241 18.12 26.59 3.93
CA LEU B 241 18.67 27.50 4.92
C LEU B 241 18.05 28.90 4.86
N ALA B 242 17.09 29.13 3.96
CA ALA B 242 16.46 30.45 3.88
C ALA B 242 15.72 30.75 5.18
N SER B 243 15.94 31.95 5.71
CA SER B 243 15.35 32.35 6.98
C SER B 243 13.88 32.71 6.87
N ASN B 244 13.35 32.82 5.65
CA ASN B 244 11.96 33.21 5.43
C ASN B 244 11.28 32.14 4.59
N LEU B 245 10.11 31.69 5.02
CA LEU B 245 9.44 30.57 4.36
C LEU B 245 9.09 30.91 2.92
N GLU B 246 8.62 32.13 2.67
CA GLU B 246 8.28 32.52 1.30
C GLU B 246 9.50 32.46 0.40
N ASP B 247 10.68 32.82 0.90
CA ASP B 247 11.90 32.71 0.11
C ASP B 247 12.17 31.25 -0.25
N SER B 248 12.01 30.34 0.71
CA SER B 248 12.23 28.92 0.45
C SER B 248 11.26 28.40 -0.60
N ILE B 249 9.99 28.75 -0.47
CA ILE B 249 8.98 28.29 -1.43
C ILE B 249 9.25 28.87 -2.81
N GLN B 250 9.64 30.14 -2.86
CA GLN B 250 9.94 30.78 -4.13
C GLN B 250 11.12 30.09 -4.82
N ILE B 251 12.18 29.80 -4.05
CA ILE B 251 13.34 29.11 -4.61
C ILE B 251 12.93 27.74 -5.12
N LEU B 252 12.16 26.99 -4.33
CA LEU B 252 11.68 25.69 -4.79
C LEU B 252 10.92 25.82 -6.11
N ARG B 253 9.82 26.57 -6.08
CA ARG B 253 8.94 26.68 -7.24
C ARG B 253 9.70 27.11 -8.49
N THR B 254 10.63 28.06 -8.35
CA THR B 254 11.31 28.56 -9.54
C THR B 254 12.40 27.61 -10.01
N ASP B 255 13.32 27.24 -9.12
CA ASP B 255 14.55 26.57 -9.55
C ASP B 255 14.44 25.06 -9.64
N LEU B 256 13.53 24.42 -8.90
CA LEU B 256 13.49 22.96 -8.86
C LEU B 256 12.24 22.39 -9.50
N TRP B 257 11.07 22.87 -9.09
CA TRP B 257 9.83 22.29 -9.61
C TRP B 257 9.61 22.67 -11.07
N LYS B 258 9.84 23.95 -11.41
CA LYS B 258 9.63 24.40 -12.78
C LYS B 258 10.75 23.97 -13.72
N LYS B 259 11.86 23.49 -13.19
CA LYS B 259 12.98 23.03 -14.01
C LYS B 259 12.84 21.56 -14.41
N GLY B 260 11.72 20.92 -14.06
CA GLY B 260 11.48 19.55 -14.44
C GLY B 260 12.07 18.52 -13.50
N TYR B 261 12.70 18.92 -12.40
CA TYR B 261 13.23 17.97 -11.45
C TYR B 261 12.08 17.21 -10.78
N SER B 262 12.22 15.89 -10.68
CA SER B 262 11.21 15.09 -10.03
C SER B 262 11.24 15.31 -8.52
N SER B 263 10.11 15.03 -7.87
CA SER B 263 10.03 15.18 -6.42
C SER B 263 11.00 14.24 -5.72
N ILE B 264 11.20 13.04 -6.27
CA ILE B 264 12.12 12.07 -5.67
C ILE B 264 13.53 12.64 -5.64
N ASP B 265 13.97 13.22 -6.75
CA ASP B 265 15.30 13.82 -6.78
C ASP B 265 15.40 14.98 -5.80
N ILE B 266 14.34 15.78 -5.68
CA ILE B 266 14.37 16.92 -4.77
C ILE B 266 14.53 16.45 -3.33
N VAL B 267 13.75 15.45 -2.92
CA VAL B 267 13.84 14.99 -1.53
C VAL B 267 15.17 14.28 -1.29
N THR B 268 15.67 13.53 -2.29
CA THR B 268 16.96 12.88 -2.10
C THR B 268 18.09 13.89 -1.94
N THR B 269 18.08 14.95 -2.76
CA THR B 269 19.10 15.98 -2.63
C THR B 269 18.96 16.74 -1.32
N SER B 270 17.72 16.98 -0.87
CA SER B 270 17.51 17.62 0.42
C SER B 270 18.06 16.77 1.54
N PHE B 271 17.82 15.46 1.49
CA PHE B 271 18.36 14.54 2.50
C PHE B 271 19.88 14.55 2.49
N ARG B 272 20.48 14.53 1.29
CA ARG B 272 21.93 14.54 1.20
C ARG B 272 22.53 15.83 1.75
N VAL B 273 21.93 16.97 1.41
CA VAL B 273 22.48 18.26 1.81
C VAL B 273 22.34 18.46 3.32
N THR B 274 21.18 18.08 3.88
CA THR B 274 20.95 18.27 5.31
C THR B 274 21.94 17.49 6.16
N LYS B 275 22.38 16.32 5.67
CA LYS B 275 23.34 15.52 6.43
C LYS B 275 24.67 16.28 6.60
N ASN B 276 25.04 17.09 5.61
CA ASN B 276 26.34 17.74 5.58
C ASN B 276 26.30 19.20 5.99
N LEU B 277 25.20 19.66 6.58
CA LEU B 277 25.07 21.06 7.02
C LEU B 277 25.77 21.21 8.36
N ALA B 278 27.09 21.32 8.32
CA ALA B 278 27.88 21.39 9.54
C ALA B 278 27.60 22.66 10.35
N GLN B 279 27.09 23.71 9.70
CA GLN B 279 26.80 24.96 10.40
C GLN B 279 25.55 24.87 11.27
N VAL B 280 24.77 23.82 11.14
CA VAL B 280 23.52 23.66 11.88
C VAL B 280 23.74 22.61 12.96
N LYS B 281 23.11 22.81 14.12
CA LYS B 281 23.21 21.86 15.20
C LYS B 281 22.66 20.50 14.78
N GLU B 282 23.29 19.44 15.29
CA GLU B 282 22.96 18.10 14.81
C GLU B 282 21.53 17.70 15.16
N SER B 283 21.00 18.19 16.28
CA SER B 283 19.60 17.89 16.61
C SER B 283 18.65 18.49 15.60
N VAL B 284 18.91 19.73 15.18
CA VAL B 284 18.09 20.36 14.15
C VAL B 284 18.22 19.61 12.84
N ARG B 285 19.44 19.15 12.52
CA ARG B 285 19.63 18.36 11.31
C ARG B 285 18.84 17.06 11.37
N LEU B 286 18.80 16.42 12.53
CA LEU B 286 18.04 15.18 12.69
C LEU B 286 16.54 15.44 12.52
N GLU B 287 16.05 16.54 13.09
CA GLU B 287 14.64 16.90 12.89
C GLU B 287 14.32 17.13 11.41
N MET B 288 15.20 17.87 10.72
CA MET B 288 15.00 18.13 9.30
C MET B 288 15.03 16.84 8.50
N ILE B 289 15.95 15.94 8.84
CA ILE B 289 16.05 14.66 8.16
C ILE B 289 14.80 13.83 8.39
N LYS B 290 14.24 13.89 9.60
CA LYS B 290 12.99 13.19 9.88
C LYS B 290 11.87 13.70 8.99
N GLU B 291 11.75 15.03 8.87
CA GLU B 291 10.70 15.58 8.02
C GLU B 291 10.92 15.21 6.55
N ILE B 292 12.16 15.29 6.08
CA ILE B 292 12.46 14.95 4.70
C ILE B 292 12.15 13.48 4.43
N GLY B 293 12.47 12.60 5.38
CA GLY B 293 12.15 11.19 5.21
C GLY B 293 10.66 10.92 5.23
N LEU B 294 9.91 11.66 6.05
CA LEU B 294 8.47 11.51 6.05
C LEU B 294 7.89 11.87 4.69
N THR B 295 8.35 12.99 4.12
CA THR B 295 7.85 13.37 2.80
C THR B 295 8.34 12.42 1.72
N HIS B 296 9.54 11.85 1.89
CA HIS B 296 10.03 10.84 0.96
C HIS B 296 9.13 9.60 0.97
N MET B 297 8.73 9.16 2.17
CA MET B 297 7.81 8.04 2.27
C MET B 297 6.47 8.35 1.64
N ARG B 298 5.98 9.58 1.85
CA ARG B 298 4.72 9.97 1.22
C ARG B 298 4.84 9.96 -0.30
N ILE B 299 5.97 10.43 -0.83
CA ILE B 299 6.17 10.45 -2.27
C ILE B 299 6.24 9.03 -2.83
N LEU B 300 6.97 8.14 -2.15
CA LEU B 300 7.11 6.77 -2.63
C LEU B 300 5.81 5.99 -2.57
N GLU B 301 4.83 6.48 -1.82
CA GLU B 301 3.51 5.85 -1.78
C GLU B 301 2.59 6.34 -2.88
N GLY B 302 3.07 7.23 -3.75
CA GLY B 302 2.32 7.65 -4.91
C GLY B 302 1.74 9.04 -4.88
N VAL B 303 2.04 9.84 -3.85
CA VAL B 303 1.52 11.21 -3.81
C VAL B 303 2.42 12.09 -4.67
N GLY B 304 3.67 12.28 -4.24
CA GLY B 304 4.68 12.95 -5.05
C GLY B 304 4.28 14.27 -5.68
N THR B 305 3.56 15.11 -4.96
CA THR B 305 3.11 16.38 -5.50
C THR B 305 4.02 17.52 -5.06
N TYR B 306 3.71 18.72 -5.56
CA TYR B 306 4.42 19.92 -5.12
C TYR B 306 4.00 20.32 -3.71
N LEU B 307 2.76 20.01 -3.33
CA LEU B 307 2.28 20.36 -1.99
C LEU B 307 3.07 19.63 -0.91
N GLN B 308 3.46 18.38 -1.16
CA GLN B 308 4.27 17.65 -0.19
C GLN B 308 5.61 18.33 0.02
N LEU B 309 6.25 18.78 -1.06
CA LEU B 309 7.52 19.49 -0.93
C LEU B 309 7.34 20.81 -0.19
N ALA B 310 6.26 21.53 -0.49
CA ALA B 310 5.99 22.78 0.21
C ALA B 310 5.80 22.55 1.71
N SER B 311 5.08 21.49 2.06
CA SER B 311 4.89 21.16 3.47
C SER B 311 6.19 20.75 4.13
N MET B 312 7.04 20.03 3.40
CA MET B 312 8.37 19.69 3.93
C MET B 312 9.16 20.95 4.24
N LEU B 313 9.13 21.91 3.33
CA LEU B 313 9.83 23.18 3.57
C LEU B 313 9.22 23.92 4.75
N ALA B 314 7.90 23.91 4.87
CA ALA B 314 7.25 24.59 5.97
C ALA B 314 7.66 23.98 7.31
N LYS B 315 7.69 22.66 7.40
CA LYS B 315 8.10 22.00 8.64
C LYS B 315 9.57 22.26 8.95
N ILE B 316 10.42 22.24 7.93
CA ILE B 316 11.84 22.52 8.15
C ILE B 316 12.03 23.95 8.65
N HIS B 317 11.30 24.90 8.05
CA HIS B 317 11.37 26.28 8.50
C HIS B 317 10.87 26.43 9.94
N LYS B 318 9.80 25.72 10.28
CA LYS B 318 9.31 25.75 11.66
C LYS B 318 10.35 25.22 12.63
N LEU B 319 11.05 24.15 12.25
CA LEU B 319 12.11 23.61 13.10
C LEU B 319 13.25 24.61 13.25
N ASN B 320 13.68 25.22 12.14
CA ASN B 320 14.84 26.11 12.18
C ASN B 320 14.58 27.34 13.04
N ASN B 321 13.40 27.93 12.91
CA ASN B 321 13.06 29.15 13.64
C ASN B 321 12.48 28.86 15.02
N LYS B 322 12.34 27.60 15.40
CA LYS B 322 11.82 27.20 16.71
C LYS B 322 10.41 27.74 16.96
N LEU C 13 -3.70 13.14 -40.22
CA LEU C 13 -2.49 12.94 -39.43
C LEU C 13 -2.45 13.88 -38.23
N PRO C 14 -1.92 13.39 -37.11
CA PRO C 14 -1.79 14.25 -35.92
C PRO C 14 -0.90 15.46 -36.21
N TRP C 15 -1.26 16.59 -35.58
CA TRP C 15 -0.49 17.81 -35.76
C TRP C 15 0.93 17.69 -35.22
N VAL C 16 1.17 16.72 -34.32
CA VAL C 16 2.52 16.46 -33.87
C VAL C 16 3.40 16.01 -35.03
N GLU C 17 2.88 15.11 -35.86
CA GLU C 17 3.64 14.64 -37.01
C GLU C 17 3.65 15.68 -38.13
N LYS C 18 2.55 16.40 -38.30
CA LYS C 18 2.44 17.34 -39.41
C LYS C 18 3.44 18.48 -39.29
N TYR C 19 3.61 19.03 -38.10
CA TYR C 19 4.50 20.17 -37.89
C TYR C 19 5.85 19.78 -37.32
N ARG C 20 6.19 18.49 -37.35
CA ARG C 20 7.53 18.07 -37.00
C ARG C 20 8.51 18.61 -38.02
N PRO C 21 9.54 19.36 -37.62
CA PRO C 21 10.40 20.02 -38.61
C PRO C 21 11.18 19.00 -39.45
N GLU C 22 11.42 19.38 -40.70
CA GLU C 22 12.12 18.54 -41.65
C GLU C 22 13.63 18.81 -41.68
N THR C 23 14.11 19.80 -40.94
CA THR C 23 15.52 20.15 -40.96
C THR C 23 15.90 20.78 -39.63
N LEU C 24 17.19 20.77 -39.33
CA LEU C 24 17.69 21.34 -38.08
C LEU C 24 17.56 22.85 -38.04
N ASP C 25 17.31 23.51 -39.17
CA ASP C 25 17.14 24.96 -39.19
C ASP C 25 15.90 25.40 -38.42
N GLU C 26 14.89 24.54 -38.30
CA GLU C 26 13.63 24.89 -37.67
C GLU C 26 13.58 24.53 -36.20
N VAL C 27 14.66 24.00 -35.63
CA VAL C 27 14.71 23.64 -34.21
C VAL C 27 15.13 24.86 -33.42
N TYR C 28 14.57 25.01 -32.22
CA TYR C 28 14.82 26.15 -31.37
C TYR C 28 15.19 25.68 -29.96
N GLY C 29 15.52 26.63 -29.11
CA GLY C 29 15.73 26.37 -27.70
C GLY C 29 17.05 25.72 -27.33
N GLN C 30 17.24 24.47 -27.74
CA GLN C 30 18.42 23.71 -27.35
C GLN C 30 19.61 24.07 -28.24
N ASN C 31 20.17 25.26 -28.03
CA ASN C 31 21.23 25.75 -28.90
C ASN C 31 22.46 24.84 -28.84
N GLU C 32 22.86 24.42 -27.64
CA GLU C 32 24.04 23.58 -27.51
C GLU C 32 23.81 22.22 -28.17
N VAL C 33 22.64 21.62 -27.94
CA VAL C 33 22.36 20.32 -28.54
C VAL C 33 22.24 20.43 -30.05
N ILE C 34 21.65 21.53 -30.53
CA ILE C 34 21.56 21.76 -31.97
C ILE C 34 22.95 21.88 -32.58
N THR C 35 23.84 22.64 -31.92
CA THR C 35 25.20 22.80 -32.43
C THR C 35 25.94 21.48 -32.45
N THR C 36 25.83 20.69 -31.37
CA THR C 36 26.53 19.41 -31.33
C THR C 36 25.99 18.43 -32.37
N VAL C 37 24.66 18.38 -32.52
CA VAL C 37 24.06 17.50 -33.51
C VAL C 37 24.43 17.95 -34.92
N ARG C 38 24.40 19.27 -35.17
CA ARG C 38 24.75 19.79 -36.48
C ARG C 38 26.18 19.45 -36.85
N LYS C 39 27.08 19.38 -35.87
CA LYS C 39 28.45 18.96 -36.14
C LYS C 39 28.48 17.52 -36.64
N PHE C 40 27.66 16.65 -36.04
CA PHE C 40 27.59 15.26 -36.49
C PHE C 40 27.06 15.16 -37.91
N VAL C 41 26.02 15.95 -38.23
CA VAL C 41 25.44 15.91 -39.57
C VAL C 41 26.41 16.47 -40.59
N ASP C 42 27.11 17.55 -40.25
CA ASP C 42 28.06 18.16 -41.17
C ASP C 42 29.19 17.19 -41.50
N GLU C 43 29.70 16.48 -40.50
CA GLU C 43 30.76 15.49 -40.73
C GLU C 43 30.23 14.17 -41.26
N GLY C 44 28.91 13.98 -41.27
CA GLY C 44 28.34 12.72 -41.70
C GLY C 44 28.45 11.59 -40.71
N LYS C 45 28.91 11.86 -39.50
CA LYS C 45 29.09 10.84 -38.49
C LYS C 45 27.80 10.60 -37.73
N LEU C 46 27.73 9.43 -37.07
CA LEU C 46 26.55 9.05 -36.29
C LEU C 46 26.98 8.13 -35.18
N PRO C 47 27.36 8.68 -34.02
CA PRO C 47 27.71 7.83 -32.88
C PRO C 47 26.48 7.43 -32.08
N HIS C 48 26.68 6.61 -31.05
CA HIS C 48 25.58 6.28 -30.15
C HIS C 48 25.12 7.52 -29.40
N LEU C 49 23.81 7.71 -29.31
CA LEU C 49 23.24 8.92 -28.75
C LEU C 49 22.21 8.57 -27.67
N LEU C 50 22.16 9.40 -26.63
CA LEU C 50 21.17 9.29 -25.57
C LEU C 50 20.50 10.66 -25.40
N PHE C 51 19.25 10.75 -25.81
CA PHE C 51 18.45 11.96 -25.61
C PHE C 51 17.46 11.72 -24.49
N TYR C 52 17.42 12.62 -23.52
CA TYR C 52 16.57 12.46 -22.35
C TYR C 52 16.17 13.82 -21.82
N GLY C 53 15.08 13.85 -21.07
CA GLY C 53 14.57 15.08 -20.51
C GLY C 53 13.06 15.09 -20.45
N PRO C 54 12.47 16.27 -20.21
CA PRO C 54 11.02 16.36 -20.16
C PRO C 54 10.42 16.06 -21.53
N PRO C 55 9.20 15.52 -21.57
CA PRO C 55 8.55 15.28 -22.85
C PRO C 55 8.26 16.57 -23.59
N GLY C 56 8.28 16.49 -24.91
CA GLY C 56 7.97 17.62 -25.75
C GLY C 56 9.09 18.60 -26.01
N THR C 57 10.31 18.27 -25.58
CA THR C 57 11.44 19.17 -25.83
C THR C 57 11.89 19.13 -27.28
N GLY C 58 11.65 18.04 -27.99
CA GLY C 58 12.02 17.95 -29.38
C GLY C 58 13.06 16.89 -29.67
N LYS C 59 13.09 15.84 -28.84
CA LYS C 59 14.07 14.77 -29.01
C LYS C 59 13.84 14.02 -30.33
N THR C 60 12.65 13.43 -30.48
CA THR C 60 12.33 12.74 -31.72
C THR C 60 12.38 13.69 -32.91
N SER C 61 11.95 14.93 -32.70
CA SER C 61 12.01 15.92 -33.77
C SER C 61 13.45 16.13 -34.24
N THR C 62 14.38 16.33 -33.30
CA THR C 62 15.78 16.53 -33.66
C THR C 62 16.35 15.29 -34.35
N ILE C 63 16.04 14.10 -33.84
CA ILE C 63 16.64 12.90 -34.42
C ILE C 63 16.11 12.66 -35.83
N VAL C 64 14.81 12.87 -36.06
CA VAL C 64 14.28 12.68 -37.41
C VAL C 64 14.80 13.76 -38.34
N ALA C 65 14.99 14.98 -37.83
CA ALA C 65 15.55 16.04 -38.66
C ALA C 65 16.96 15.67 -39.11
N LEU C 66 17.79 15.18 -38.18
CA LEU C 66 19.16 14.82 -38.55
C LEU C 66 19.18 13.60 -39.46
N ALA C 67 18.29 12.63 -39.23
CA ALA C 67 18.23 11.46 -40.09
C ALA C 67 17.81 11.83 -41.51
N ARG C 68 16.84 12.72 -41.65
CA ARG C 68 16.39 13.13 -42.97
C ARG C 68 17.41 14.05 -43.64
N GLU C 69 18.21 14.76 -42.85
CA GLU C 69 19.28 15.57 -43.43
C GLU C 69 20.43 14.69 -43.91
N ILE C 70 20.70 13.59 -43.21
CA ILE C 70 21.82 12.72 -43.59
C ILE C 70 21.41 11.79 -44.72
N TYR C 71 20.43 10.93 -44.49
CA TYR C 71 20.04 9.94 -45.48
C TYR C 71 19.34 10.57 -46.69
N GLY C 72 18.37 11.45 -46.43
CA GLY C 72 17.70 12.14 -47.53
C GLY C 72 16.45 11.42 -47.96
N LYS C 73 16.31 11.23 -49.27
CA LYS C 73 15.11 10.66 -49.87
C LYS C 73 14.89 9.19 -49.49
N ASN C 74 15.92 8.50 -49.02
CA ASN C 74 15.82 7.08 -48.66
C ASN C 74 15.64 6.89 -47.16
N TYR C 75 14.94 7.81 -46.51
CA TYR C 75 14.79 7.77 -45.05
C TYR C 75 14.12 6.48 -44.60
N SER C 76 13.10 6.03 -45.34
CA SER C 76 12.39 4.82 -44.95
C SER C 76 13.30 3.59 -44.97
N ASN C 77 14.25 3.54 -45.90
CA ASN C 77 15.10 2.36 -46.04
C ASN C 77 16.26 2.35 -45.06
N MET C 78 16.44 3.43 -44.27
CA MET C 78 17.60 3.55 -43.40
C MET C 78 17.28 3.44 -41.92
N VAL C 79 16.07 3.80 -41.49
CA VAL C 79 15.76 3.92 -40.07
C VAL C 79 14.52 3.11 -39.74
N LEU C 80 14.35 2.82 -38.45
CA LEU C 80 13.17 2.15 -37.94
C LEU C 80 12.86 2.70 -36.55
N GLU C 81 11.61 3.07 -36.32
CA GLU C 81 11.18 3.67 -35.07
C GLU C 81 10.41 2.65 -34.23
N LEU C 82 10.73 2.60 -32.94
CA LEU C 82 10.15 1.61 -32.03
C LEU C 82 9.68 2.31 -30.76
N ASN C 83 8.72 1.67 -30.10
CA ASN C 83 8.22 2.13 -28.81
C ASN C 83 8.35 0.99 -27.81
N ALA C 84 8.93 1.28 -26.63
CA ALA C 84 9.12 0.26 -25.61
C ALA C 84 7.82 -0.13 -24.92
N SER C 85 6.74 0.62 -25.14
CA SER C 85 5.45 0.32 -24.52
C SER C 85 4.51 -0.43 -25.46
N ASP C 86 5.01 -0.91 -26.59
CA ASP C 86 4.17 -1.61 -27.54
C ASP C 86 3.79 -2.98 -27.01
N ASP C 87 2.78 -3.59 -27.64
CA ASP C 87 2.28 -4.88 -27.21
C ASP C 87 3.31 -6.00 -27.37
N ARG C 88 4.35 -5.79 -28.17
CA ARG C 88 5.34 -6.82 -28.43
C ARG C 88 6.32 -7.02 -27.27
N GLY C 89 6.27 -6.16 -26.25
CA GLY C 89 7.12 -6.37 -25.09
C GLY C 89 8.58 -6.09 -25.39
N ILE C 90 9.45 -7.03 -25.01
CA ILE C 90 10.89 -6.86 -25.13
C ILE C 90 11.50 -7.89 -26.08
N ASP C 91 11.12 -9.16 -25.95
CA ASP C 91 11.69 -10.19 -26.82
C ASP C 91 11.30 -9.96 -28.28
N VAL C 92 10.04 -9.64 -28.55
CA VAL C 92 9.59 -9.47 -29.93
C VAL C 92 10.20 -8.21 -30.54
N VAL C 93 10.30 -7.13 -29.76
CA VAL C 93 10.93 -5.93 -30.30
C VAL C 93 12.42 -6.15 -30.52
N ARG C 94 13.07 -6.98 -29.69
CA ARG C 94 14.45 -7.34 -29.95
C ARG C 94 14.58 -8.16 -31.23
N ASN C 95 13.63 -9.05 -31.48
CA ASN C 95 13.62 -9.78 -32.74
C ASN C 95 13.43 -8.83 -33.92
N GLN C 96 12.58 -7.82 -33.77
CA GLN C 96 12.43 -6.81 -34.81
C GLN C 96 13.73 -6.04 -35.04
N ILE C 97 14.43 -5.73 -33.95
CA ILE C 97 15.72 -5.05 -34.05
C ILE C 97 16.70 -5.91 -34.84
N LYS C 98 16.74 -7.20 -34.53
CA LYS C 98 17.63 -8.12 -35.25
C LYS C 98 17.25 -8.20 -36.73
N ASP C 99 15.95 -8.27 -37.02
CA ASP C 99 15.49 -8.32 -38.40
C ASP C 99 15.87 -7.06 -39.16
N PHE C 100 15.73 -5.89 -38.55
CA PHE C 100 16.15 -4.65 -39.20
C PHE C 100 17.65 -4.58 -39.38
N ALA C 101 18.42 -5.08 -38.41
CA ALA C 101 19.87 -5.10 -38.54
C ALA C 101 20.33 -6.10 -39.61
N SER C 102 19.53 -7.11 -39.90
CA SER C 102 19.85 -8.09 -40.94
C SER C 102 19.34 -7.69 -42.31
N THR C 103 18.72 -6.51 -42.43
CA THR C 103 18.22 -6.04 -43.73
C THR C 103 19.39 -5.77 -44.67
N ARG C 104 19.26 -6.23 -45.91
CA ARG C 104 20.29 -6.05 -46.93
C ARG C 104 19.79 -5.10 -48.00
N GLN C 105 20.62 -4.13 -48.37
CA GLN C 105 20.28 -3.14 -49.38
C GLN C 105 21.39 -3.07 -50.43
N ILE C 106 21.02 -2.64 -51.63
CA ILE C 106 22.00 -2.52 -52.70
C ILE C 106 23.05 -1.47 -52.34
N PHE C 107 22.60 -0.32 -51.84
CA PHE C 107 23.49 0.73 -51.39
C PHE C 107 23.01 1.24 -50.04
N SER C 108 23.95 1.61 -49.18
CA SER C 108 23.63 2.08 -47.84
C SER C 108 24.75 2.98 -47.36
N LYS C 109 24.45 3.75 -46.31
CA LYS C 109 25.42 4.67 -45.74
C LYS C 109 26.26 3.92 -44.70
N GLY C 110 27.03 4.66 -43.91
CA GLY C 110 27.98 4.03 -43.00
C GLY C 110 27.31 3.14 -41.97
N PHE C 111 26.23 3.61 -41.38
CA PHE C 111 25.55 2.88 -40.31
C PHE C 111 24.04 3.01 -40.45
N LYS C 112 23.32 2.09 -39.82
CA LYS C 112 21.88 2.18 -39.70
C LYS C 112 21.52 3.02 -38.48
N LEU C 113 20.22 3.23 -38.30
CA LEU C 113 19.71 3.96 -37.14
C LEU C 113 18.41 3.32 -36.66
N ILE C 114 18.34 3.05 -35.36
CA ILE C 114 17.15 2.49 -34.72
C ILE C 114 16.75 3.41 -33.58
N ILE C 115 15.47 3.78 -33.54
CA ILE C 115 14.95 4.68 -32.53
C ILE C 115 14.23 3.85 -31.47
N LEU C 116 14.66 3.99 -30.22
CA LEU C 116 14.01 3.34 -29.08
C LEU C 116 13.45 4.42 -28.18
N ASP C 117 12.13 4.46 -28.05
CA ASP C 117 11.46 5.48 -27.25
C ASP C 117 10.98 4.88 -25.92
N GLU C 118 10.98 5.72 -24.89
CA GLU C 118 10.50 5.34 -23.55
C GLU C 118 11.27 4.15 -22.99
N ALA C 119 12.61 4.24 -23.11
CA ALA C 119 13.46 3.16 -22.62
C ALA C 119 13.40 3.06 -21.10
N ASP C 120 13.20 4.18 -20.42
CA ASP C 120 13.14 4.19 -18.96
C ASP C 120 11.91 3.47 -18.41
N ALA C 121 10.92 3.17 -19.27
CA ALA C 121 9.71 2.48 -18.85
C ALA C 121 9.83 0.97 -18.97
N MET C 122 11.04 0.42 -18.89
CA MET C 122 11.28 -1.00 -19.00
C MET C 122 12.06 -1.49 -17.79
N THR C 123 11.94 -2.78 -17.50
CA THR C 123 12.60 -3.38 -16.35
C THR C 123 14.10 -3.43 -16.58
N ASN C 124 14.84 -3.66 -15.48
CA ASN C 124 16.29 -3.74 -15.56
C ASN C 124 16.73 -4.89 -16.46
N ALA C 125 15.95 -5.97 -16.52
CA ALA C 125 16.28 -7.07 -17.43
C ALA C 125 16.22 -6.62 -18.89
N ALA C 126 15.21 -5.82 -19.24
CA ALA C 126 15.14 -5.28 -20.59
C ALA C 126 16.32 -4.36 -20.86
N GLN C 127 16.76 -3.61 -19.84
CA GLN C 127 17.93 -2.76 -19.99
C GLN C 127 19.18 -3.59 -20.22
N ASN C 128 19.30 -4.73 -19.54
CA ASN C 128 20.41 -5.65 -19.79
C ASN C 128 20.38 -6.19 -21.20
N ALA C 129 19.18 -6.56 -21.69
CA ALA C 129 19.07 -7.03 -23.07
C ALA C 129 19.48 -5.95 -24.06
N LEU C 130 19.05 -4.71 -23.82
CA LEU C 130 19.46 -3.60 -24.68
C LEU C 130 20.96 -3.37 -24.60
N ARG C 131 21.54 -3.51 -23.40
CA ARG C 131 22.99 -3.39 -23.24
C ARG C 131 23.71 -4.42 -24.09
N ARG C 132 23.26 -5.68 -24.03
CA ARG C 132 23.90 -6.75 -24.80
C ARG C 132 23.64 -6.63 -26.30
N VAL C 133 22.59 -5.92 -26.69
CA VAL C 133 22.32 -5.74 -28.12
C VAL C 133 23.06 -4.54 -28.70
N ILE C 134 23.34 -3.51 -27.88
CA ILE C 134 23.86 -2.26 -28.40
C ILE C 134 25.21 -2.47 -29.08
N GLU C 135 26.13 -3.16 -28.41
CA GLU C 135 27.44 -3.38 -29.02
C GLU C 135 27.45 -4.55 -29.98
N ARG C 136 26.36 -5.33 -30.05
CA ARG C 136 26.31 -6.47 -30.96
C ARG C 136 26.32 -6.01 -32.41
N TYR C 137 25.60 -4.92 -32.72
CA TYR C 137 25.42 -4.48 -34.09
C TYR C 137 26.12 -3.15 -34.37
N THR C 138 27.17 -2.83 -33.61
CA THR C 138 27.86 -1.55 -33.80
C THR C 138 28.50 -1.45 -35.18
N LYS C 139 28.87 -2.59 -35.78
CA LYS C 139 29.59 -2.56 -37.04
C LYS C 139 28.75 -1.99 -38.19
N ASN C 140 27.43 -2.19 -38.15
CA ASN C 140 26.56 -1.76 -39.23
C ASN C 140 25.32 -1.01 -38.78
N THR C 141 25.11 -0.82 -37.48
CA THR C 141 23.93 -0.16 -36.96
C THR C 141 24.30 0.69 -35.75
N ARG C 142 23.62 1.82 -35.59
CA ARG C 142 23.80 2.69 -34.44
C ARG C 142 22.50 2.79 -33.66
N PHE C 143 22.61 2.83 -32.34
CA PHE C 143 21.46 2.83 -31.45
C PHE C 143 21.33 4.17 -30.76
N CYS C 144 20.10 4.67 -30.66
CA CYS C 144 19.78 5.83 -29.85
C CYS C 144 18.69 5.45 -28.87
N VAL C 145 18.86 5.85 -27.61
CA VAL C 145 17.93 5.53 -26.53
C VAL C 145 17.27 6.82 -26.07
N LEU C 146 15.94 6.81 -26.00
CA LEU C 146 15.15 7.96 -25.59
C LEU C 146 14.44 7.63 -24.28
N ALA C 147 14.51 8.55 -23.33
CA ALA C 147 13.87 8.38 -22.03
C ALA C 147 13.59 9.75 -21.44
N ASN C 148 12.98 9.75 -20.26
CA ASN C 148 12.71 11.01 -19.56
C ASN C 148 13.87 11.43 -18.66
N TYR C 149 14.59 10.47 -18.08
CA TYR C 149 15.74 10.74 -17.24
C TYR C 149 16.85 9.76 -17.56
N ALA C 150 18.10 10.23 -17.43
CA ALA C 150 19.26 9.39 -17.71
C ALA C 150 19.76 8.69 -16.45
N HIS C 151 19.84 9.43 -15.34
CA HIS C 151 20.27 8.83 -14.08
C HIS C 151 19.32 7.75 -13.59
N LYS C 152 18.04 7.81 -13.98
CA LYS C 152 17.09 6.78 -13.59
C LYS C 152 17.44 5.43 -14.21
N LEU C 153 18.10 5.44 -15.36
CA LEU C 153 18.54 4.21 -16.01
C LEU C 153 19.67 3.56 -15.22
N THR C 154 19.91 2.29 -15.51
CA THR C 154 21.05 1.60 -14.90
C THR C 154 22.35 2.23 -15.41
N PRO C 155 23.37 2.34 -14.55
CA PRO C 155 24.59 3.07 -14.96
C PRO C 155 25.26 2.50 -16.21
N ALA C 156 25.33 1.18 -16.35
CA ALA C 156 26.04 0.61 -17.49
C ALA C 156 25.35 0.94 -18.81
N LEU C 157 24.02 0.99 -18.79
CA LEU C 157 23.30 1.44 -19.98
C LEU C 157 23.54 2.91 -20.26
N LEU C 158 23.76 3.70 -19.22
CA LEU C 158 24.04 5.13 -19.38
C LEU C 158 25.35 5.35 -20.15
N SER C 159 26.36 4.54 -19.89
CA SER C 159 27.69 4.75 -20.47
C SER C 159 27.78 4.33 -21.93
N ARG C 160 26.83 3.55 -22.45
CA ARG C 160 26.91 3.09 -23.83
C ARG C 160 26.64 4.19 -24.84
N CYS C 161 25.94 5.25 -24.44
CA CYS C 161 25.54 6.30 -25.36
C CYS C 161 25.99 7.67 -24.84
N THR C 162 26.21 8.60 -25.77
CA THR C 162 26.62 9.94 -25.42
C THR C 162 25.50 10.68 -24.72
N ARG C 163 25.85 11.43 -23.68
CA ARG C 163 24.86 12.14 -22.87
C ARG C 163 24.44 13.44 -23.55
N PHE C 164 23.14 13.70 -23.58
CA PHE C 164 22.60 14.93 -24.15
C PHE C 164 21.31 15.25 -23.39
N ARG C 165 21.41 16.15 -22.42
CA ARG C 165 20.25 16.50 -21.60
C ARG C 165 19.42 17.56 -22.28
N PHE C 166 18.10 17.37 -22.27
CA PHE C 166 17.17 18.32 -22.84
C PHE C 166 16.45 19.09 -21.73
N GLN C 167 16.33 20.40 -21.91
CA GLN C 167 15.71 21.27 -20.92
C GLN C 167 14.42 21.87 -21.48
N PRO C 168 13.45 22.19 -20.64
CA PRO C 168 12.17 22.71 -21.14
C PRO C 168 12.37 23.98 -21.96
N LEU C 169 11.57 24.10 -23.01
CA LEU C 169 11.71 25.21 -23.94
C LEU C 169 11.32 26.53 -23.27
N PRO C 170 11.94 27.63 -23.68
CA PRO C 170 11.52 28.94 -23.18
C PRO C 170 10.13 29.29 -23.67
N GLN C 171 9.44 30.12 -22.87
CA GLN C 171 8.06 30.48 -23.21
C GLN C 171 7.97 31.24 -24.52
N GLU C 172 8.99 32.04 -24.84
CA GLU C 172 8.94 32.82 -26.08
C GLU C 172 8.95 31.91 -27.31
N ALA C 173 9.79 30.87 -27.30
CA ALA C 173 9.82 29.93 -28.40
C ALA C 173 8.50 29.17 -28.51
N ILE C 174 7.92 28.79 -27.38
CA ILE C 174 6.63 28.11 -27.39
C ILE C 174 5.56 29.03 -28.00
N GLU C 175 5.57 30.31 -27.63
CA GLU C 175 4.62 31.25 -28.19
C GLU C 175 4.81 31.41 -29.69
N ARG C 176 6.07 31.47 -30.14
CA ARG C 176 6.33 31.56 -31.58
C ARG C 176 5.79 30.34 -32.32
N ARG C 177 6.04 29.15 -31.77
CA ARG C 177 5.54 27.93 -32.42
C ARG C 177 4.02 27.90 -32.43
N ILE C 178 3.39 28.33 -31.33
CA ILE C 178 1.94 28.36 -31.28
C ILE C 178 1.39 29.32 -32.32
N ALA C 179 2.01 30.49 -32.46
CA ALA C 179 1.56 31.45 -33.48
C ALA C 179 1.73 30.87 -34.88
N ASN C 180 2.84 30.17 -35.13
CA ASN C 180 3.05 29.54 -36.43
C ASN C 180 1.96 28.50 -36.72
N VAL C 181 1.64 27.67 -35.72
CA VAL C 181 0.60 26.67 -35.90
C VAL C 181 -0.75 27.34 -36.16
N LEU C 182 -1.03 28.43 -35.43
CA LEU C 182 -2.30 29.13 -35.61
C LEU C 182 -2.43 29.70 -37.01
N VAL C 183 -1.36 30.34 -37.51
CA VAL C 183 -1.45 30.94 -38.83
C VAL C 183 -1.49 29.87 -39.91
N HIS C 184 -0.85 28.72 -39.67
CA HIS C 184 -0.90 27.65 -40.67
C HIS C 184 -2.27 26.98 -40.71
N GLU C 185 -2.90 26.79 -39.55
CA GLU C 185 -4.18 26.10 -39.47
C GLU C 185 -5.38 27.04 -39.52
N LYS C 186 -5.14 28.35 -39.69
CA LYS C 186 -6.22 29.34 -39.74
C LYS C 186 -7.07 29.29 -38.48
N LEU C 187 -6.42 29.08 -37.33
CA LEU C 187 -7.11 29.01 -36.06
C LEU C 187 -7.12 30.36 -35.38
N LYS C 188 -8.22 30.66 -34.70
CA LYS C 188 -8.37 31.88 -33.92
C LYS C 188 -8.29 31.50 -32.44
N LEU C 189 -7.31 32.06 -31.75
CA LEU C 189 -7.07 31.74 -30.34
C LEU C 189 -7.06 33.02 -29.53
N SER C 190 -7.89 33.06 -28.48
CA SER C 190 -7.87 34.20 -27.58
C SER C 190 -6.58 34.22 -26.77
N PRO C 191 -6.08 35.41 -26.43
CA PRO C 191 -4.85 35.48 -25.62
C PRO C 191 -4.98 34.76 -24.29
N ASN C 192 -6.15 34.85 -23.64
CA ASN C 192 -6.37 34.12 -22.40
C ASN C 192 -6.28 32.62 -22.64
N ALA C 193 -6.84 32.15 -23.75
CA ALA C 193 -6.71 30.74 -24.10
C ALA C 193 -5.24 30.36 -24.31
N GLU C 194 -4.46 31.27 -24.90
CA GLU C 194 -3.04 30.99 -25.10
C GLU C 194 -2.32 30.86 -23.77
N LYS C 195 -2.58 31.77 -22.84
CA LYS C 195 -1.96 31.66 -21.51
C LYS C 195 -2.39 30.38 -20.80
N ALA C 196 -3.67 30.04 -20.89
CA ALA C 196 -4.15 28.82 -20.25
C ALA C 196 -3.48 27.58 -20.84
N LEU C 197 -3.37 27.53 -22.17
CA LEU C 197 -2.73 26.38 -22.81
C LEU C 197 -1.25 26.29 -22.43
N ILE C 198 -0.55 27.41 -22.43
CA ILE C 198 0.86 27.40 -22.06
C ILE C 198 1.03 26.94 -20.61
N GLU C 199 0.20 27.44 -19.71
CA GLU C 199 0.30 27.04 -18.31
C GLU C 199 -0.02 25.56 -18.12
N LEU C 200 -1.05 25.07 -18.79
CA LEU C 200 -1.44 23.67 -18.63
C LEU C 200 -0.38 22.73 -19.19
N SER C 201 0.15 23.05 -20.37
CA SER C 201 1.10 22.15 -21.02
C SER C 201 2.52 22.28 -20.47
N ASN C 202 2.79 23.33 -19.69
CA ASN C 202 4.07 23.58 -19.01
C ASN C 202 5.28 23.13 -19.83
N GLY C 203 5.31 23.58 -21.08
CA GLY C 203 6.45 23.36 -21.95
C GLY C 203 6.41 22.11 -22.80
N ASP C 204 5.41 21.26 -22.64
CA ASP C 204 5.28 20.05 -23.44
C ASP C 204 4.62 20.41 -24.77
N MET C 205 5.41 20.44 -25.84
CA MET C 205 4.88 20.83 -27.15
C MET C 205 3.89 19.82 -27.68
N ARG C 206 4.08 18.53 -27.37
CA ARG C 206 3.12 17.52 -27.80
C ARG C 206 1.74 17.79 -27.20
N ARG C 207 1.69 18.16 -25.91
CA ARG C 207 0.43 18.51 -25.29
C ARG C 207 -0.19 19.72 -25.96
N VAL C 208 0.61 20.73 -26.28
CA VAL C 208 0.11 21.93 -26.94
C VAL C 208 -0.54 21.56 -28.27
N LEU C 209 0.17 20.78 -29.08
CA LEU C 209 -0.35 20.43 -30.40
C LEU C 209 -1.59 19.55 -30.30
N ASN C 210 -1.60 18.58 -29.38
CA ASN C 210 -2.76 17.73 -29.22
C ASN C 210 -3.98 18.52 -28.79
N VAL C 211 -3.82 19.42 -27.82
CA VAL C 211 -4.95 20.21 -27.35
C VAL C 211 -5.43 21.15 -28.45
N LEU C 212 -4.51 21.75 -29.19
CA LEU C 212 -4.90 22.64 -30.28
C LEU C 212 -5.68 21.89 -31.35
N GLN C 213 -5.22 20.69 -31.71
CA GLN C 213 -5.91 19.91 -32.73
C GLN C 213 -7.30 19.47 -32.24
N SER C 214 -7.39 19.04 -30.97
CA SER C 214 -8.68 18.59 -30.46
C SER C 214 -9.67 19.74 -30.31
N CYS C 215 -9.19 20.92 -29.93
CA CYS C 215 -10.07 22.07 -29.76
C CYS C 215 -10.62 22.53 -31.11
N LYS C 216 -9.84 22.37 -32.18
CA LYS C 216 -10.34 22.71 -33.50
C LYS C 216 -11.50 21.80 -33.90
N ALA C 217 -11.40 20.52 -33.56
CA ALA C 217 -12.47 19.58 -33.91
C ALA C 217 -13.76 19.92 -33.18
N THR C 218 -13.66 20.33 -31.92
CA THR C 218 -14.86 20.62 -31.14
C THR C 218 -15.57 21.89 -31.60
N LEU C 219 -14.92 22.70 -32.44
CA LEU C 219 -15.54 23.92 -32.95
C LEU C 219 -16.57 23.55 -34.02
N ASP C 220 -17.82 23.95 -33.80
CA ASP C 220 -18.85 23.70 -34.81
C ASP C 220 -18.61 24.52 -36.06
N ASN C 221 -17.92 25.65 -35.94
CA ASN C 221 -17.55 26.51 -37.06
C ASN C 221 -16.06 26.79 -36.97
N PRO C 222 -15.22 25.82 -37.31
CA PRO C 222 -13.77 25.99 -37.12
C PRO C 222 -13.18 27.11 -37.97
N ASP C 223 -13.85 27.51 -39.05
CA ASP C 223 -13.29 28.53 -39.93
C ASP C 223 -13.48 29.94 -39.40
N GLU C 224 -14.41 30.15 -38.46
CA GLU C 224 -14.69 31.49 -37.95
C GLU C 224 -14.74 31.59 -36.43
N ASP C 225 -14.98 30.50 -35.71
CA ASP C 225 -15.08 30.57 -34.26
C ASP C 225 -13.69 30.72 -33.64
N GLU C 226 -13.67 31.26 -32.42
CA GLU C 226 -12.44 31.49 -31.68
C GLU C 226 -12.40 30.58 -30.46
N ILE C 227 -11.22 30.01 -30.20
CA ILE C 227 -11.05 29.12 -29.06
C ILE C 227 -10.79 29.96 -27.81
N SER C 228 -11.68 29.83 -26.83
CA SER C 228 -11.54 30.54 -25.57
C SER C 228 -10.85 29.65 -24.54
N ASP C 229 -10.47 30.27 -23.42
CA ASP C 229 -9.85 29.51 -22.34
C ASP C 229 -10.80 28.46 -21.78
N ASP C 230 -12.10 28.72 -21.83
CA ASP C 230 -13.09 27.72 -21.41
C ASP C 230 -12.97 26.46 -22.25
N VAL C 231 -12.82 26.62 -23.57
CA VAL C 231 -12.64 25.47 -24.46
C VAL C 231 -11.37 24.72 -24.12
N ILE C 232 -10.29 25.44 -23.83
CA ILE C 232 -9.02 24.81 -23.50
C ILE C 232 -9.16 23.98 -22.23
N TYR C 233 -9.78 24.55 -21.20
CA TYR C 233 -9.92 23.84 -19.94
C TYR C 233 -10.86 22.64 -20.09
N GLU C 234 -11.92 22.78 -20.88
CA GLU C 234 -12.78 21.63 -21.14
C GLU C 234 -12.02 20.52 -21.86
N CYS C 235 -11.21 20.87 -22.86
CA CYS C 235 -10.47 19.87 -23.61
C CYS C 235 -9.44 19.17 -22.73
N CYS C 236 -8.72 19.92 -21.89
CA CYS C 236 -7.72 19.30 -21.04
C CYS C 236 -8.33 18.59 -19.84
N GLY C 237 -9.58 18.89 -19.51
CA GLY C 237 -10.19 18.32 -18.32
C GLY C 237 -9.50 18.78 -17.06
N ALA C 238 -9.24 20.09 -16.97
CA ALA C 238 -8.52 20.67 -15.86
C ALA C 238 -9.42 21.64 -15.09
N PRO C 239 -9.16 21.83 -13.80
CA PRO C 239 -10.00 22.76 -13.03
C PRO C 239 -9.79 24.20 -13.48
N ARG C 240 -10.89 24.88 -13.76
CA ARG C 240 -10.81 26.28 -14.15
C ARG C 240 -10.34 27.12 -12.97
N PRO C 241 -9.49 28.13 -13.22
CA PRO C 241 -9.10 29.03 -12.13
C PRO C 241 -10.27 29.76 -11.50
N SER C 242 -11.29 30.09 -12.28
CA SER C 242 -12.44 30.80 -11.74
C SER C 242 -13.17 29.99 -10.69
N ASP C 243 -13.36 28.69 -10.96
CA ASP C 243 -14.04 27.83 -9.98
C ASP C 243 -13.25 27.72 -8.69
N LEU C 244 -11.94 27.52 -8.79
CA LEU C 244 -11.11 27.42 -7.59
C LEU C 244 -11.11 28.74 -6.83
N LYS C 245 -11.06 29.87 -7.53
CA LYS C 245 -11.10 31.16 -6.87
C LYS C 245 -12.43 31.39 -6.17
N ALA C 246 -13.54 30.99 -6.80
CA ALA C 246 -14.84 31.11 -6.16
C ALA C 246 -14.92 30.25 -4.90
N VAL C 247 -14.42 29.03 -4.98
CA VAL C 247 -14.42 28.14 -3.81
C VAL C 247 -13.59 28.76 -2.69
N LEU C 248 -12.41 29.27 -3.02
CA LEU C 248 -11.53 29.86 -2.01
C LEU C 248 -12.16 31.09 -1.38
N LYS C 249 -12.80 31.94 -2.20
CA LYS C 249 -13.47 33.12 -1.67
C LYS C 249 -14.62 32.73 -0.74
N SER C 250 -15.40 31.72 -1.13
CA SER C 250 -16.48 31.27 -0.27
C SER C 250 -15.94 30.72 1.04
N ILE C 251 -14.84 29.97 0.99
CA ILE C 251 -14.25 29.43 2.21
C ILE C 251 -13.75 30.54 3.12
N LEU C 252 -13.07 31.53 2.54
CA LEU C 252 -12.44 32.56 3.36
C LEU C 252 -13.46 33.53 3.94
N GLU C 253 -14.50 33.87 3.18
CA GLU C 253 -15.40 34.93 3.59
C GLU C 253 -16.71 34.43 4.18
N ASP C 254 -17.35 33.44 3.54
CA ASP C 254 -18.66 32.98 3.99
C ASP C 254 -18.53 32.11 5.22
N ASP C 255 -19.66 31.87 5.88
CA ASP C 255 -19.69 31.03 7.08
C ASP C 255 -19.53 29.56 6.69
N TRP C 256 -19.58 28.70 7.70
CA TRP C 256 -19.28 27.28 7.48
C TRP C 256 -20.31 26.61 6.60
N GLY C 257 -21.59 26.86 6.82
CA GLY C 257 -22.61 26.23 6.01
C GLY C 257 -22.52 26.63 4.55
N THR C 258 -22.38 27.94 4.30
CA THR C 258 -22.26 28.43 2.93
C THR C 258 -21.00 27.88 2.26
N ALA C 259 -19.87 27.88 2.98
CA ALA C 259 -18.63 27.37 2.39
C ALA C 259 -18.74 25.89 2.07
N HIS C 260 -19.32 25.10 2.98
CA HIS C 260 -19.49 23.67 2.75
C HIS C 260 -20.38 23.42 1.53
N TYR C 261 -21.51 24.13 1.46
CA TYR C 261 -22.41 23.96 0.33
C TYR C 261 -21.73 24.36 -0.97
N THR C 262 -21.02 25.48 -0.97
CA THR C 262 -20.37 25.96 -2.19
C THR C 262 -19.30 24.98 -2.66
N LEU C 263 -18.47 24.50 -1.74
CA LEU C 263 -17.42 23.56 -2.12
C LEU C 263 -18.01 22.28 -2.70
N ASN C 264 -18.98 21.69 -2.00
CA ASN C 264 -19.57 20.45 -2.49
C ASN C 264 -20.25 20.66 -3.83
N LYS C 265 -21.03 21.74 -3.96
CA LYS C 265 -21.75 22.00 -5.20
C LYS C 265 -20.79 22.19 -6.37
N VAL C 266 -19.76 23.01 -6.19
CA VAL C 266 -18.85 23.30 -7.28
C VAL C 266 -18.09 22.05 -7.69
N ARG C 267 -17.51 21.35 -6.71
CA ARG C 267 -16.67 20.20 -7.08
C ARG C 267 -17.48 18.97 -7.42
N SER C 268 -18.81 18.98 -7.25
CA SER C 268 -19.62 17.91 -7.79
C SER C 268 -20.16 18.24 -9.18
N ALA C 269 -20.57 19.49 -9.40
CA ALA C 269 -21.10 19.88 -10.69
C ALA C 269 -20.00 19.93 -11.75
N LYS C 270 -18.86 20.54 -11.42
CA LYS C 270 -17.78 20.66 -12.38
C LYS C 270 -16.93 19.40 -12.48
N GLY C 271 -17.19 18.40 -11.64
CA GLY C 271 -16.43 17.17 -11.69
C GLY C 271 -14.97 17.30 -11.30
N LEU C 272 -14.68 18.12 -10.30
CA LEU C 272 -13.32 18.31 -9.82
C LEU C 272 -13.07 17.38 -8.63
N ALA C 273 -12.03 16.55 -8.74
CA ALA C 273 -11.64 15.73 -7.62
C ALA C 273 -11.12 16.60 -6.47
N LEU C 274 -11.24 16.09 -5.25
CA LEU C 274 -10.83 16.87 -4.10
C LEU C 274 -9.33 17.12 -4.11
N ILE C 275 -8.55 16.16 -4.61
CA ILE C 275 -7.10 16.35 -4.65
C ILE C 275 -6.72 17.41 -5.68
N ASP C 276 -7.39 17.41 -6.84
CA ASP C 276 -7.13 18.46 -7.82
C ASP C 276 -7.58 19.83 -7.31
N LEU C 277 -8.70 19.86 -6.59
CA LEU C 277 -9.14 21.11 -5.97
C LEU C 277 -8.11 21.61 -4.97
N ILE C 278 -7.56 20.71 -4.16
CA ILE C 278 -6.53 21.09 -3.20
C ILE C 278 -5.30 21.63 -3.92
N GLU C 279 -4.87 20.96 -4.98
CA GLU C 279 -3.71 21.41 -5.73
C GLU C 279 -3.94 22.82 -6.31
N GLY C 280 -5.10 23.03 -6.92
CA GLY C 280 -5.40 24.34 -7.48
C GLY C 280 -5.47 25.42 -6.42
N ILE C 281 -6.09 25.12 -5.27
CA ILE C 281 -6.20 26.10 -4.21
C ILE C 281 -4.83 26.43 -3.64
N VAL C 282 -3.96 25.43 -3.50
CA VAL C 282 -2.60 25.68 -3.05
C VAL C 282 -1.87 26.58 -4.03
N LYS C 283 -2.02 26.30 -5.32
CA LYS C 283 -1.35 27.12 -6.33
C LYS C 283 -1.85 28.56 -6.29
N ILE C 284 -3.16 28.76 -6.11
CA ILE C 284 -3.69 30.11 -6.02
C ILE C 284 -3.20 30.81 -4.76
N LEU C 285 -3.20 30.11 -3.62
CA LEU C 285 -2.81 30.71 -2.36
C LEU C 285 -1.34 31.12 -2.34
N GLU C 286 -0.52 30.63 -3.26
CA GLU C 286 0.88 31.01 -3.28
C GLU C 286 1.06 32.50 -3.60
N ASP C 287 0.16 33.07 -4.39
CA ASP C 287 0.24 34.48 -4.74
C ASP C 287 -0.34 35.40 -3.67
N TYR C 288 -0.94 34.84 -2.63
CA TYR C 288 -1.50 35.67 -1.57
C TYR C 288 -0.39 36.31 -0.74
N GLU C 289 -0.64 37.53 -0.29
CA GLU C 289 0.28 38.25 0.59
C GLU C 289 -0.21 38.08 2.02
N LEU C 290 0.44 37.21 2.77
CA LEU C 290 0.03 36.89 4.14
C LEU C 290 0.98 37.56 5.12
N GLN C 291 0.41 38.24 6.10
CA GLN C 291 1.22 38.94 7.09
C GLN C 291 1.92 37.97 8.04
N ASN C 292 1.29 36.87 8.39
CA ASN C 292 1.81 35.91 9.35
C ASN C 292 2.30 34.65 8.63
N GLU C 293 3.50 34.22 8.97
CA GLU C 293 4.09 33.03 8.36
C GLU C 293 3.47 31.74 8.92
N GLU C 294 2.96 31.79 10.15
CA GLU C 294 2.29 30.64 10.71
C GLU C 294 1.06 30.25 9.89
N THR C 295 0.43 31.24 9.26
CA THR C 295 -0.67 30.93 8.33
C THR C 295 -0.19 29.99 7.24
N ARG C 296 0.91 30.34 6.59
CA ARG C 296 1.45 29.50 5.51
C ARG C 296 1.86 28.14 6.04
N VAL C 297 2.51 28.09 7.20
CA VAL C 297 2.96 26.82 7.75
C VAL C 297 1.77 25.89 8.00
N HIS C 298 0.75 26.40 8.69
CA HIS C 298 -0.43 25.59 8.99
C HIS C 298 -1.13 25.15 7.71
N LEU C 299 -1.31 26.07 6.77
CA LEU C 299 -1.96 25.72 5.51
C LEU C 299 -1.23 24.58 4.82
N LEU C 300 0.08 24.73 4.64
CA LEU C 300 0.84 23.72 3.90
C LEU C 300 0.79 22.37 4.62
N THR C 301 1.03 22.36 5.94
CA THR C 301 1.07 21.09 6.65
C THR C 301 -0.29 20.40 6.62
N LYS C 302 -1.35 21.13 6.96
CA LYS C 302 -2.67 20.51 7.01
C LYS C 302 -3.13 20.04 5.64
N LEU C 303 -2.89 20.84 4.59
CA LEU C 303 -3.33 20.46 3.26
C LEU C 303 -2.54 19.27 2.74
N ALA C 304 -1.24 19.20 3.04
CA ALA C 304 -0.48 18.03 2.66
C ALA C 304 -0.96 16.79 3.38
N ASP C 305 -1.29 16.92 4.66
CA ASP C 305 -1.82 15.77 5.40
C ASP C 305 -3.13 15.29 4.79
N ILE C 306 -4.02 16.23 4.46
CA ILE C 306 -5.30 15.86 3.86
C ILE C 306 -5.09 15.19 2.51
N GLU C 307 -4.19 15.75 1.69
CA GLU C 307 -3.93 15.17 0.37
C GLU C 307 -3.36 13.76 0.49
N TYR C 308 -2.46 13.55 1.44
CA TYR C 308 -1.94 12.20 1.66
C TYR C 308 -3.04 11.25 2.10
N SER C 309 -3.93 11.71 2.99
CA SER C 309 -5.01 10.85 3.46
C SER C 309 -5.99 10.50 2.34
N ILE C 310 -6.13 11.38 1.34
CA ILE C 310 -7.06 11.12 0.24
C ILE C 310 -6.57 9.95 -0.60
N SER C 311 -5.25 9.84 -0.78
CA SER C 311 -4.70 8.77 -1.61
C SER C 311 -5.01 7.40 -1.03
N LYS C 312 -5.16 7.29 0.29
CA LYS C 312 -5.46 6.02 0.94
C LYS C 312 -6.95 5.70 0.97
N GLY C 313 -7.79 6.61 0.49
CA GLY C 313 -9.23 6.39 0.53
C GLY C 313 -9.93 7.32 1.50
N GLY C 314 -10.65 6.75 2.46
CA GLY C 314 -11.27 7.53 3.51
C GLY C 314 -12.59 8.14 3.08
N ASN C 315 -13.17 8.92 4.00
CA ASN C 315 -14.45 9.57 3.77
C ASN C 315 -14.23 10.86 2.99
N ASP C 316 -14.96 11.00 1.88
CA ASP C 316 -14.76 12.15 1.01
C ASP C 316 -15.33 13.43 1.61
N GLN C 317 -16.53 13.35 2.18
CA GLN C 317 -17.15 14.54 2.78
C GLN C 317 -16.32 15.03 3.96
N ILE C 318 -15.83 14.09 4.78
CA ILE C 318 -15.00 14.46 5.92
C ILE C 318 -13.73 15.15 5.46
N GLN C 319 -13.12 14.64 4.38
CA GLN C 319 -11.90 15.26 3.85
C GLN C 319 -12.18 16.65 3.30
N GLY C 320 -13.32 16.84 2.63
CA GLY C 320 -13.66 18.17 2.15
C GLY C 320 -13.86 19.16 3.27
N SER C 321 -14.59 18.76 4.32
CA SER C 321 -14.75 19.64 5.46
C SER C 321 -13.43 19.87 6.18
N ALA C 322 -12.54 18.89 6.15
CA ALA C 322 -11.20 19.09 6.71
C ALA C 322 -10.44 20.15 5.93
N VAL C 323 -10.56 20.14 4.61
CA VAL C 323 -9.93 21.18 3.79
C VAL C 323 -10.48 22.55 4.15
N ILE C 324 -11.81 22.65 4.27
CA ILE C 324 -12.42 23.93 4.61
C ILE C 324 -11.93 24.41 5.97
N GLY C 325 -11.89 23.50 6.96
CA GLY C 325 -11.46 23.90 8.29
C GLY C 325 -9.99 24.26 8.35
N ALA C 326 -9.15 23.54 7.59
CA ALA C 326 -7.73 23.86 7.55
C ALA C 326 -7.49 25.24 6.94
N ILE C 327 -8.22 25.58 5.88
CA ILE C 327 -8.05 26.90 5.29
C ILE C 327 -8.57 27.98 6.21
N LYS C 328 -9.74 27.76 6.83
CA LYS C 328 -10.32 28.77 7.71
C LYS C 328 -9.45 29.00 8.95
N ALA C 329 -8.93 27.94 9.54
CA ALA C 329 -8.19 28.07 10.80
C ALA C 329 -6.86 28.79 10.59
N SER C 330 -6.17 28.51 9.48
CA SER C 330 -4.87 29.12 9.23
C SER C 330 -5.01 30.63 9.07
N PHE C 331 -6.08 31.08 8.41
CA PHE C 331 -6.26 32.51 8.18
C PHE C 331 -6.69 33.27 9.42
N GLU C 332 -6.99 32.58 10.52
CA GLU C 332 -7.19 33.27 11.79
C GLU C 332 -5.94 33.98 12.26
N ASN C 333 -4.76 33.50 11.83
CA ASN C 333 -3.50 34.16 12.14
C ASN C 333 -3.28 35.42 11.32
N GLU C 334 -4.17 35.73 10.38
CA GLU C 334 -4.09 36.92 9.54
C GLU C 334 -2.82 36.92 8.69
N LEU D 22 -41.77 -12.25 -14.31
CA LEU D 22 -40.44 -12.31 -14.92
C LEU D 22 -39.43 -12.95 -13.97
N ALA D 23 -38.26 -13.30 -14.51
CA ALA D 23 -37.22 -13.90 -13.70
C ALA D 23 -36.59 -12.87 -12.77
N GLN D 24 -35.87 -13.36 -11.78
CA GLN D 24 -35.20 -12.49 -10.83
C GLN D 24 -34.12 -11.68 -11.54
N GLN D 25 -34.07 -10.37 -11.26
CA GLN D 25 -33.12 -9.48 -11.91
C GLN D 25 -32.93 -8.26 -11.03
N PRO D 26 -31.72 -7.72 -10.93
CA PRO D 26 -31.54 -6.48 -10.18
C PRO D 26 -32.38 -5.36 -10.76
N TRP D 27 -32.97 -4.55 -9.87
CA TRP D 27 -33.82 -3.45 -10.33
C TRP D 27 -33.03 -2.35 -11.01
N VAL D 28 -31.71 -2.30 -10.80
CA VAL D 28 -30.88 -1.33 -11.51
C VAL D 28 -30.85 -1.65 -12.99
N GLU D 29 -30.59 -2.91 -13.34
CA GLU D 29 -30.57 -3.30 -14.73
C GLU D 29 -31.97 -3.39 -15.31
N LYS D 30 -32.97 -3.71 -14.48
CA LYS D 30 -34.33 -3.88 -14.98
C LYS D 30 -34.95 -2.57 -15.43
N TYR D 31 -34.63 -1.46 -14.77
CA TYR D 31 -35.29 -0.19 -15.02
C TYR D 31 -34.39 0.82 -15.70
N ARG D 32 -33.33 0.38 -16.38
CA ARG D 32 -32.56 1.29 -17.19
C ARG D 32 -33.41 1.79 -18.36
N PRO D 33 -33.30 3.07 -18.72
CA PRO D 33 -34.01 3.55 -19.92
C PRO D 33 -33.52 2.83 -21.16
N LYS D 34 -34.46 2.55 -22.07
CA LYS D 34 -34.12 1.78 -23.26
C LYS D 34 -33.51 2.65 -24.34
N ASN D 35 -34.15 3.78 -24.66
CA ASN D 35 -33.68 4.67 -25.71
C ASN D 35 -33.31 6.02 -25.10
N LEU D 36 -32.72 6.89 -25.93
CA LEU D 36 -32.23 8.17 -25.44
C LEU D 36 -33.35 9.05 -24.93
N ASP D 37 -34.55 8.93 -25.51
CA ASP D 37 -35.66 9.78 -25.12
C ASP D 37 -36.17 9.52 -23.71
N GLU D 38 -35.78 8.42 -23.09
CA GLU D 38 -36.21 8.10 -21.74
C GLU D 38 -35.23 8.55 -20.67
N VAL D 39 -34.16 9.25 -21.04
CA VAL D 39 -33.23 9.79 -20.06
C VAL D 39 -33.74 11.14 -19.60
N THR D 40 -33.94 11.30 -18.29
CA THR D 40 -34.53 12.49 -17.71
C THR D 40 -33.46 13.36 -17.06
N ALA D 41 -33.72 14.66 -17.07
CA ALA D 41 -32.86 15.68 -16.43
C ALA D 41 -31.44 15.69 -16.98
N GLN D 42 -31.23 15.15 -18.18
CA GLN D 42 -29.93 15.17 -18.85
C GLN D 42 -30.07 15.67 -20.27
N ASP D 43 -30.91 16.69 -20.46
CA ASP D 43 -31.26 17.11 -21.81
C ASP D 43 -30.06 17.64 -22.59
N HIS D 44 -29.10 18.26 -21.90
CA HIS D 44 -27.93 18.79 -22.60
C HIS D 44 -27.09 17.67 -23.19
N ALA D 45 -26.70 16.70 -22.36
CA ALA D 45 -25.90 15.58 -22.85
C ALA D 45 -26.67 14.75 -23.85
N VAL D 46 -27.98 14.58 -23.64
CA VAL D 46 -28.80 13.81 -24.58
C VAL D 46 -28.84 14.50 -25.93
N THR D 47 -29.00 15.83 -25.95
CA THR D 47 -29.02 16.56 -27.21
C THR D 47 -27.68 16.47 -27.93
N VAL D 48 -26.57 16.63 -27.20
CA VAL D 48 -25.27 16.55 -27.84
C VAL D 48 -25.02 15.15 -28.38
N LEU D 49 -25.44 14.12 -27.64
CA LEU D 49 -25.27 12.76 -28.12
C LEU D 49 -26.15 12.46 -29.32
N LYS D 50 -27.37 13.02 -29.36
CA LYS D 50 -28.21 12.87 -30.53
C LYS D 50 -27.56 13.52 -31.74
N LYS D 51 -26.97 14.71 -31.57
CA LYS D 51 -26.27 15.36 -32.67
C LYS D 51 -25.09 14.52 -33.14
N THR D 52 -24.34 13.95 -32.20
CA THR D 52 -23.22 13.08 -32.58
C THR D 52 -23.71 11.84 -33.31
N LEU D 53 -24.81 11.24 -32.86
CA LEU D 53 -25.38 10.08 -33.53
C LEU D 53 -25.83 10.43 -34.94
N LYS D 54 -26.34 11.64 -35.14
CA LYS D 54 -26.74 12.06 -36.49
C LYS D 54 -25.56 12.00 -37.44
N SER D 55 -24.39 12.46 -37.00
CA SER D 55 -23.17 12.29 -37.78
C SER D 55 -22.78 10.82 -37.82
N ALA D 56 -22.30 10.38 -38.98
CA ALA D 56 -21.88 8.98 -39.13
C ALA D 56 -20.70 8.66 -38.21
N ASN D 57 -19.73 9.56 -38.13
CA ASN D 57 -18.55 9.32 -37.32
C ASN D 57 -18.85 9.54 -35.84
N LEU D 58 -18.46 8.57 -35.01
CA LEU D 58 -18.63 8.66 -33.57
C LEU D 58 -17.28 8.78 -32.89
N PRO D 59 -16.96 9.91 -32.28
CA PRO D 59 -15.67 10.07 -31.62
C PRO D 59 -15.65 9.34 -30.27
N HIS D 60 -14.46 9.24 -29.71
CA HIS D 60 -14.33 8.73 -28.35
C HIS D 60 -15.10 9.62 -27.39
N MET D 61 -15.77 9.01 -26.43
CA MET D 61 -16.66 9.72 -25.53
C MET D 61 -16.15 9.62 -24.09
N LEU D 62 -16.45 10.65 -23.31
CA LEU D 62 -16.06 10.72 -21.91
C LEU D 62 -17.25 11.21 -21.12
N PHE D 63 -17.89 10.31 -20.38
CA PHE D 63 -19.07 10.62 -19.57
C PHE D 63 -18.61 10.88 -18.15
N TYR D 64 -18.91 12.07 -17.63
CA TYR D 64 -18.53 12.40 -16.27
C TYR D 64 -19.64 13.19 -15.60
N GLY D 65 -19.74 13.04 -14.29
CA GLY D 65 -20.77 13.68 -13.50
C GLY D 65 -20.94 12.97 -12.17
N PRO D 66 -21.92 13.42 -11.38
CA PRO D 66 -22.19 12.76 -10.11
C PRO D 66 -22.63 11.33 -10.34
N PRO D 67 -22.34 10.42 -9.41
CA PRO D 67 -22.76 9.02 -9.58
C PRO D 67 -24.27 8.89 -9.55
N GLY D 68 -24.75 7.90 -10.29
CA GLY D 68 -26.18 7.65 -10.38
C GLY D 68 -26.98 8.74 -11.08
N THR D 69 -26.42 9.31 -12.16
CA THR D 69 -27.12 10.31 -12.94
C THR D 69 -27.57 9.81 -14.31
N GLY D 70 -27.06 8.67 -14.75
CA GLY D 70 -27.50 8.09 -16.00
C GLY D 70 -26.42 7.97 -17.06
N LYS D 71 -25.15 7.93 -16.65
CA LYS D 71 -24.07 7.80 -17.62
C LYS D 71 -24.12 6.45 -18.32
N THR D 72 -24.10 5.37 -17.55
CA THR D 72 -24.17 4.04 -18.14
C THR D 72 -25.50 3.82 -18.86
N SER D 73 -26.59 4.33 -18.30
CA SER D 73 -27.88 4.20 -18.96
C SER D 73 -27.88 4.88 -20.32
N THR D 74 -27.33 6.10 -20.39
CA THR D 74 -27.32 6.83 -21.66
C THR D 74 -26.39 6.17 -22.67
N ILE D 75 -25.22 5.68 -22.23
CA ILE D 75 -24.33 5.05 -23.20
C ILE D 75 -24.95 3.75 -23.72
N LEU D 76 -25.63 3.01 -22.84
CA LEU D 76 -26.31 1.79 -23.29
C LEU D 76 -27.44 2.11 -24.26
N ALA D 77 -28.21 3.17 -23.98
CA ALA D 77 -29.28 3.57 -24.91
C ALA D 77 -28.71 3.99 -26.26
N LEU D 78 -27.60 4.74 -26.24
CA LEU D 78 -26.96 5.14 -27.50
C LEU D 78 -26.47 3.93 -28.27
N THR D 79 -25.87 2.96 -27.58
CA THR D 79 -25.42 1.74 -28.24
C THR D 79 -26.58 0.97 -28.84
N LYS D 80 -27.69 0.85 -28.10
CA LYS D 80 -28.85 0.14 -28.62
C LYS D 80 -29.46 0.84 -29.81
N GLU D 81 -29.42 2.18 -29.83
CA GLU D 81 -29.90 2.89 -31.01
C GLU D 81 -28.94 2.73 -32.19
N LEU D 82 -27.63 2.63 -31.92
CA LEU D 82 -26.66 2.44 -33.00
C LEU D 82 -26.79 1.07 -33.65
N TYR D 83 -26.84 0.02 -32.83
CA TYR D 83 -26.71 -1.34 -33.34
C TYR D 83 -28.03 -2.11 -33.39
N GLY D 84 -29.01 -1.73 -32.60
CA GLY D 84 -30.23 -2.50 -32.47
C GLY D 84 -30.15 -3.44 -31.29
N PRO D 85 -31.30 -3.89 -30.80
CA PRO D 85 -31.31 -4.78 -29.61
C PRO D 85 -30.55 -6.08 -29.82
N ASP D 86 -30.51 -6.59 -31.05
CA ASP D 86 -29.90 -7.89 -31.29
C ASP D 86 -28.39 -7.79 -31.43
N LEU D 87 -27.91 -6.92 -32.32
CA LEU D 87 -26.48 -6.79 -32.58
C LEU D 87 -25.73 -6.11 -31.44
N MET D 88 -26.45 -5.53 -30.47
CA MET D 88 -25.79 -4.76 -29.41
C MET D 88 -24.86 -5.64 -28.58
N LYS D 89 -25.31 -6.85 -28.23
CA LYS D 89 -24.54 -7.69 -27.32
C LYS D 89 -23.20 -8.10 -27.91
N SER D 90 -23.12 -8.25 -29.24
CA SER D 90 -21.89 -8.70 -29.87
C SER D 90 -20.88 -7.57 -30.05
N ARG D 91 -21.32 -6.32 -30.09
CA ARG D 91 -20.46 -5.18 -30.38
C ARG D 91 -19.98 -4.45 -29.14
N ILE D 92 -20.28 -4.94 -27.94
CA ILE D 92 -20.06 -4.21 -26.71
C ILE D 92 -19.18 -5.04 -25.78
N LEU D 93 -18.15 -4.40 -25.22
CA LEU D 93 -17.34 -4.99 -24.16
C LEU D 93 -17.37 -4.05 -22.97
N GLU D 94 -18.19 -4.37 -21.98
CA GLU D 94 -18.29 -3.57 -20.76
C GLU D 94 -17.25 -4.04 -19.76
N LEU D 95 -16.36 -3.14 -19.36
CA LEU D 95 -15.29 -3.45 -18.42
C LEU D 95 -15.32 -2.48 -17.26
N ASN D 96 -14.76 -2.91 -16.14
CA ASN D 96 -14.58 -2.07 -14.96
C ASN D 96 -13.10 -2.02 -14.65
N ALA D 97 -12.54 -0.81 -14.58
CA ALA D 97 -11.11 -0.64 -14.38
C ALA D 97 -10.69 -0.67 -12.93
N SER D 98 -11.63 -0.84 -11.99
CA SER D 98 -11.30 -0.88 -10.58
C SER D 98 -10.79 -2.25 -10.13
N ASP D 99 -10.87 -3.26 -10.98
CA ASP D 99 -10.39 -4.59 -10.63
C ASP D 99 -8.87 -4.58 -10.51
N GLU D 100 -8.36 -5.43 -9.60
CA GLU D 100 -6.92 -5.53 -9.40
C GLU D 100 -6.28 -6.25 -10.58
N ARG D 101 -4.96 -6.48 -10.47
CA ARG D 101 -4.05 -6.94 -11.51
C ARG D 101 -3.73 -5.83 -12.51
N GLY D 102 -4.39 -4.68 -12.40
CA GLY D 102 -3.92 -3.49 -13.10
C GLY D 102 -4.13 -3.51 -14.59
N ILE D 103 -3.11 -3.02 -15.31
CA ILE D 103 -3.25 -2.74 -16.74
C ILE D 103 -3.40 -4.03 -17.54
N SER D 104 -2.71 -5.09 -17.13
CA SER D 104 -2.52 -6.24 -17.99
C SER D 104 -3.85 -6.86 -18.40
N ILE D 105 -4.71 -7.17 -17.43
CA ILE D 105 -5.94 -7.89 -17.71
C ILE D 105 -6.87 -7.06 -18.58
N VAL D 106 -7.08 -5.79 -18.20
CA VAL D 106 -8.02 -4.94 -18.92
C VAL D 106 -7.54 -4.71 -20.35
N ARG D 107 -6.24 -4.40 -20.51
CA ARG D 107 -5.73 -4.13 -21.84
C ARG D 107 -5.71 -5.39 -22.70
N GLU D 108 -5.45 -6.55 -22.11
CA GLU D 108 -5.50 -7.79 -22.87
C GLU D 108 -6.92 -8.10 -23.32
N LYS D 109 -7.91 -7.87 -22.45
CA LYS D 109 -9.30 -8.09 -22.84
C LYS D 109 -9.71 -7.13 -23.94
N VAL D 110 -9.29 -5.87 -23.86
CA VAL D 110 -9.59 -4.90 -24.90
C VAL D 110 -8.95 -5.31 -26.22
N LYS D 111 -7.70 -5.75 -26.17
CA LYS D 111 -7.01 -6.18 -27.38
C LYS D 111 -7.69 -7.40 -28.01
N ASN D 112 -8.10 -8.36 -27.18
CA ASN D 112 -8.79 -9.53 -27.71
C ASN D 112 -10.14 -9.17 -28.32
N PHE D 113 -10.86 -8.24 -27.68
CA PHE D 113 -12.15 -7.80 -28.23
C PHE D 113 -11.96 -7.08 -29.56
N ALA D 114 -10.93 -6.23 -29.65
CA ALA D 114 -10.69 -5.49 -30.89
C ALA D 114 -10.23 -6.41 -32.01
N ARG D 115 -9.33 -7.35 -31.70
CA ARG D 115 -8.85 -8.28 -32.72
C ARG D 115 -9.91 -9.27 -33.14
N LEU D 116 -10.93 -9.48 -32.31
CA LEU D 116 -12.03 -10.35 -32.67
C LEU D 116 -12.75 -9.80 -33.90
N THR D 117 -13.14 -10.70 -34.81
CA THR D 117 -13.79 -10.29 -36.05
C THR D 117 -15.09 -9.56 -35.74
N VAL D 118 -15.34 -8.50 -36.50
CA VAL D 118 -16.58 -7.72 -36.32
C VAL D 118 -17.76 -8.56 -36.79
N SER D 119 -18.76 -8.67 -35.93
CA SER D 119 -19.93 -9.48 -36.24
C SER D 119 -20.69 -8.90 -37.43
N LYS D 120 -21.15 -9.77 -38.30
CA LYS D 120 -21.88 -9.33 -39.49
C LYS D 120 -23.33 -9.05 -39.13
N PRO D 121 -23.82 -7.84 -39.33
CA PRO D 121 -25.23 -7.56 -39.04
C PRO D 121 -26.15 -8.28 -40.01
N SER D 122 -27.34 -8.61 -39.52
CA SER D 122 -28.32 -9.29 -40.34
C SER D 122 -29.01 -8.30 -41.29
N LYS D 123 -29.85 -8.85 -42.16
CA LYS D 123 -30.61 -8.00 -43.08
C LYS D 123 -31.56 -7.08 -42.32
N HIS D 124 -32.22 -7.60 -41.29
CA HIS D 124 -33.12 -6.78 -40.49
C HIS D 124 -32.36 -5.67 -39.77
N ASP D 125 -31.18 -5.99 -39.22
CA ASP D 125 -30.41 -4.99 -38.49
C ASP D 125 -29.95 -3.86 -39.39
N LEU D 126 -29.50 -4.18 -40.60
CA LEU D 126 -28.99 -3.15 -41.50
C LEU D 126 -30.09 -2.21 -41.97
N GLU D 127 -31.28 -2.75 -42.27
CA GLU D 127 -32.34 -1.92 -42.82
C GLU D 127 -33.00 -1.03 -41.76
N ASN D 128 -32.97 -1.45 -40.49
CA ASN D 128 -33.64 -0.70 -39.43
C ASN D 128 -32.70 0.08 -38.54
N TYR D 129 -31.42 -0.28 -38.50
CA TYR D 129 -30.44 0.40 -37.68
C TYR D 129 -29.20 0.69 -38.50
N PRO D 130 -28.47 1.78 -38.19
CA PRO D 130 -27.29 2.13 -39.00
C PRO D 130 -26.22 1.04 -38.98
N CYS D 131 -26.03 0.36 -37.85
CA CYS D 131 -25.02 -0.67 -37.68
C CYS D 131 -23.65 -0.17 -38.15
N PRO D 132 -23.05 0.80 -37.45
CA PRO D 132 -21.77 1.31 -37.89
C PRO D 132 -20.69 0.26 -37.74
N PRO D 133 -19.62 0.34 -38.54
CA PRO D 133 -18.63 -0.75 -38.60
C PRO D 133 -17.67 -0.80 -37.42
N TYR D 134 -17.91 -0.07 -36.34
CA TYR D 134 -17.03 -0.10 -35.18
C TYR D 134 -17.74 -0.74 -33.99
N LYS D 135 -16.94 -1.19 -33.03
CA LYS D 135 -17.44 -1.81 -31.81
C LYS D 135 -17.08 -0.93 -30.62
N ILE D 136 -18.08 -0.62 -29.80
CA ILE D 136 -17.91 0.32 -28.69
C ILE D 136 -17.40 -0.43 -27.48
N ILE D 137 -16.34 0.09 -26.86
CA ILE D 137 -15.78 -0.45 -25.62
C ILE D 137 -16.06 0.57 -24.51
N ILE D 138 -16.62 0.08 -23.41
CA ILE D 138 -17.02 0.93 -22.30
C ILE D 138 -16.18 0.59 -21.09
N LEU D 139 -15.56 1.61 -20.50
CA LEU D 139 -14.79 1.47 -19.27
C LEU D 139 -15.52 2.23 -18.16
N ASP D 140 -15.79 1.54 -17.07
CA ASP D 140 -16.47 2.15 -15.92
C ASP D 140 -15.46 2.47 -14.83
N GLU D 141 -15.71 3.58 -14.13
CA GLU D 141 -14.81 4.07 -13.09
C GLU D 141 -13.41 4.29 -13.64
N ALA D 142 -13.34 4.97 -14.79
CA ALA D 142 -12.05 5.22 -15.43
C ALA D 142 -11.18 6.17 -14.61
N ASP D 143 -11.80 7.02 -13.79
CA ASP D 143 -11.02 7.98 -13.00
C ASP D 143 -10.18 7.28 -11.94
N SER D 144 -10.53 6.07 -11.54
CA SER D 144 -9.76 5.35 -10.54
C SER D 144 -8.44 4.81 -11.09
N MET D 145 -8.26 4.79 -12.40
CA MET D 145 -7.03 4.30 -12.99
C MET D 145 -5.87 5.22 -12.65
N THR D 146 -4.68 4.62 -12.55
CA THR D 146 -3.47 5.40 -12.35
C THR D 146 -3.06 6.09 -13.66
N ALA D 147 -2.06 6.97 -13.56
CA ALA D 147 -1.59 7.68 -14.73
C ALA D 147 -0.99 6.72 -15.77
N ASP D 148 -0.22 5.74 -15.30
CA ASP D 148 0.37 4.77 -16.22
C ASP D 148 -0.70 3.92 -16.89
N ALA D 149 -1.72 3.52 -16.14
CA ALA D 149 -2.82 2.75 -16.71
C ALA D 149 -3.55 3.55 -17.78
N GLN D 150 -3.78 4.84 -17.53
CA GLN D 150 -4.46 5.67 -18.51
C GLN D 150 -3.59 5.91 -19.74
N SER D 151 -2.28 6.04 -19.56
CA SER D 151 -1.39 6.18 -20.71
C SER D 151 -1.40 4.91 -21.56
N ALA D 152 -1.36 3.75 -20.92
CA ALA D 152 -1.46 2.50 -21.67
C ALA D 152 -2.81 2.38 -22.37
N LEU D 153 -3.87 2.83 -21.72
CA LEU D 153 -5.19 2.83 -22.35
C LEU D 153 -5.21 3.74 -23.57
N ARG D 154 -4.54 4.89 -23.48
CA ARG D 154 -4.46 5.79 -24.63
C ARG D 154 -3.68 5.14 -25.77
N ARG D 155 -2.59 4.44 -25.44
CA ARG D 155 -1.85 3.70 -26.46
C ARG D 155 -2.74 2.67 -27.14
N THR D 156 -3.49 1.91 -26.35
CA THR D 156 -4.39 0.91 -26.92
C THR D 156 -5.47 1.56 -27.78
N MET D 157 -6.00 2.69 -27.33
CA MET D 157 -7.04 3.40 -28.06
C MET D 157 -6.53 3.88 -29.41
N GLU D 158 -5.32 4.45 -29.45
CA GLU D 158 -4.76 4.90 -30.72
C GLU D 158 -4.33 3.75 -31.60
N THR D 159 -3.98 2.60 -31.01
CA THR D 159 -3.61 1.44 -31.82
C THR D 159 -4.80 0.89 -32.59
N TYR D 160 -5.94 0.72 -31.91
CA TYR D 160 -7.13 0.12 -32.49
C TYR D 160 -8.22 1.16 -32.74
N SER D 161 -7.82 2.40 -33.02
CA SER D 161 -8.80 3.47 -33.22
C SER D 161 -9.65 3.26 -34.46
N GLY D 162 -9.21 2.39 -35.38
CA GLY D 162 -9.97 2.21 -36.61
C GLY D 162 -11.32 1.55 -36.41
N VAL D 163 -11.38 0.56 -35.53
CA VAL D 163 -12.56 -0.30 -35.41
C VAL D 163 -13.20 -0.24 -34.03
N THR D 164 -12.62 0.49 -33.07
CA THR D 164 -13.21 0.58 -31.74
C THR D 164 -13.29 2.04 -31.31
N ARG D 165 -14.40 2.38 -30.67
CA ARG D 165 -14.60 3.68 -30.04
C ARG D 165 -14.76 3.48 -28.55
N PHE D 166 -14.02 4.25 -27.76
CA PHE D 166 -13.99 4.09 -26.31
C PHE D 166 -14.93 5.09 -25.65
N CYS D 167 -15.64 4.62 -24.62
CA CYS D 167 -16.45 5.48 -23.77
C CYS D 167 -15.99 5.30 -22.34
N LEU D 168 -15.52 6.38 -21.73
CA LEU D 168 -15.02 6.34 -20.36
C LEU D 168 -16.07 6.94 -19.43
N ILE D 169 -16.45 6.20 -18.40
CA ILE D 169 -17.43 6.64 -17.42
C ILE D 169 -16.70 6.90 -16.12
N CYS D 170 -16.85 8.10 -15.58
CA CYS D 170 -16.14 8.50 -14.37
C CYS D 170 -16.95 9.56 -13.65
N ASN D 171 -16.60 9.78 -12.38
CA ASN D 171 -17.24 10.82 -11.60
C ASN D 171 -16.52 12.15 -11.70
N TYR D 172 -15.19 12.13 -11.83
CA TYR D 172 -14.39 13.34 -11.89
C TYR D 172 -13.55 13.31 -13.16
N VAL D 173 -13.76 14.31 -14.03
CA VAL D 173 -12.98 14.41 -15.26
C VAL D 173 -11.55 14.86 -14.98
N THR D 174 -11.31 15.56 -13.88
CA THR D 174 -9.98 16.06 -13.56
C THR D 174 -9.03 14.95 -13.15
N ARG D 175 -9.53 13.76 -12.83
CA ARG D 175 -8.68 12.62 -12.51
C ARG D 175 -8.15 11.91 -13.75
N ILE D 176 -8.59 12.32 -14.94
CA ILE D 176 -8.14 11.72 -16.19
C ILE D 176 -7.02 12.58 -16.76
N ILE D 177 -5.93 11.93 -17.17
CA ILE D 177 -4.76 12.66 -17.65
C ILE D 177 -5.11 13.47 -18.89
N ASP D 178 -4.31 14.51 -19.13
CA ASP D 178 -4.54 15.40 -20.26
C ASP D 178 -4.47 14.68 -21.61
N PRO D 179 -3.45 13.86 -21.90
CA PRO D 179 -3.42 13.20 -23.22
C PRO D 179 -4.64 12.33 -23.48
N LEU D 180 -5.16 11.64 -22.47
CA LEU D 180 -6.33 10.80 -22.67
C LEU D 180 -7.60 11.62 -22.80
N ALA D 181 -7.73 12.68 -22.00
CA ALA D 181 -8.92 13.51 -22.04
C ALA D 181 -9.04 14.29 -23.33
N SER D 182 -7.91 14.65 -23.96
CA SER D 182 -7.96 15.42 -25.19
C SER D 182 -8.60 14.62 -26.33
N ARG D 183 -8.40 13.31 -26.34
CA ARG D 183 -8.91 12.46 -27.41
C ARG D 183 -10.41 12.23 -27.34
N CYS D 184 -11.05 12.57 -26.21
CA CYS D 184 -12.44 12.22 -25.98
C CYS D 184 -13.30 13.48 -25.88
N SER D 185 -14.42 13.48 -26.60
CA SER D 185 -15.44 14.50 -26.38
C SER D 185 -16.12 14.26 -25.03
N LYS D 186 -16.38 15.34 -24.31
CA LYS D 186 -16.81 15.25 -22.93
C LYS D 186 -18.26 15.65 -22.79
N PHE D 187 -19.02 14.86 -22.04
CA PHE D 187 -20.44 15.10 -21.79
C PHE D 187 -20.64 15.19 -20.29
N ARG D 188 -21.13 16.34 -19.84
CA ARG D 188 -21.32 16.59 -18.41
C ARG D 188 -22.76 16.30 -18.03
N PHE D 189 -22.95 15.42 -17.07
CA PHE D 189 -24.27 15.05 -16.58
C PHE D 189 -24.57 15.81 -15.30
N LYS D 190 -25.67 16.54 -15.28
CA LYS D 190 -26.06 17.29 -14.10
C LYS D 190 -26.59 16.34 -13.02
N ALA D 191 -26.35 16.71 -11.76
CA ALA D 191 -26.89 15.94 -10.65
C ALA D 191 -28.41 15.98 -10.68
N LEU D 192 -29.02 14.83 -10.40
CA LEU D 192 -30.47 14.73 -10.47
C LEU D 192 -31.12 15.59 -9.39
N ASP D 193 -32.15 16.33 -9.77
CA ASP D 193 -32.95 17.06 -8.80
C ASP D 193 -33.65 16.06 -7.89
N ALA D 194 -33.74 16.42 -6.60
CA ALA D 194 -34.36 15.52 -5.63
C ALA D 194 -35.78 15.14 -6.04
N SER D 195 -36.49 16.07 -6.67
CA SER D 195 -37.84 15.76 -7.15
C SER D 195 -37.81 14.67 -8.22
N ASN D 196 -36.88 14.78 -9.17
CA ASN D 196 -36.79 13.77 -10.22
C ASN D 196 -36.41 12.41 -9.65
N ALA D 197 -35.45 12.38 -8.72
CA ALA D 197 -35.03 11.11 -8.13
C ALA D 197 -36.16 10.48 -7.33
N ILE D 198 -36.87 11.28 -6.52
CA ILE D 198 -37.95 10.73 -5.74
C ILE D 198 -39.09 10.27 -6.64
N ASP D 199 -39.34 10.97 -7.74
CA ASP D 199 -40.37 10.53 -8.68
C ASP D 199 -39.99 9.21 -9.33
N ARG D 200 -38.72 9.06 -9.70
CA ARG D 200 -38.27 7.79 -10.27
C ARG D 200 -38.39 6.65 -9.27
N LEU D 201 -38.00 6.90 -8.03
CA LEU D 201 -38.12 5.87 -6.99
C LEU D 201 -39.58 5.51 -6.74
N ARG D 202 -40.45 6.52 -6.71
CA ARG D 202 -41.88 6.25 -6.51
C ARG D 202 -42.46 5.45 -7.65
N PHE D 203 -42.07 5.77 -8.88
CA PHE D 203 -42.55 5.00 -10.03
C PHE D 203 -42.07 3.55 -9.95
N ILE D 204 -40.80 3.35 -9.58
CA ILE D 204 -40.28 1.99 -9.44
C ILE D 204 -41.03 1.23 -8.35
N SER D 205 -41.28 1.89 -7.21
CA SER D 205 -41.99 1.23 -6.12
C SER D 205 -43.41 0.87 -6.50
N GLU D 206 -44.11 1.79 -7.20
CA GLU D 206 -45.47 1.50 -7.62
C GLU D 206 -45.51 0.37 -8.66
N GLN D 207 -44.52 0.34 -9.56
CA GLN D 207 -44.48 -0.73 -10.54
C GLN D 207 -44.27 -2.09 -9.89
N GLU D 208 -43.44 -2.15 -8.86
CA GLU D 208 -43.11 -3.40 -8.18
C GLU D 208 -44.01 -3.67 -6.97
N ASN D 209 -45.01 -2.83 -6.73
CA ASN D 209 -45.95 -3.00 -5.64
C ASN D 209 -45.22 -3.08 -4.29
N VAL D 210 -44.55 -1.98 -3.96
CA VAL D 210 -43.79 -1.87 -2.71
C VAL D 210 -44.51 -0.87 -1.83
N LYS D 211 -44.91 -1.32 -0.64
CA LYS D 211 -45.60 -0.47 0.33
C LYS D 211 -44.56 0.29 1.14
N CYS D 212 -44.71 1.61 1.20
CA CYS D 212 -43.77 2.46 1.91
C CYS D 212 -44.52 3.48 2.75
N ASP D 213 -44.00 3.75 3.94
CA ASP D 213 -44.56 4.78 4.80
C ASP D 213 -44.17 6.16 4.28
N ASP D 214 -44.58 7.19 5.01
CA ASP D 214 -44.25 8.55 4.63
C ASP D 214 -42.77 8.82 4.87
N GLY D 215 -42.09 9.38 3.87
CA GLY D 215 -40.70 9.73 3.99
C GLY D 215 -39.72 8.59 3.86
N VAL D 216 -40.19 7.38 3.49
CA VAL D 216 -39.28 6.26 3.33
C VAL D 216 -38.39 6.45 2.10
N LEU D 217 -38.98 6.87 0.98
CA LEU D 217 -38.21 7.13 -0.22
C LEU D 217 -37.26 8.31 -0.02
N GLU D 218 -37.72 9.35 0.70
CA GLU D 218 -36.85 10.47 1.01
C GLU D 218 -35.69 10.03 1.88
N ARG D 219 -35.95 9.15 2.85
CA ARG D 219 -34.87 8.62 3.68
C ARG D 219 -33.90 7.79 2.85
N ILE D 220 -34.41 7.01 1.89
CA ILE D 220 -33.55 6.22 1.03
C ILE D 220 -32.63 7.13 0.22
N LEU D 221 -33.20 8.19 -0.34
CA LEU D 221 -32.40 9.14 -1.11
C LEU D 221 -31.36 9.83 -0.23
N ASP D 222 -31.75 10.21 0.99
CA ASP D 222 -30.82 10.86 1.90
C ASP D 222 -29.66 9.92 2.26
N ILE D 223 -29.96 8.66 2.50
CA ILE D 223 -28.91 7.68 2.81
C ILE D 223 -28.00 7.50 1.60
N SER D 224 -28.58 7.43 0.41
CA SER D 224 -27.80 7.25 -0.81
C SER D 224 -27.11 8.53 -1.27
N ALA D 225 -27.38 9.66 -0.61
CA ALA D 225 -26.78 10.95 -0.98
C ALA D 225 -27.11 11.33 -2.43
N GLY D 226 -28.35 11.05 -2.84
CA GLY D 226 -28.80 11.37 -4.18
C GLY D 226 -28.41 10.38 -5.25
N ASP D 227 -27.55 9.41 -4.92
CA ASP D 227 -27.17 8.38 -5.88
C ASP D 227 -28.37 7.50 -6.18
N LEU D 228 -28.89 7.59 -7.41
CA LEU D 228 -30.08 6.83 -7.75
C LEU D 228 -29.79 5.34 -7.86
N ARG D 229 -28.55 4.97 -8.23
CA ARG D 229 -28.19 3.56 -8.26
C ARG D 229 -28.28 2.95 -6.86
N ARG D 230 -27.64 3.60 -5.89
CA ARG D 230 -27.69 3.10 -4.51
C ARG D 230 -29.10 3.18 -3.97
N GLY D 231 -29.87 4.19 -4.36
CA GLY D 231 -31.25 4.28 -3.92
C GLY D 231 -32.10 3.14 -4.43
N ILE D 232 -31.94 2.78 -5.70
CA ILE D 232 -32.68 1.66 -6.26
C ILE D 232 -32.26 0.35 -5.60
N THR D 233 -30.95 0.16 -5.39
CA THR D 233 -30.49 -1.05 -4.73
C THR D 233 -31.06 -1.16 -3.32
N LEU D 234 -31.06 -0.05 -2.57
CA LEU D 234 -31.58 -0.06 -1.22
C LEU D 234 -33.10 -0.30 -1.22
N LEU D 235 -33.81 0.26 -2.19
CA LEU D 235 -35.25 0.02 -2.27
C LEU D 235 -35.53 -1.45 -2.55
N GLN D 236 -34.76 -2.07 -3.44
CA GLN D 236 -34.96 -3.49 -3.71
C GLN D 236 -34.65 -4.33 -2.48
N SER D 237 -33.58 -3.98 -1.75
CA SER D 237 -33.27 -4.71 -0.53
C SER D 237 -34.37 -4.55 0.52
N ALA D 238 -34.93 -3.34 0.64
CA ALA D 238 -36.03 -3.13 1.57
C ALA D 238 -37.26 -3.93 1.17
N SER D 239 -37.54 -4.00 -0.13
CA SER D 239 -38.66 -4.81 -0.59
C SER D 239 -38.45 -6.29 -0.26
N LYS D 240 -37.23 -6.79 -0.47
CA LYS D 240 -36.93 -8.17 -0.12
C LYS D 240 -37.10 -8.41 1.38
N GLY D 241 -36.63 -7.47 2.19
CA GLY D 241 -36.81 -7.60 3.63
C GLY D 241 -38.26 -7.58 4.05
N ALA D 242 -39.07 -6.74 3.41
CA ALA D 242 -40.50 -6.71 3.69
C ALA D 242 -41.17 -8.03 3.31
N GLN D 243 -40.75 -8.61 2.18
CA GLN D 243 -41.26 -9.93 1.81
C GLN D 243 -40.86 -10.98 2.84
N TYR D 244 -39.64 -10.91 3.34
CA TYR D 244 -39.21 -11.85 4.37
C TYR D 244 -40.02 -11.69 5.65
N LEU D 245 -40.33 -10.44 6.02
CA LEU D 245 -41.11 -10.21 7.22
C LEU D 245 -42.50 -10.85 7.12
N GLY D 246 -43.15 -10.70 5.97
CA GLY D 246 -44.39 -11.39 5.69
C GLY D 246 -45.63 -10.78 6.28
N ASP D 247 -45.51 -9.76 7.13
CA ASP D 247 -46.68 -9.16 7.75
C ASP D 247 -47.49 -8.31 6.78
N GLY D 248 -46.94 -7.95 5.63
CA GLY D 248 -47.65 -7.12 4.68
C GLY D 248 -47.73 -5.66 5.04
N LYS D 249 -47.03 -5.23 6.10
CA LYS D 249 -47.06 -3.84 6.52
C LYS D 249 -46.11 -3.01 5.67
N ASN D 250 -46.26 -1.69 5.76
CA ASN D 250 -45.43 -0.78 5.00
C ASN D 250 -43.99 -0.80 5.49
N ILE D 251 -43.05 -0.62 4.55
CA ILE D 251 -41.64 -0.48 4.91
C ILE D 251 -41.45 0.81 5.68
N THR D 252 -40.67 0.75 6.75
CA THR D 252 -40.44 1.90 7.61
C THR D 252 -38.98 2.37 7.48
N SER D 253 -38.75 3.59 7.97
CA SER D 253 -37.42 4.20 7.85
C SER D 253 -36.38 3.41 8.63
N THR D 254 -36.75 2.86 9.78
CA THR D 254 -35.80 2.10 10.58
C THR D 254 -35.29 0.88 9.83
N GLN D 255 -36.15 0.25 9.02
CA GLN D 255 -35.73 -0.93 8.28
C GLN D 255 -34.66 -0.58 7.24
N VAL D 256 -34.87 0.51 6.49
CA VAL D 256 -33.87 0.89 5.49
C VAL D 256 -32.59 1.39 6.17
N GLU D 257 -32.72 2.05 7.33
CA GLU D 257 -31.53 2.45 8.08
C GLU D 257 -30.74 1.23 8.52
N GLU D 258 -31.43 0.19 8.99
CA GLU D 258 -30.76 -1.05 9.37
C GLU D 258 -30.09 -1.70 8.17
N LEU D 259 -30.77 -1.71 7.02
CA LEU D 259 -30.21 -2.36 5.83
C LEU D 259 -28.99 -1.61 5.32
N ALA D 260 -28.99 -0.29 5.44
CA ALA D 260 -27.87 0.52 4.96
C ALA D 260 -26.74 0.65 5.98
N GLY D 261 -26.89 0.06 7.16
CA GLY D 261 -25.88 0.22 8.21
C GLY D 261 -25.78 1.64 8.74
N VAL D 262 -26.92 2.28 8.99
CA VAL D 262 -26.97 3.66 9.46
C VAL D 262 -27.42 3.66 10.91
N VAL D 263 -26.65 4.30 11.77
CA VAL D 263 -26.99 4.38 13.20
C VAL D 263 -28.28 5.17 13.36
N PRO D 264 -29.20 4.74 14.22
CA PRO D 264 -30.43 5.51 14.43
C PRO D 264 -30.14 6.90 14.98
N HIS D 265 -31.02 7.84 14.64
CA HIS D 265 -30.81 9.22 15.06
C HIS D 265 -30.87 9.37 16.57
N ASP D 266 -31.63 8.53 17.25
CA ASP D 266 -31.72 8.62 18.71
C ASP D 266 -30.37 8.31 19.36
N ILE D 267 -29.67 7.29 18.86
CA ILE D 267 -28.36 6.97 19.41
C ILE D 267 -27.37 8.10 19.13
N LEU D 268 -27.45 8.70 17.94
CA LEU D 268 -26.58 9.83 17.63
C LEU D 268 -26.86 11.02 18.56
N ILE D 269 -28.13 11.29 18.83
CA ILE D 269 -28.47 12.38 19.75
C ILE D 269 -27.95 12.08 21.16
N GLU D 270 -28.05 10.81 21.58
CA GLU D 270 -27.52 10.44 22.89
C GLU D 270 -26.00 10.62 22.93
N ILE D 271 -25.31 10.26 21.85
CA ILE D 271 -23.87 10.49 21.77
C ILE D 271 -23.55 11.97 21.87
N VAL D 272 -24.33 12.79 21.17
CA VAL D 272 -24.11 14.25 21.19
C VAL D 272 -24.32 14.79 22.61
N GLU D 273 -25.36 14.33 23.30
CA GLU D 273 -25.60 14.79 24.66
C GLU D 273 -24.49 14.35 25.60
N LYS D 274 -24.01 13.11 25.45
CA LYS D 274 -22.91 12.64 26.28
C LYS D 274 -21.65 13.45 26.04
N VAL D 275 -21.39 13.82 24.78
CA VAL D 275 -20.25 14.69 24.48
C VAL D 275 -20.44 16.05 25.11
N LYS D 276 -21.67 16.59 25.04
CA LYS D 276 -21.93 17.92 25.58
C LYS D 276 -21.73 17.96 27.09
N SER D 277 -22.16 16.91 27.80
CA SER D 277 -21.98 16.89 29.25
C SER D 277 -20.50 16.92 29.62
N GLY D 278 -19.67 16.18 28.90
CA GLY D 278 -18.24 16.28 29.03
C GLY D 278 -17.58 15.37 30.04
N ASP D 279 -18.34 14.60 30.80
CA ASP D 279 -17.74 13.69 31.78
C ASP D 279 -17.03 12.56 31.05
N PHE D 280 -15.76 12.33 31.41
CA PHE D 280 -14.99 11.28 30.76
C PHE D 280 -15.57 9.91 31.06
N ASP D 281 -15.92 9.64 32.32
CA ASP D 281 -16.42 8.33 32.69
C ASP D 281 -17.75 8.03 32.02
N GLU D 282 -18.65 9.01 31.95
CA GLU D 282 -19.93 8.80 31.30
C GLU D 282 -19.74 8.49 29.82
N ILE D 283 -18.86 9.23 29.15
CA ILE D 283 -18.60 8.99 27.74
C ILE D 283 -18.01 7.60 27.53
N LYS D 284 -17.05 7.22 28.38
CA LYS D 284 -16.43 5.90 28.24
C LYS D 284 -17.45 4.79 28.45
N LYS D 285 -18.32 4.94 29.46
CA LYS D 285 -19.36 3.95 29.70
C LYS D 285 -20.32 3.85 28.53
N TYR D 286 -20.73 5.00 27.99
CA TYR D 286 -21.65 4.98 26.86
C TYR D 286 -21.02 4.35 25.63
N VAL D 287 -19.74 4.63 25.38
CA VAL D 287 -19.08 4.03 24.23
C VAL D 287 -18.93 2.52 24.41
N ASN D 288 -18.62 2.09 25.63
CA ASN D 288 -18.55 0.66 25.89
C ASN D 288 -19.89 -0.01 25.65
N THR D 289 -20.98 0.60 26.10
CA THR D 289 -22.30 0.06 25.84
C THR D 289 -22.61 0.06 24.35
N PHE D 290 -22.21 1.12 23.65
CA PHE D 290 -22.55 1.27 22.24
C PHE D 290 -21.83 0.25 21.37
N MET D 291 -20.57 -0.06 21.69
CA MET D 291 -19.83 -1.03 20.88
C MET D 291 -20.43 -2.42 20.95
N LYS D 292 -21.27 -2.70 21.95
CA LYS D 292 -21.91 -3.99 22.05
C LYS D 292 -23.08 -4.15 21.09
N SER D 293 -23.62 -3.05 20.56
CA SER D 293 -24.75 -3.14 19.64
C SER D 293 -24.32 -3.47 18.21
N GLY D 294 -23.03 -3.37 17.89
CA GLY D 294 -22.54 -3.74 16.60
C GLY D 294 -22.60 -2.67 15.52
N TRP D 295 -23.10 -1.48 15.85
CA TRP D 295 -23.14 -0.41 14.87
C TRP D 295 -21.73 -0.05 14.41
N SER D 296 -21.60 0.25 13.12
CA SER D 296 -20.30 0.56 12.56
C SER D 296 -19.81 1.91 13.06
N ALA D 297 -18.54 1.97 13.46
CA ALA D 297 -17.98 3.22 13.95
C ALA D 297 -17.82 4.25 12.83
N ALA D 298 -17.53 3.79 11.62
CA ALA D 298 -17.40 4.72 10.49
C ALA D 298 -18.70 5.44 10.22
N SER D 299 -19.83 4.73 10.33
CA SER D 299 -21.13 5.38 10.17
C SER D 299 -21.35 6.42 11.26
N VAL D 300 -20.91 6.13 12.48
CA VAL D 300 -21.04 7.10 13.57
C VAL D 300 -20.23 8.35 13.28
N VAL D 301 -19.00 8.16 12.79
CA VAL D 301 -18.15 9.31 12.47
C VAL D 301 -18.77 10.14 11.36
N ASN D 302 -19.28 9.47 10.32
CA ASN D 302 -19.91 10.18 9.21
C ASN D 302 -21.13 10.97 9.67
N GLN D 303 -21.97 10.36 10.50
CA GLN D 303 -23.18 11.05 10.96
C GLN D 303 -22.84 12.16 11.94
N LEU D 304 -21.80 11.99 12.75
CA LEU D 304 -21.35 13.07 13.62
C LEU D 304 -20.85 14.25 12.80
N HIS D 305 -20.09 13.98 11.74
CA HIS D 305 -19.66 15.04 10.85
C HIS D 305 -20.85 15.77 10.24
N GLU D 306 -21.83 15.01 9.75
CA GLU D 306 -23.00 15.61 9.13
C GLU D 306 -23.78 16.45 10.14
N TYR D 307 -23.91 15.96 11.37
CA TYR D 307 -24.66 16.70 12.39
C TYR D 307 -23.94 17.98 12.80
N TYR D 308 -22.65 17.89 13.09
CA TYR D 308 -21.94 19.03 13.65
C TYR D 308 -21.63 20.10 12.60
N ILE D 309 -21.21 19.69 11.40
CA ILE D 309 -20.80 20.67 10.40
C ILE D 309 -21.98 21.54 9.96
N THR D 310 -23.14 20.93 9.74
CA THR D 310 -24.31 21.64 9.24
C THR D 310 -25.22 22.14 10.36
N ASN D 311 -24.68 22.38 11.55
CA ASN D 311 -25.47 22.81 12.69
C ASN D 311 -25.19 24.28 12.97
N ASP D 312 -26.25 25.07 13.12
CA ASP D 312 -26.13 26.51 13.31
C ASP D 312 -25.90 26.90 14.76
N ASN D 313 -25.84 25.94 15.68
CA ASN D 313 -25.63 26.23 17.09
C ASN D 313 -24.16 26.18 17.50
N PHE D 314 -23.25 26.00 16.55
CA PHE D 314 -21.83 25.95 16.84
C PHE D 314 -21.11 27.02 16.04
N ASP D 315 -20.17 27.71 16.69
CA ASP D 315 -19.47 28.82 16.07
C ASP D 315 -18.37 28.30 15.12
N THR D 316 -17.65 29.25 14.52
CA THR D 316 -16.66 28.89 13.50
C THR D 316 -15.48 28.12 14.10
N ASN D 317 -15.01 28.53 15.27
CA ASN D 317 -13.84 27.89 15.87
C ASN D 317 -14.13 26.43 16.22
N PHE D 318 -15.32 26.17 16.76
CA PHE D 318 -15.69 24.79 17.10
C PHE D 318 -15.68 23.91 15.86
N LYS D 319 -16.23 24.40 14.76
CA LYS D 319 -16.26 23.60 13.53
C LYS D 319 -14.86 23.44 12.95
N ASN D 320 -14.04 24.49 13.04
CA ASN D 320 -12.66 24.38 12.58
C ASN D 320 -11.91 23.29 13.31
N GLN D 321 -12.09 23.20 14.63
CA GLN D 321 -11.41 22.17 15.39
C GLN D 321 -12.02 20.79 15.13
N ILE D 322 -13.35 20.70 15.05
CA ILE D 322 -14.00 19.41 14.97
C ILE D 322 -13.83 18.80 13.58
N SER D 323 -13.67 19.63 12.54
CA SER D 323 -13.39 19.07 11.21
C SER D 323 -12.05 18.35 11.21
N TRP D 324 -11.03 18.94 11.83
CA TRP D 324 -9.74 18.27 11.92
C TRP D 324 -9.82 17.03 12.80
N LEU D 325 -10.59 17.10 13.90
CA LEU D 325 -10.76 15.92 14.75
C LEU D 325 -11.39 14.77 13.97
N LEU D 326 -12.47 15.05 13.25
CA LEU D 326 -13.14 14.02 12.47
C LEU D 326 -12.25 13.49 11.37
N PHE D 327 -11.48 14.38 10.73
CA PHE D 327 -10.56 13.93 9.70
C PHE D 327 -9.51 12.98 10.26
N THR D 328 -8.93 13.32 11.41
CA THR D 328 -7.93 12.45 12.01
C THR D 328 -8.54 11.10 12.39
N THR D 329 -9.73 11.12 12.99
CA THR D 329 -10.37 9.86 13.37
C THR D 329 -10.67 9.01 12.16
N ASP D 330 -11.18 9.62 11.08
CA ASP D 330 -11.48 8.87 9.86
C ASP D 330 -10.21 8.31 9.24
N SER D 331 -9.12 9.08 9.25
CA SER D 331 -7.87 8.59 8.70
C SER D 331 -7.35 7.39 9.50
N ARG D 332 -7.46 7.45 10.83
CA ARG D 332 -7.01 6.33 11.63
C ARG D 332 -7.92 5.11 11.48
N LEU D 333 -9.23 5.35 11.33
CA LEU D 333 -10.16 4.25 11.14
C LEU D 333 -9.94 3.55 9.80
N ASN D 334 -9.55 4.29 8.77
CA ASN D 334 -9.32 3.71 7.45
C ASN D 334 -8.10 2.80 7.42
N ASN D 335 -7.24 2.84 8.43
CA ASN D 335 -6.04 2.01 8.48
C ASN D 335 -6.31 0.62 9.03
N GLY D 336 -7.55 0.31 9.42
CA GLY D 336 -7.86 -1.00 9.96
C GLY D 336 -7.47 -1.12 11.42
N THR D 337 -7.96 -0.19 12.23
CA THR D 337 -7.63 -0.13 13.65
C THR D 337 -8.83 -0.56 14.48
N ASN D 338 -8.66 -0.50 15.80
CA ASN D 338 -9.70 -0.88 16.74
C ASN D 338 -10.76 0.22 16.79
N GLU D 339 -12.01 -0.14 16.47
CA GLU D 339 -13.07 0.86 16.41
C GLU D 339 -13.35 1.47 17.77
N HIS D 340 -13.31 0.65 18.82
CA HIS D 340 -13.64 1.14 20.16
C HIS D 340 -12.70 2.25 20.59
N ILE D 341 -11.39 2.03 20.43
CA ILE D 341 -10.40 3.02 20.86
C ILE D 341 -10.56 4.31 20.07
N GLN D 342 -10.68 4.19 18.74
CA GLN D 342 -10.80 5.38 17.91
C GLN D 342 -12.06 6.18 18.23
N LEU D 343 -13.19 5.49 18.40
CA LEU D 343 -14.43 6.18 18.71
C LEU D 343 -14.37 6.85 20.06
N LEU D 344 -13.79 6.17 21.06
CA LEU D 344 -13.67 6.77 22.38
C LEU D 344 -12.77 8.00 22.34
N ASN D 345 -11.65 7.92 21.63
CA ASN D 345 -10.75 9.07 21.52
C ASN D 345 -11.44 10.23 20.82
N LEU D 346 -12.18 9.95 19.74
CA LEU D 346 -12.88 11.01 19.03
C LEU D 346 -13.91 11.68 19.92
N LEU D 347 -14.72 10.89 20.62
CA LEU D 347 -15.77 11.47 21.45
C LEU D 347 -15.19 12.23 22.64
N VAL D 348 -14.07 11.76 23.19
CA VAL D 348 -13.45 12.48 24.30
C VAL D 348 -12.85 13.80 23.81
N LYS D 349 -12.26 13.81 22.63
CA LYS D 349 -11.66 15.04 22.11
C LYS D 349 -12.71 16.09 21.81
N ILE D 350 -13.87 15.69 21.28
CA ILE D 350 -14.92 16.65 20.96
C ILE D 350 -15.49 17.26 22.24
N SER D 351 -15.59 16.48 23.30
CA SER D 351 -16.17 16.98 24.55
C SER D 351 -15.29 18.04 25.19
N GLN D 352 -14.02 18.14 24.80
CA GLN D 352 -13.10 19.14 25.32
C GLN D 352 -13.08 20.42 24.48
N LEU D 353 -13.87 20.48 23.41
CA LEU D 353 -13.91 21.66 22.57
C LEU D 353 -14.79 22.75 23.18
N LEU E 3 -16.96 -29.36 27.22
CA LEU E 3 -17.21 -28.06 27.84
C LEU E 3 -18.67 -27.67 27.67
N TRP E 4 -19.19 -26.90 28.63
CA TRP E 4 -20.60 -26.51 28.59
C TRP E 4 -20.87 -25.53 27.46
N VAL E 5 -19.87 -24.76 27.06
CA VAL E 5 -20.07 -23.81 25.96
C VAL E 5 -20.35 -24.55 24.66
N ASP E 6 -19.73 -25.72 24.46
CA ASP E 6 -19.95 -26.52 23.26
C ASP E 6 -21.06 -27.54 23.43
N LYS E 7 -21.25 -28.05 24.65
CA LYS E 7 -22.26 -29.07 24.87
C LYS E 7 -23.67 -28.52 24.61
N TYR E 8 -23.92 -27.28 25.02
CA TYR E 8 -25.24 -26.68 24.93
C TYR E 8 -25.35 -25.64 23.83
N ARG E 9 -24.48 -25.69 22.83
CA ARG E 9 -24.60 -24.78 21.71
C ARG E 9 -25.86 -25.10 20.92
N PRO E 10 -26.67 -24.11 20.57
CA PRO E 10 -27.88 -24.39 19.78
C PRO E 10 -27.54 -24.97 18.42
N LYS E 11 -28.14 -26.12 18.12
CA LYS E 11 -27.93 -26.80 16.86
C LYS E 11 -29.04 -26.56 15.85
N SER E 12 -29.97 -25.65 16.15
CA SER E 12 -31.06 -25.35 15.23
C SER E 12 -31.56 -23.94 15.49
N LEU E 13 -32.31 -23.41 14.53
CA LEU E 13 -32.89 -22.08 14.70
C LEU E 13 -33.89 -22.03 15.83
N ASN E 14 -34.55 -23.16 16.13
CA ASN E 14 -35.49 -23.20 17.24
C ASN E 14 -34.80 -23.16 18.59
N ALA E 15 -33.54 -23.57 18.66
CA ALA E 15 -32.82 -23.63 19.92
C ALA E 15 -32.18 -22.30 20.33
N LEU E 16 -32.20 -21.30 19.45
CA LEU E 16 -31.67 -19.99 19.81
C LEU E 16 -32.54 -19.34 20.88
N SER E 17 -31.91 -18.65 21.82
CA SER E 17 -32.60 -18.11 22.98
C SER E 17 -32.56 -16.59 23.08
N HIS E 18 -31.67 -15.91 22.38
CA HIS E 18 -31.56 -14.46 22.46
C HIS E 18 -31.63 -13.87 21.06
N ASN E 19 -31.99 -12.59 20.99
CA ASN E 19 -32.19 -11.86 19.74
C ASN E 19 -33.29 -12.52 18.91
N GLU E 20 -34.51 -12.47 19.47
CA GLU E 20 -35.65 -13.15 18.86
C GLU E 20 -35.94 -12.63 17.46
N GLU E 21 -35.81 -11.31 17.24
CA GLU E 21 -36.07 -10.76 15.93
C GLU E 21 -35.13 -11.32 14.88
N LEU E 22 -33.85 -11.46 15.23
CA LEU E 22 -32.89 -12.05 14.31
C LEU E 22 -33.22 -13.50 14.02
N THR E 23 -33.66 -14.25 15.04
CA THR E 23 -34.07 -15.64 14.82
C THR E 23 -35.25 -15.72 13.88
N ASN E 24 -36.24 -14.84 14.06
CA ASN E 24 -37.38 -14.82 13.15
C ASN E 24 -36.95 -14.47 11.73
N PHE E 25 -36.03 -13.52 11.59
CA PHE E 25 -35.53 -13.17 10.27
C PHE E 25 -34.82 -14.34 9.62
N LEU E 26 -34.01 -15.07 10.38
CA LEU E 26 -33.29 -16.22 9.82
C LEU E 26 -34.25 -17.34 9.46
N LYS E 27 -35.32 -17.52 10.24
CA LYS E 27 -36.32 -18.53 9.89
C LYS E 27 -36.99 -18.19 8.56
N SER E 28 -37.28 -16.91 8.32
CA SER E 28 -37.88 -16.51 7.06
C SER E 28 -36.93 -16.75 5.89
N LEU E 29 -35.63 -16.54 6.10
CA LEU E 29 -34.67 -16.76 5.02
C LEU E 29 -34.65 -18.22 4.60
N SER E 30 -34.73 -19.15 5.57
CA SER E 30 -34.75 -20.56 5.26
C SER E 30 -36.05 -21.01 4.61
N ASP E 31 -37.11 -20.19 4.67
CA ASP E 31 -38.37 -20.56 4.04
C ASP E 31 -38.29 -20.50 2.53
N GLN E 32 -37.33 -19.76 1.98
CA GLN E 32 -37.12 -19.64 0.54
C GLN E 32 -35.65 -19.96 0.25
N PRO E 33 -35.27 -21.24 0.30
CA PRO E 33 -33.86 -21.60 0.07
C PRO E 33 -33.35 -21.21 -1.30
N ARG E 34 -34.19 -21.27 -2.33
CA ARG E 34 -33.72 -21.01 -3.69
C ARG E 34 -33.22 -19.59 -3.83
N ASP E 35 -33.96 -18.62 -3.30
CA ASP E 35 -33.57 -17.21 -3.38
C ASP E 35 -32.78 -16.77 -2.15
N LEU E 36 -31.72 -17.49 -1.82
CA LEU E 36 -30.90 -17.13 -0.67
C LEU E 36 -29.90 -16.06 -1.06
N PRO E 37 -29.95 -14.88 -0.47
CA PRO E 37 -28.97 -13.84 -0.79
C PRO E 37 -27.62 -14.14 -0.13
N HIS E 38 -26.59 -13.50 -0.68
CA HIS E 38 -25.30 -13.49 0.00
C HIS E 38 -25.42 -12.71 1.30
N LEU E 39 -24.83 -13.23 2.37
CA LEU E 39 -24.98 -12.68 3.70
C LEU E 39 -23.66 -12.15 4.21
N LEU E 40 -23.69 -11.01 4.89
CA LEU E 40 -22.56 -10.47 5.62
C LEU E 40 -23.00 -10.22 7.05
N LEU E 41 -22.42 -10.96 7.98
CA LEU E 41 -22.82 -10.93 9.38
C LEU E 41 -21.75 -10.20 10.18
N TYR E 42 -22.16 -9.14 10.88
CA TYR E 42 -21.21 -8.33 11.64
C TYR E 42 -21.78 -8.05 13.03
N GLY E 43 -20.87 -7.98 14.00
CA GLY E 43 -21.23 -7.73 15.38
C GLY E 43 -20.07 -7.99 16.31
N PRO E 44 -20.28 -7.81 17.61
CA PRO E 44 -19.22 -8.09 18.58
C PRO E 44 -18.87 -9.56 18.62
N ASN E 45 -17.64 -9.84 19.05
CA ASN E 45 -17.16 -11.21 19.13
C ASN E 45 -17.95 -12.00 20.17
N GLY E 46 -18.11 -13.29 19.90
CA GLY E 46 -18.76 -14.20 20.84
C GLY E 46 -20.21 -13.88 21.12
N THR E 47 -20.97 -13.49 20.11
CA THR E 47 -22.38 -13.17 20.29
C THR E 47 -23.31 -14.22 19.69
N GLY E 48 -22.80 -15.12 18.85
CA GLY E 48 -23.62 -16.16 18.27
C GLY E 48 -23.73 -16.10 16.77
N LYS E 49 -22.79 -15.43 16.11
CA LYS E 49 -22.84 -15.31 14.65
C LYS E 49 -22.63 -16.66 13.98
N LYS E 50 -21.57 -17.37 14.37
CA LYS E 50 -21.29 -18.68 13.77
C LYS E 50 -22.38 -19.68 14.09
N THR E 51 -22.90 -19.63 15.32
CA THR E 51 -24.01 -20.50 15.70
C THR E 51 -25.22 -20.26 14.82
N ARG E 52 -25.50 -18.99 14.53
CA ARG E 52 -26.66 -18.67 13.69
C ARG E 52 -26.42 -19.07 12.24
N CYS E 53 -25.19 -18.91 11.74
CA CYS E 53 -24.87 -19.43 10.41
C CYS E 53 -25.15 -20.93 10.33
N MET E 54 -24.66 -21.69 11.32
CA MET E 54 -24.85 -23.12 11.30
C MET E 54 -26.32 -23.49 11.47
N ALA E 55 -27.06 -22.73 12.27
CA ALA E 55 -28.49 -23.01 12.44
C ALA E 55 -29.25 -22.76 11.15
N LEU E 56 -28.92 -21.69 10.42
CA LEU E 56 -29.56 -21.44 9.14
C LEU E 56 -29.21 -22.52 8.14
N LEU E 57 -27.94 -22.97 8.13
CA LEU E 57 -27.54 -24.05 7.24
C LEU E 57 -28.29 -25.33 7.57
N GLU E 58 -28.50 -25.61 8.86
CA GLU E 58 -29.26 -26.79 9.25
C GLU E 58 -30.72 -26.66 8.88
N SER E 59 -31.26 -25.43 8.94
CA SER E 59 -32.65 -25.24 8.51
C SER E 59 -32.80 -25.44 7.01
N ILE E 60 -31.79 -25.08 6.24
CA ILE E 60 -31.88 -25.23 4.79
C ILE E 60 -31.63 -26.67 4.37
N PHE E 61 -30.48 -27.23 4.75
CA PHE E 61 -30.03 -28.53 4.26
C PHE E 61 -30.39 -29.69 5.17
N GLY E 62 -30.64 -29.44 6.46
CA GLY E 62 -30.90 -30.50 7.39
C GLY E 62 -29.75 -30.73 8.36
N PRO E 63 -29.89 -31.73 9.23
CA PRO E 63 -28.85 -31.98 10.24
C PRO E 63 -27.51 -32.40 9.67
N GLY E 64 -27.44 -32.75 8.39
CA GLY E 64 -26.19 -33.19 7.79
C GLY E 64 -25.11 -32.13 7.73
N VAL E 65 -25.46 -30.87 7.95
CA VAL E 65 -24.44 -29.81 7.96
C VAL E 65 -23.48 -29.99 9.12
N TYR E 66 -23.93 -30.63 10.20
CA TYR E 66 -23.08 -30.81 11.37
C TYR E 66 -22.17 -32.02 11.27
N ARG E 67 -22.29 -32.82 10.20
CA ARG E 67 -21.36 -33.92 9.95
C ARG E 67 -20.11 -33.35 9.28
N LEU E 68 -19.38 -32.56 10.06
CA LEU E 68 -18.24 -31.82 9.54
C LEU E 68 -17.01 -32.71 9.46
N LYS E 69 -16.26 -32.57 8.37
CA LYS E 69 -14.99 -33.23 8.19
C LYS E 69 -13.98 -32.21 7.70
N ILE E 70 -12.73 -32.39 8.09
CA ILE E 70 -11.68 -31.41 7.82
C ILE E 70 -10.68 -32.00 6.84
N ASP E 71 -10.24 -31.17 5.89
CA ASP E 71 -9.29 -31.59 4.88
C ASP E 71 -8.32 -30.44 4.61
N VAL E 72 -7.16 -30.78 4.07
CA VAL E 72 -6.14 -29.80 3.72
C VAL E 72 -6.03 -29.76 2.19
N ARG E 73 -6.33 -28.59 1.62
CA ARG E 73 -6.23 -28.39 0.19
C ARG E 73 -4.93 -27.66 -0.12
N GLN E 74 -4.21 -28.15 -1.12
CA GLN E 74 -2.91 -27.61 -1.49
C GLN E 74 -3.03 -26.79 -2.77
N PHE E 75 -2.53 -25.56 -2.72
CA PHE E 75 -2.54 -24.66 -3.86
C PHE E 75 -1.12 -24.23 -4.19
N VAL E 76 -0.90 -23.83 -5.43
CA VAL E 76 0.40 -23.35 -5.88
C VAL E 76 0.23 -21.94 -6.42
N THR E 77 1.24 -21.09 -6.17
CA THR E 77 1.25 -19.71 -6.65
C THR E 77 2.38 -19.59 -7.66
N ALA E 78 2.52 -18.39 -8.25
CA ALA E 78 3.49 -18.11 -9.31
C ALA E 78 4.87 -18.69 -9.04
N SER E 79 5.48 -18.34 -7.91
CA SER E 79 6.83 -18.81 -7.63
C SER E 79 6.83 -20.14 -6.88
N ASN E 80 6.05 -21.10 -7.38
CA ASN E 80 5.99 -22.47 -6.87
C ASN E 80 6.03 -22.57 -5.35
N ARG E 81 5.29 -21.69 -4.67
CA ARG E 81 5.22 -21.72 -3.21
C ARG E 81 3.98 -22.50 -2.79
N LYS E 82 4.17 -23.77 -2.42
CA LYS E 82 3.05 -24.63 -2.04
C LYS E 82 2.39 -24.10 -0.79
N LEU E 83 1.10 -23.79 -0.88
CA LEU E 83 0.31 -23.29 0.23
C LEU E 83 -0.72 -24.34 0.63
N GLU E 84 -0.95 -24.48 1.94
CA GLU E 84 -1.93 -25.41 2.47
C GLU E 84 -2.96 -24.63 3.28
N LEU E 85 -4.23 -24.84 2.96
CA LEU E 85 -5.32 -24.19 3.65
C LEU E 85 -6.26 -25.24 4.22
N ASN E 86 -6.68 -25.05 5.46
CA ASN E 86 -7.57 -25.98 6.15
C ASN E 86 -9.01 -25.63 5.79
N VAL E 87 -9.70 -26.57 5.15
CA VAL E 87 -11.08 -26.38 4.72
C VAL E 87 -11.95 -27.36 5.48
N VAL E 88 -12.87 -26.84 6.28
CA VAL E 88 -13.86 -27.65 6.96
C VAL E 88 -15.07 -27.78 6.05
N SER E 89 -15.44 -29.02 5.72
CA SER E 89 -16.46 -29.28 4.72
C SER E 89 -17.54 -30.19 5.28
N SER E 90 -18.72 -30.09 4.70
CA SER E 90 -19.85 -30.97 4.97
C SER E 90 -20.40 -31.40 3.61
N PRO E 91 -21.33 -32.36 3.60
CA PRO E 91 -21.97 -32.73 2.33
C PRO E 91 -22.80 -31.60 1.71
N TYR E 92 -22.86 -30.45 2.39
CA TYR E 92 -23.69 -29.34 1.92
C TYR E 92 -23.00 -27.99 1.91
N HIS E 93 -21.90 -27.79 2.64
CA HIS E 93 -21.30 -26.47 2.72
C HIS E 93 -19.81 -26.58 2.96
N LEU E 94 -19.15 -25.43 2.88
CA LEU E 94 -17.72 -25.30 3.12
C LEU E 94 -17.47 -24.13 4.06
N GLU E 95 -16.41 -24.23 4.85
CA GLU E 95 -15.97 -23.16 5.73
C GLU E 95 -14.49 -22.90 5.49
N ILE E 96 -14.14 -21.64 5.26
CA ILE E 96 -12.76 -21.26 5.01
C ILE E 96 -12.42 -20.02 5.81
N THR E 97 -11.13 -19.87 6.10
CA THR E 97 -10.59 -18.69 6.77
C THR E 97 -9.42 -18.19 5.94
N PRO E 98 -9.70 -17.50 4.84
CA PRO E 98 -8.61 -17.09 3.93
C PRO E 98 -7.60 -16.16 4.55
N SER E 99 -7.95 -15.49 5.65
CA SER E 99 -6.99 -14.62 6.33
C SER E 99 -5.83 -15.40 6.91
N ASP E 100 -5.97 -16.72 7.07
CA ASP E 100 -4.86 -17.54 7.53
C ASP E 100 -3.72 -17.58 6.52
N MET E 101 -3.99 -17.28 5.26
CA MET E 101 -2.98 -17.31 4.21
C MET E 101 -2.27 -15.98 4.02
N GLY E 102 -2.60 -14.97 4.82
CA GLY E 102 -1.98 -13.67 4.65
C GLY E 102 -2.41 -13.02 3.35
N ASN E 103 -1.44 -12.47 2.63
CA ASN E 103 -1.74 -11.80 1.36
C ASN E 103 -2.02 -12.78 0.23
N ASN E 104 -1.74 -14.07 0.42
CA ASN E 104 -2.02 -15.08 -0.59
C ASN E 104 -3.48 -15.53 -0.59
N ASP E 105 -4.36 -14.79 0.10
CA ASP E 105 -5.76 -15.19 0.18
C ASP E 105 -6.48 -15.04 -1.15
N ARG E 106 -6.02 -14.13 -2.01
CA ARG E 106 -6.70 -13.87 -3.26
C ARG E 106 -6.70 -15.10 -4.17
N ILE E 107 -5.52 -15.67 -4.41
CA ILE E 107 -5.42 -16.82 -5.30
C ILE E 107 -6.10 -18.04 -4.70
N VAL E 108 -5.99 -18.21 -3.38
CA VAL E 108 -6.65 -19.33 -2.72
C VAL E 108 -8.15 -19.23 -2.88
N ILE E 109 -8.71 -18.04 -2.65
CA ILE E 109 -10.15 -17.83 -2.80
C ILE E 109 -10.57 -18.11 -4.23
N GLN E 110 -9.84 -17.55 -5.20
CA GLN E 110 -10.20 -17.73 -6.60
C GLN E 110 -10.21 -19.20 -6.97
N GLU E 111 -9.12 -19.92 -6.68
CA GLU E 111 -9.01 -21.31 -7.06
C GLU E 111 -10.07 -22.16 -6.39
N LEU E 112 -10.26 -21.97 -5.08
CA LEU E 112 -11.21 -22.81 -4.36
C LEU E 112 -12.65 -22.54 -4.80
N LEU E 113 -13.01 -21.28 -4.99
CA LEU E 113 -14.37 -20.97 -5.43
C LEU E 113 -14.62 -21.47 -6.84
N LYS E 114 -13.63 -21.34 -7.73
CA LYS E 114 -13.79 -21.89 -9.07
C LYS E 114 -13.96 -23.40 -9.03
N GLU E 115 -13.17 -24.08 -8.19
CA GLU E 115 -13.30 -25.53 -8.07
C GLU E 115 -14.69 -25.92 -7.56
N VAL E 116 -15.19 -25.22 -6.55
CA VAL E 116 -16.50 -25.56 -6.00
C VAL E 116 -17.60 -25.30 -7.02
N ALA E 117 -17.51 -24.19 -7.76
CA ALA E 117 -18.51 -23.89 -8.77
C ALA E 117 -18.49 -24.93 -9.89
N GLN E 118 -17.29 -25.35 -10.32
CA GLN E 118 -17.20 -26.34 -11.38
C GLN E 118 -17.75 -27.69 -10.92
N MET E 119 -17.49 -28.07 -9.67
CA MET E 119 -17.93 -29.37 -9.18
C MET E 119 -19.44 -29.49 -9.10
N GLU E 120 -20.16 -28.37 -9.10
CA GLU E 120 -21.62 -28.41 -9.05
C GLU E 120 -22.21 -28.62 -10.44
N ARG E 134 -28.42 -27.91 -5.76
CA ARG E 134 -28.68 -26.64 -6.45
C ARG E 134 -27.52 -25.67 -6.28
N TYR E 135 -27.03 -25.53 -5.05
CA TYR E 135 -25.89 -24.68 -4.76
C TYR E 135 -25.22 -25.16 -3.49
N LYS E 136 -24.00 -24.69 -3.26
CA LYS E 136 -23.23 -25.03 -2.08
C LYS E 136 -22.80 -23.75 -1.39
N CYS E 137 -23.12 -23.66 -0.09
CA CYS E 137 -22.82 -22.45 0.67
C CYS E 137 -21.37 -22.46 1.15
N VAL E 138 -20.73 -21.30 1.04
CA VAL E 138 -19.35 -21.13 1.49
C VAL E 138 -19.36 -20.08 2.60
N ILE E 139 -18.88 -20.47 3.77
CA ILE E 139 -18.80 -19.59 4.92
C ILE E 139 -17.38 -19.08 5.04
N ILE E 140 -17.21 -17.76 5.00
CA ILE E 140 -15.91 -17.13 5.07
C ILE E 140 -15.81 -16.44 6.43
N ASN E 141 -14.89 -16.91 7.26
CA ASN E 141 -14.69 -16.35 8.59
C ASN E 141 -13.67 -15.22 8.54
N GLU E 142 -13.85 -14.25 9.45
CA GLU E 142 -12.97 -13.09 9.54
C GLU E 142 -12.89 -12.36 8.21
N ALA E 143 -14.05 -12.09 7.62
CA ALA E 143 -14.10 -11.40 6.33
C ALA E 143 -13.55 -9.99 6.40
N ASN E 144 -13.54 -9.37 7.59
CA ASN E 144 -13.04 -8.01 7.71
C ASN E 144 -11.54 -7.92 7.59
N SER E 145 -10.81 -9.02 7.81
CA SER E 145 -9.37 -9.03 7.68
C SER E 145 -8.89 -9.43 6.30
N LEU E 146 -9.80 -9.66 5.36
CA LEU E 146 -9.41 -9.97 3.99
C LEU E 146 -8.78 -8.74 3.34
N THR E 147 -7.77 -8.97 2.50
CA THR E 147 -7.16 -7.90 1.75
C THR E 147 -8.14 -7.37 0.69
N LYS E 148 -7.90 -6.12 0.27
CA LYS E 148 -8.81 -5.49 -0.68
C LYS E 148 -8.82 -6.23 -2.01
N ASP E 149 -7.67 -6.74 -2.45
CA ASP E 149 -7.64 -7.54 -3.67
C ASP E 149 -8.45 -8.82 -3.50
N ALA E 150 -8.34 -9.46 -2.33
CA ALA E 150 -9.14 -10.65 -2.06
C ALA E 150 -10.63 -10.32 -2.06
N GLN E 151 -11.00 -9.16 -1.54
CA GLN E 151 -12.40 -8.75 -1.54
C GLN E 151 -12.90 -8.48 -2.96
N ALA E 152 -12.06 -7.88 -3.81
CA ALA E 152 -12.43 -7.69 -5.21
C ALA E 152 -12.62 -9.03 -5.91
N ALA E 153 -11.71 -9.98 -5.66
CA ALA E 153 -11.87 -11.32 -6.23
C ALA E 153 -13.15 -11.98 -5.72
N LEU E 154 -13.48 -11.75 -4.46
CA LEU E 154 -14.72 -12.29 -3.91
C LEU E 154 -15.94 -11.69 -4.59
N ARG E 155 -15.90 -10.39 -4.86
CA ARG E 155 -16.99 -9.76 -5.61
C ARG E 155 -17.11 -10.33 -7.01
N ARG E 156 -15.97 -10.55 -7.68
CA ARG E 156 -16.02 -11.13 -9.01
C ARG E 156 -16.60 -12.53 -9.00
N THR E 157 -16.21 -13.33 -8.00
CA THR E 157 -16.77 -14.68 -7.90
C THR E 157 -18.26 -14.64 -7.54
N MET E 158 -18.68 -13.66 -6.75
CA MET E 158 -20.11 -13.48 -6.49
C MET E 158 -20.86 -13.19 -7.78
N GLU E 159 -20.31 -12.31 -8.62
CA GLU E 159 -20.96 -12.01 -9.89
C GLU E 159 -20.97 -13.21 -10.82
N LYS E 160 -19.88 -13.97 -10.86
CA LYS E 160 -19.74 -15.06 -11.81
C LYS E 160 -20.57 -16.28 -11.40
N TYR E 161 -20.25 -16.86 -10.24
CA TYR E 161 -20.79 -18.14 -9.83
C TYR E 161 -21.96 -18.01 -8.85
N SER E 162 -22.77 -16.96 -8.99
CA SER E 162 -23.91 -16.79 -8.10
C SER E 162 -24.93 -17.92 -8.24
N LYS E 163 -24.90 -18.63 -9.37
CA LYS E 163 -25.85 -19.72 -9.58
C LYS E 163 -25.59 -20.87 -8.61
N ASN E 164 -24.32 -21.18 -8.37
CA ASN E 164 -23.95 -22.34 -7.57
C ASN E 164 -23.30 -21.99 -6.23
N ILE E 165 -22.94 -20.72 -6.00
CA ILE E 165 -22.22 -20.31 -4.80
C ILE E 165 -23.04 -19.27 -4.07
N ARG E 166 -23.26 -19.50 -2.78
CA ARG E 166 -23.86 -18.53 -1.88
C ARG E 166 -22.92 -18.29 -0.73
N LEU E 167 -22.54 -17.03 -0.52
CA LEU E 167 -21.51 -16.67 0.45
C LEU E 167 -22.15 -16.20 1.74
N ILE E 168 -21.64 -16.70 2.87
CA ILE E 168 -22.03 -16.24 4.19
C ILE E 168 -20.78 -15.75 4.89
N MET E 169 -20.50 -14.46 4.80
CA MET E 169 -19.31 -13.86 5.37
C MET E 169 -19.59 -13.46 6.81
N VAL E 170 -18.63 -13.70 7.69
CA VAL E 170 -18.74 -13.36 9.11
C VAL E 170 -17.56 -12.46 9.47
N CYS E 171 -17.85 -11.33 10.12
CA CYS E 171 -16.81 -10.39 10.51
C CYS E 171 -17.27 -9.68 11.79
N ASP E 172 -16.31 -9.07 12.47
CA ASP E 172 -16.64 -8.33 13.69
C ASP E 172 -16.92 -6.86 13.42
N SER E 173 -16.34 -6.30 12.37
CA SER E 173 -16.59 -4.92 11.96
C SER E 173 -16.79 -4.87 10.45
N MET E 174 -17.83 -4.17 10.02
CA MET E 174 -18.15 -4.07 8.61
C MET E 174 -17.38 -2.97 7.89
N SER E 175 -16.69 -2.09 8.63
CA SER E 175 -15.97 -1.00 7.99
C SER E 175 -14.87 -1.47 7.04
N PRO E 176 -14.01 -2.42 7.39
CA PRO E 176 -12.98 -2.84 6.42
C PRO E 176 -13.54 -3.47 5.16
N ILE E 177 -14.79 -3.91 5.18
CA ILE E 177 -15.42 -4.46 3.97
C ILE E 177 -15.58 -3.36 2.94
N ILE E 178 -15.24 -3.67 1.69
CA ILE E 178 -15.33 -2.68 0.62
C ILE E 178 -16.78 -2.42 0.26
N ALA E 179 -17.04 -1.22 -0.25
CA ALA E 179 -18.41 -0.86 -0.64
C ALA E 179 -19.00 -1.78 -1.71
N PRO E 180 -18.29 -2.18 -2.77
CA PRO E 180 -18.93 -3.06 -3.77
C PRO E 180 -19.47 -4.37 -3.20
N ILE E 181 -18.78 -4.94 -2.21
CA ILE E 181 -19.29 -6.16 -1.59
C ILE E 181 -20.56 -5.88 -0.80
N LYS E 182 -20.60 -4.75 -0.09
CA LYS E 182 -21.75 -4.43 0.76
C LYS E 182 -23.04 -4.33 -0.04
N SER E 183 -22.98 -3.79 -1.26
CA SER E 183 -24.19 -3.65 -2.06
C SER E 183 -24.72 -5.00 -2.52
N ARG E 184 -23.84 -5.98 -2.73
CA ARG E 184 -24.24 -7.29 -3.24
C ARG E 184 -24.62 -8.27 -2.14
N CYS E 185 -24.51 -7.89 -0.88
CA CYS E 185 -24.80 -8.78 0.23
C CYS E 185 -25.83 -8.14 1.17
N LEU E 186 -26.51 -9.00 1.92
CA LEU E 186 -27.54 -8.58 2.86
C LEU E 186 -26.87 -8.33 4.21
N LEU E 187 -26.86 -7.06 4.63
CA LEU E 187 -26.23 -6.70 5.90
C LEU E 187 -27.12 -7.12 7.06
N ILE E 188 -26.59 -7.97 7.93
CA ILE E 188 -27.31 -8.44 9.11
C ILE E 188 -26.50 -8.07 10.35
N ARG E 189 -27.15 -7.40 11.30
CA ARG E 189 -26.49 -6.89 12.49
C ARG E 189 -26.82 -7.78 13.68
N CYS E 190 -25.79 -8.17 14.42
CA CYS E 190 -25.95 -9.03 15.60
C CYS E 190 -25.49 -8.28 16.84
N PRO E 191 -26.40 -7.61 17.55
CA PRO E 191 -26.04 -7.00 18.83
C PRO E 191 -25.73 -8.07 19.86
N ALA E 192 -24.84 -7.73 20.78
CA ALA E 192 -24.52 -8.63 21.88
C ALA E 192 -25.74 -8.81 22.78
N PRO E 193 -25.94 -9.98 23.35
CA PRO E 193 -27.12 -10.19 24.20
C PRO E 193 -27.06 -9.32 25.45
N SER E 194 -28.24 -8.95 25.93
CA SER E 194 -28.33 -8.19 27.17
C SER E 194 -27.97 -9.09 28.35
N ASP E 195 -27.78 -8.45 29.51
CA ASP E 195 -27.41 -9.19 30.70
C ASP E 195 -28.51 -10.16 31.12
N SER E 196 -29.77 -9.79 30.92
CA SER E 196 -30.87 -10.70 31.27
C SER E 196 -30.85 -11.97 30.44
N GLU E 197 -30.60 -11.84 29.13
CA GLU E 197 -30.54 -13.02 28.28
C GLU E 197 -29.35 -13.91 28.64
N ILE E 198 -28.20 -13.31 28.93
CA ILE E 198 -27.04 -14.09 29.35
C ILE E 198 -27.33 -14.81 30.65
N SER E 199 -27.98 -14.12 31.59
CA SER E 199 -28.34 -14.75 32.85
C SER E 199 -29.29 -15.92 32.63
N THR E 200 -30.26 -15.76 31.72
CA THR E 200 -31.18 -16.85 31.43
C THR E 200 -30.45 -18.05 30.85
N ILE E 201 -29.51 -17.80 29.92
CA ILE E 201 -28.74 -18.89 29.32
C ILE E 201 -27.91 -19.60 30.38
N LEU E 202 -27.25 -18.85 31.25
CA LEU E 202 -26.46 -19.45 32.32
C LEU E 202 -27.34 -20.24 33.29
N SER E 203 -28.55 -19.73 33.56
CA SER E 203 -29.46 -20.46 34.42
C SER E 203 -29.87 -21.79 33.80
N ASP E 204 -30.14 -21.80 32.50
CA ASP E 204 -30.44 -23.05 31.82
C ASP E 204 -29.26 -24.01 31.90
N VAL E 205 -28.04 -23.49 31.71
CA VAL E 205 -26.86 -24.35 31.77
C VAL E 205 -26.69 -24.95 33.16
N VAL E 206 -26.85 -24.13 34.20
CA VAL E 206 -26.62 -24.64 35.55
C VAL E 206 -27.74 -25.59 35.97
N THR E 207 -28.96 -25.40 35.48
CA THR E 207 -30.01 -26.37 35.76
C THR E 207 -29.75 -27.69 35.03
N ASN E 208 -29.22 -27.61 33.81
CA ASN E 208 -28.89 -28.83 33.09
C ASN E 208 -27.74 -29.58 33.75
N GLU E 209 -26.73 -28.85 34.24
CA GLU E 209 -25.55 -29.45 34.85
C GLU E 209 -25.70 -29.68 36.35
N ARG E 210 -26.83 -29.30 36.94
CA ARG E 210 -27.09 -29.48 38.37
C ARG E 210 -26.02 -28.79 39.21
N ILE E 211 -25.98 -27.46 39.08
CA ILE E 211 -25.06 -26.62 39.83
C ILE E 211 -25.85 -25.87 40.89
N GLN E 212 -25.36 -25.90 42.12
CA GLN E 212 -26.02 -25.25 43.24
C GLN E 212 -25.71 -23.75 43.22
N LEU E 213 -26.75 -22.93 43.34
CA LEU E 213 -26.61 -21.48 43.38
C LEU E 213 -27.19 -20.97 44.69
N GLU E 214 -26.40 -20.18 45.42
CA GLU E 214 -26.94 -19.51 46.60
C GLU E 214 -27.99 -18.49 46.21
N THR E 215 -27.75 -17.75 45.13
CA THR E 215 -28.70 -16.77 44.63
C THR E 215 -28.44 -16.57 43.14
N LYS E 216 -29.46 -16.08 42.44
CA LYS E 216 -29.33 -15.84 41.01
C LYS E 216 -28.46 -14.63 40.70
N ASP E 217 -28.13 -13.81 41.70
CA ASP E 217 -27.27 -12.65 41.47
C ASP E 217 -25.88 -13.04 41.02
N ILE E 218 -25.45 -14.28 41.29
CA ILE E 218 -24.16 -14.74 40.80
C ILE E 218 -24.12 -14.73 39.29
N LEU E 219 -25.21 -15.18 38.65
CA LEU E 219 -25.28 -15.18 37.20
C LEU E 219 -25.23 -13.77 36.64
N LYS E 220 -25.87 -12.82 37.32
CA LYS E 220 -25.84 -11.44 36.87
C LYS E 220 -24.42 -10.89 36.91
N ARG E 221 -23.66 -11.23 37.95
CA ARG E 221 -22.27 -10.79 38.04
C ARG E 221 -21.42 -11.38 36.92
N ILE E 222 -21.65 -12.66 36.60
CA ILE E 222 -20.92 -13.30 35.51
C ILE E 222 -21.26 -12.63 34.19
N ALA E 223 -22.54 -12.31 33.99
CA ALA E 223 -22.95 -11.63 32.75
C ALA E 223 -22.30 -10.26 32.64
N GLN E 224 -22.25 -9.51 33.74
CA GLN E 224 -21.64 -8.17 33.70
C GLN E 224 -20.14 -8.26 33.46
N ALA E 225 -19.48 -9.24 34.07
CA ALA E 225 -18.04 -9.37 33.91
C ALA E 225 -17.65 -9.75 32.47
N SER E 226 -18.52 -10.48 31.78
CA SER E 226 -18.22 -10.90 30.42
C SER E 226 -18.38 -9.78 29.40
N ASN E 227 -19.08 -8.71 29.75
CA ASN E 227 -19.26 -7.55 28.87
C ASN E 227 -19.96 -7.96 27.57
N GLY E 228 -21.03 -8.73 27.71
CA GLY E 228 -21.84 -9.10 26.57
C GLY E 228 -21.30 -10.22 25.72
N ASN E 229 -20.16 -10.81 26.10
CA ASN E 229 -19.58 -11.93 25.37
C ASN E 229 -20.16 -13.22 25.92
N LEU E 230 -21.01 -13.87 25.13
CA LEU E 230 -21.71 -15.07 25.60
C LEU E 230 -20.74 -16.24 25.77
N ARG E 231 -19.79 -16.38 24.84
CA ARG E 231 -18.79 -17.44 24.98
C ARG E 231 -17.97 -17.24 26.25
N VAL E 232 -17.53 -16.01 26.50
CA VAL E 232 -16.74 -15.72 27.69
C VAL E 232 -17.55 -15.98 28.95
N SER E 233 -18.83 -15.58 28.95
CA SER E 233 -19.65 -15.81 30.14
C SER E 233 -19.85 -17.30 30.40
N LEU E 234 -20.09 -18.09 29.35
CA LEU E 234 -20.26 -19.52 29.54
C LEU E 234 -18.99 -20.18 30.06
N LEU E 235 -17.84 -19.83 29.47
CA LEU E 235 -16.58 -20.41 29.93
C LEU E 235 -16.25 -19.95 31.35
N MET E 236 -16.56 -18.70 31.69
CA MET E 236 -16.36 -18.21 33.04
C MET E 236 -17.24 -18.94 34.04
N LEU E 237 -18.49 -19.21 33.66
CA LEU E 237 -19.38 -19.98 34.52
C LEU E 237 -18.83 -21.38 34.75
N GLU E 238 -18.34 -22.02 33.70
CA GLU E 238 -17.78 -23.36 33.85
C GLU E 238 -16.55 -23.34 34.75
N SER E 239 -15.68 -22.34 34.55
CA SER E 239 -14.47 -22.25 35.37
C SER E 239 -14.82 -21.99 36.85
N MET E 240 -15.78 -21.11 37.10
CA MET E 240 -16.18 -20.82 38.47
C MET E 240 -16.80 -22.03 39.13
N ALA E 241 -17.63 -22.78 38.39
CA ALA E 241 -18.25 -23.97 38.96
C ALA E 241 -17.21 -25.01 39.36
N LEU E 242 -16.20 -25.23 38.50
CA LEU E 242 -15.17 -26.22 38.82
C LEU E 242 -14.36 -25.80 40.04
N ASN E 243 -14.07 -24.50 40.16
CA ASN E 243 -13.28 -24.03 41.29
C ASN E 243 -14.01 -24.21 42.61
N ASN E 244 -15.33 -24.04 42.62
CA ASN E 244 -16.13 -24.05 43.84
C ASN E 244 -16.83 -25.39 44.06
N GLU E 245 -16.27 -26.48 43.51
CA GLU E 245 -16.80 -27.82 43.73
C GLU E 245 -18.27 -27.93 43.32
N LEU E 246 -18.60 -27.33 42.18
CA LEU E 246 -19.96 -27.35 41.63
C LEU E 246 -20.98 -26.76 42.60
N ALA E 247 -20.59 -25.71 43.30
CA ALA E 247 -21.49 -25.02 44.24
C ALA E 247 -21.07 -23.56 44.29
N LEU E 248 -21.76 -22.72 43.53
CA LEU E 248 -21.43 -21.30 43.45
C LEU E 248 -22.12 -20.54 44.58
N LYS E 249 -21.35 -19.73 45.30
CA LYS E 249 -21.86 -18.92 46.39
C LYS E 249 -21.84 -17.44 46.00
N SER E 250 -22.55 -16.64 46.77
CA SER E 250 -22.60 -15.20 46.52
C SER E 250 -21.23 -14.55 46.70
N SER E 251 -20.35 -15.15 47.48
CA SER E 251 -19.00 -14.64 47.70
C SER E 251 -17.98 -15.22 46.74
N SER E 252 -18.40 -16.04 45.79
CA SER E 252 -17.48 -16.66 44.86
C SER E 252 -16.86 -15.61 43.95
N PRO E 253 -15.53 -15.50 43.90
CA PRO E 253 -14.92 -14.46 43.06
C PRO E 253 -15.09 -14.77 41.58
N ILE E 254 -15.10 -13.70 40.78
CA ILE E 254 -15.14 -13.83 39.33
C ILE E 254 -13.77 -14.25 38.83
N ILE E 255 -13.72 -15.33 38.05
CA ILE E 255 -12.47 -15.87 37.56
C ILE E 255 -12.17 -15.23 36.21
N LYS E 256 -10.98 -14.65 36.08
CA LYS E 256 -10.55 -14.01 34.86
C LYS E 256 -9.40 -14.79 34.24
N PRO E 257 -9.23 -14.69 32.91
CA PRO E 257 -8.14 -15.44 32.26
C PRO E 257 -6.78 -14.97 32.73
N ASP E 258 -5.78 -15.81 32.47
CA ASP E 258 -4.42 -15.53 32.94
C ASP E 258 -3.86 -14.25 32.32
N TRP E 259 -4.08 -14.06 31.02
CA TRP E 259 -3.53 -12.89 30.35
C TRP E 259 -4.19 -11.60 30.85
N ILE E 260 -5.48 -11.65 31.17
CA ILE E 260 -6.16 -10.48 31.71
C ILE E 260 -5.60 -10.13 33.08
N ILE E 261 -5.33 -11.15 33.90
CA ILE E 261 -4.72 -10.90 35.21
C ILE E 261 -3.34 -10.28 35.06
N VAL E 262 -2.55 -10.80 34.12
CA VAL E 262 -1.22 -10.24 33.88
C VAL E 262 -1.32 -8.79 33.43
N ILE E 263 -2.27 -8.49 32.54
CA ILE E 263 -2.41 -7.12 32.04
C ILE E 263 -2.87 -6.18 33.14
N HIS E 264 -3.77 -6.63 34.02
CA HIS E 264 -4.19 -5.81 35.14
C HIS E 264 -3.04 -5.56 36.10
N LYS E 265 -2.21 -6.58 36.35
CA LYS E 265 -1.02 -6.38 37.16
C LYS E 265 -0.08 -5.37 36.52
N LEU E 266 0.08 -5.43 35.20
CA LEU E 266 0.90 -4.45 34.49
C LEU E 266 0.33 -3.05 34.63
N THR E 267 -1.00 -2.91 34.55
CA THR E 267 -1.63 -1.61 34.71
C THR E 267 -1.37 -1.05 36.11
N ARG E 268 -1.54 -1.88 37.13
CA ARG E 268 -1.27 -1.42 38.50
C ARG E 268 0.20 -1.03 38.66
N LYS E 269 1.10 -1.79 38.03
CA LYS E 269 2.52 -1.47 38.11
C LYS E 269 2.82 -0.14 37.44
N ILE E 270 2.23 0.11 36.26
CA ILE E 270 2.46 1.36 35.55
C ILE E 270 1.94 2.54 36.37
N VAL E 271 0.74 2.40 36.93
CA VAL E 271 0.16 3.49 37.72
C VAL E 271 0.99 3.75 38.96
N LYS E 272 1.43 2.69 39.64
CA LYS E 272 2.13 2.86 40.92
C LYS E 272 3.47 3.56 40.75
N GLU E 273 4.28 3.12 39.79
CA GLU E 273 5.61 3.67 39.57
C GLU E 273 5.82 3.98 38.10
N ARG E 274 6.47 5.09 37.81
CA ARG E 274 6.76 5.55 36.46
C ARG E 274 8.25 5.87 36.38
N SER E 275 9.03 4.92 35.88
CA SER E 275 10.47 5.08 35.76
C SER E 275 10.97 4.20 34.63
N VAL E 276 12.27 4.32 34.33
CA VAL E 276 12.85 3.54 33.24
C VAL E 276 12.93 2.07 33.62
N ASN E 277 13.28 1.76 34.87
CA ASN E 277 13.32 0.37 35.31
C ASN E 277 11.94 -0.25 35.25
N SER E 278 10.92 0.51 35.64
CA SER E 278 9.54 0.03 35.48
C SER E 278 9.24 -0.25 34.02
N LEU E 279 9.76 0.58 33.12
CA LEU E 279 9.53 0.35 31.70
C LEU E 279 10.23 -0.91 31.21
N ILE E 280 11.43 -1.19 31.72
CA ILE E 280 12.13 -2.42 31.35
C ILE E 280 11.32 -3.64 31.81
N GLU E 281 10.80 -3.60 33.03
CA GLU E 281 10.03 -4.73 33.52
C GLU E 281 8.69 -4.86 32.78
N CYS E 282 8.11 -3.73 32.38
CA CYS E 282 6.94 -3.78 31.51
C CYS E 282 7.27 -4.41 30.17
N ARG E 283 8.47 -4.12 29.64
CA ARG E 283 8.91 -4.78 28.42
C ARG E 283 8.97 -6.29 28.62
N ALA E 284 9.51 -6.73 29.76
CA ALA E 284 9.56 -8.17 30.02
C ALA E 284 8.17 -8.78 30.07
N VAL E 285 7.24 -8.10 30.73
CA VAL E 285 5.87 -8.60 30.80
C VAL E 285 5.24 -8.67 29.42
N LEU E 286 5.46 -7.64 28.59
CA LEU E 286 4.90 -7.63 27.24
C LEU E 286 5.49 -8.73 26.39
N TYR E 287 6.79 -8.98 26.53
CA TYR E 287 7.41 -10.10 25.82
C TYR E 287 6.77 -11.42 26.24
N ASP E 288 6.54 -11.60 27.55
CA ASP E 288 5.89 -12.81 28.02
C ASP E 288 4.50 -12.97 27.42
N LEU E 289 3.73 -11.87 27.37
CA LEU E 289 2.38 -11.94 26.81
C LEU E 289 2.41 -12.25 25.32
N LEU E 290 3.29 -11.59 24.57
CA LEU E 290 3.32 -11.77 23.12
C LEU E 290 3.82 -13.15 22.74
N ALA E 291 4.77 -13.70 23.52
CA ALA E 291 5.35 -14.99 23.19
C ALA E 291 4.34 -16.14 23.32
N HIS E 292 3.19 -15.91 23.95
CA HIS E 292 2.21 -16.95 24.20
C HIS E 292 0.88 -16.66 23.49
N CYS E 293 0.99 -16.22 22.23
CA CYS E 293 -0.16 -16.11 21.33
C CYS E 293 -1.24 -15.17 21.83
N ILE E 294 -0.84 -14.08 22.49
CA ILE E 294 -1.74 -12.98 22.81
C ILE E 294 -1.52 -11.88 21.78
N PRO E 295 -2.51 -11.55 20.94
CA PRO E 295 -2.28 -10.57 19.89
C PRO E 295 -1.96 -9.19 20.46
N ALA E 296 -1.16 -8.43 19.70
CA ALA E 296 -0.73 -7.12 20.15
C ALA E 296 -1.90 -6.17 20.30
N ASN E 297 -2.85 -6.21 19.36
CA ASN E 297 -4.01 -5.33 19.44
C ASN E 297 -4.85 -5.65 20.67
N ILE E 298 -4.99 -6.94 21.00
CA ILE E 298 -5.72 -7.32 22.21
C ILE E 298 -5.01 -6.80 23.45
N ILE E 299 -3.69 -6.93 23.49
CA ILE E 299 -2.92 -6.43 24.63
C ILE E 299 -3.11 -4.93 24.78
N LEU E 300 -3.02 -4.20 23.66
CA LEU E 300 -3.16 -2.75 23.71
C LEU E 300 -4.54 -2.35 24.19
N LYS E 301 -5.58 -3.00 23.67
CA LYS E 301 -6.95 -2.65 24.07
C LYS E 301 -7.18 -2.94 25.55
N GLU E 302 -6.75 -4.11 26.02
CA GLU E 302 -6.94 -4.44 27.44
C GLU E 302 -6.14 -3.51 28.34
N LEU E 303 -4.90 -3.20 27.95
CA LEU E 303 -4.08 -2.29 28.74
C LEU E 303 -4.69 -0.90 28.78
N THR E 304 -5.22 -0.43 27.66
CA THR E 304 -5.85 0.89 27.63
C THR E 304 -7.08 0.94 28.52
N PHE E 305 -7.94 -0.06 28.41
CA PHE E 305 -9.18 -0.01 29.17
C PHE E 305 -9.00 -0.41 30.63
N SER E 306 -7.89 -1.02 30.99
CA SER E 306 -7.56 -1.19 32.40
C SER E 306 -7.05 0.11 33.01
N LEU E 307 -6.25 0.86 32.24
CA LEU E 307 -5.73 2.13 32.73
C LEU E 307 -6.85 3.14 32.94
N LEU E 308 -7.83 3.16 32.02
CA LEU E 308 -8.92 4.12 32.13
C LEU E 308 -9.84 3.81 33.31
N ASP E 309 -9.77 2.62 33.87
CA ASP E 309 -10.61 2.24 35.00
C ASP E 309 -9.95 2.52 36.34
N VAL E 310 -8.71 3.03 36.35
CA VAL E 310 -8.05 3.36 37.61
C VAL E 310 -8.72 4.59 38.21
N GLU E 311 -9.10 4.50 39.48
CA GLU E 311 -9.86 5.57 40.11
C GLU E 311 -9.01 6.78 40.45
N THR E 312 -7.71 6.59 40.68
CA THR E 312 -6.86 7.69 41.09
C THR E 312 -6.53 8.64 39.94
N LEU E 313 -6.62 8.18 38.70
CA LEU E 313 -6.32 9.03 37.56
C LEU E 313 -7.41 10.06 37.35
N ASN E 314 -7.01 11.25 36.90
CA ASN E 314 -7.93 12.33 36.63
C ASN E 314 -8.30 12.36 35.15
N THR E 315 -9.10 13.36 34.77
CA THR E 315 -9.59 13.44 33.40
C THR E 315 -8.46 13.68 32.41
N THR E 316 -7.51 14.55 32.75
CA THR E 316 -6.42 14.85 31.84
C THR E 316 -5.58 13.62 31.55
N ASN E 317 -5.26 12.85 32.60
CA ASN E 317 -4.47 11.64 32.42
C ASN E 317 -5.19 10.64 31.51
N LYS E 318 -6.49 10.47 31.73
CA LYS E 318 -7.25 9.51 30.93
C LYS E 318 -7.36 9.97 29.48
N SER E 319 -7.53 11.27 29.25
CA SER E 319 -7.57 11.78 27.89
C SER E 319 -6.23 11.56 27.18
N SER E 320 -5.13 11.82 27.87
CA SER E 320 -3.82 11.56 27.28
C SER E 320 -3.65 10.08 26.99
N ILE E 321 -4.11 9.23 27.89
CA ILE E 321 -3.96 7.78 27.71
C ILE E 321 -4.73 7.32 26.48
N ILE E 322 -5.97 7.79 26.32
CA ILE E 322 -6.76 7.34 25.18
C ILE E 322 -6.20 7.89 23.88
N GLU E 323 -5.66 9.12 23.90
CA GLU E 323 -5.04 9.66 22.69
C GLU E 323 -3.83 8.85 22.28
N TYR E 324 -2.95 8.54 23.24
CA TYR E 324 -1.78 7.72 22.93
C TYR E 324 -2.19 6.33 22.47
N SER E 325 -3.26 5.79 23.07
CA SER E 325 -3.76 4.49 22.64
C SER E 325 -4.21 4.52 21.19
N SER E 326 -4.94 5.56 20.79
CA SER E 326 -5.34 5.68 19.40
C SER E 326 -4.15 5.76 18.47
N VAL E 327 -3.17 6.60 18.82
CA VAL E 327 -1.99 6.79 17.97
C VAL E 327 -1.25 5.45 17.80
N PHE E 328 -0.99 4.77 18.90
CA PHE E 328 -0.20 3.56 18.82
C PHE E 328 -1.00 2.37 18.32
N ASP E 329 -2.33 2.43 18.38
CA ASP E 329 -3.14 1.42 17.69
C ASP E 329 -3.02 1.57 16.18
N GLU E 330 -3.06 2.81 15.69
CA GLU E 330 -2.79 3.03 14.27
C GLU E 330 -1.40 2.54 13.90
N ARG E 331 -0.41 2.81 14.77
CA ARG E 331 0.95 2.38 14.47
C ARG E 331 1.08 0.87 14.49
N LEU E 332 0.35 0.20 15.37
CA LEU E 332 0.34 -1.26 15.37
C LEU E 332 -0.26 -1.80 14.08
N SER E 333 -1.36 -1.20 13.63
CA SER E 333 -1.97 -1.66 12.38
C SER E 333 -1.05 -1.43 11.19
N LEU E 334 -0.27 -0.35 11.22
CA LEU E 334 0.65 -0.04 10.13
C LEU E 334 2.05 -0.62 10.34
N GLY E 335 2.31 -1.28 11.46
CA GLY E 335 3.65 -1.70 11.81
C GLY E 335 3.90 -3.18 11.56
N ASN E 336 5.09 -3.61 11.95
CA ASN E 336 5.53 -4.99 11.76
C ASN E 336 5.94 -5.67 13.06
N LYS E 337 6.68 -4.99 13.93
CA LYS E 337 7.12 -5.55 15.20
C LYS E 337 6.24 -5.02 16.31
N ALA E 338 5.54 -5.92 16.99
CA ALA E 338 4.53 -5.52 17.95
C ALA E 338 5.13 -4.85 19.18
N ILE E 339 6.24 -5.39 19.68
CA ILE E 339 6.82 -4.91 20.94
C ILE E 339 7.29 -3.47 20.81
N PHE E 340 7.62 -3.03 19.58
CA PHE E 340 8.12 -1.68 19.39
C PHE E 340 7.05 -0.65 19.73
N HIS E 341 5.80 -0.93 19.38
CA HIS E 341 4.72 0.03 19.54
C HIS E 341 4.11 0.00 20.94
N LEU E 342 3.97 -1.19 21.52
CA LEU E 342 3.43 -1.30 22.88
C LEU E 342 4.35 -0.63 23.89
N GLU E 343 5.66 -0.82 23.73
CA GLU E 343 6.62 -0.16 24.61
C GLU E 343 6.55 1.35 24.47
N GLY E 344 6.42 1.84 23.24
CA GLY E 344 6.26 3.27 23.05
C GLY E 344 5.00 3.81 23.71
N PHE E 345 3.90 3.06 23.60
CA PHE E 345 2.66 3.48 24.25
C PHE E 345 2.82 3.55 25.76
N ILE E 346 3.45 2.53 26.35
CA ILE E 346 3.63 2.51 27.79
C ILE E 346 4.55 3.64 28.23
N ALA E 347 5.62 3.90 27.47
CA ALA E 347 6.52 4.99 27.80
C ALA E 347 5.81 6.33 27.74
N LYS E 348 4.97 6.53 26.73
CA LYS E 348 4.22 7.78 26.64
C LYS E 348 3.22 7.92 27.78
N VAL E 349 2.58 6.81 28.17
CA VAL E 349 1.61 6.86 29.26
C VAL E 349 2.29 7.21 30.57
N MET E 350 3.47 6.65 30.82
CA MET E 350 4.18 6.91 32.07
C MET E 350 4.53 8.39 32.20
N CYS E 351 4.91 9.04 31.09
CA CYS E 351 5.25 10.45 31.14
C CYS E 351 4.05 11.31 31.50
N CYS E 352 2.88 10.99 30.95
CA CYS E 352 1.70 11.81 31.21
C CYS E 352 1.19 11.68 32.63
N LEU E 353 1.38 10.52 33.27
CA LEU E 353 0.93 10.35 34.64
C LEU E 353 1.86 11.07 35.62
N ASP E 354 3.16 11.03 35.37
CA ASP E 354 4.14 11.64 36.25
C ASP E 354 4.07 13.16 36.16
C ACT F . 28.87 -4.61 -8.72
O ACT F . 28.74 -3.88 -7.72
OXT ACT F . 29.69 -5.53 -8.87
CH3 ACT F . 27.92 -4.31 -9.90
PB ADP G . 9.57 14.37 -27.41
O1B ADP G . 10.89 15.05 -27.18
O2B ADP G . 9.61 13.24 -28.41
O3B ADP G . 8.80 14.03 -26.15
PA ADP G . 8.60 15.56 -29.74
O1A ADP G . 10.00 15.70 -30.29
O2A ADP G . 7.73 14.41 -30.19
O3A ADP G . 8.67 15.50 -28.14
O5' ADP G . 7.80 16.93 -30.03
C5' ADP G . 6.70 16.89 -30.94
C4' ADP G . 6.50 18.24 -31.63
O4' ADP G . 7.00 19.31 -30.82
C3' ADP G . 7.24 18.29 -32.96
O3' ADP G . 6.29 18.26 -34.03
C2' ADP G . 7.96 19.61 -32.97
O2' ADP G . 7.52 20.40 -34.07
C1' ADP G . 7.61 20.29 -31.65
N9 ADP G . 8.84 20.80 -31.01
C8 ADP G . 9.37 20.31 -29.88
N7 ADP G . 10.49 20.98 -29.53
C5 ADP G . 10.70 21.92 -30.48
C6 ADP G . 11.72 22.97 -30.73
N6 ADP G . 12.76 23.14 -29.87
N1 ADP G . 11.58 23.73 -31.82
C2 ADP G . 10.54 23.57 -32.67
N3 ADP G . 9.58 22.64 -32.51
C4 ADP G . 9.61 21.80 -31.45
PB ADP H . -24.21 6.11 -13.31
O1B ADP H . -24.64 7.45 -13.84
O2B ADP H . -23.80 5.13 -14.38
O3B ADP H . -23.28 6.16 -12.13
PA ADP H . -26.45 4.48 -13.63
O1A ADP H . -26.82 5.18 -14.90
O2A ADP H . -25.73 3.15 -13.68
O3A ADP H . -25.56 5.48 -12.73
O5' ADP H . -27.78 4.29 -12.74
C5' ADP H . -28.51 3.07 -12.84
C4' ADP H . -29.94 3.28 -12.39
O4' ADP H . -30.19 4.68 -12.19
C3' ADP H . -30.90 2.79 -13.46
O3' ADP H . -31.73 1.76 -12.93
C2' ADP H . -31.76 3.99 -13.82
O2' ADP H . -33.15 3.65 -13.71
C1' ADP H . -31.41 5.06 -12.82
N9 ADP H . -31.21 6.35 -13.52
C8 ADP H . -30.08 7.08 -13.47
N7 ADP H . -30.21 8.21 -14.22
C5 ADP H . -31.44 8.20 -14.75
C6 ADP H . -32.21 9.09 -15.64
N6 ADP H . -31.66 10.24 -16.11
N1 ADP H . -33.48 8.73 -15.97
C2 ADP H . -34.01 7.59 -15.50
N3 ADP H . -33.37 6.73 -14.70
C4 ADP H . -32.10 6.97 -14.29
PB GDP I . -19.38 -15.78 17.23
O1B GDP I . -19.73 -14.36 17.60
O2B GDP I . -19.41 -15.90 15.73
O3B GDP I . -17.99 -16.07 17.73
O3A GDP I . -20.48 -16.76 17.88
PA GDP I . -20.15 -18.22 18.46
O1A GDP I . -20.71 -19.27 17.53
O2A GDP I . -18.67 -18.45 18.65
O5' GDP I . -20.90 -18.28 19.87
C5' GDP I . -20.17 -18.68 21.01
C4' GDP I . -21.05 -19.43 22.00
O4' GDP I . -22.23 -18.69 22.30
C3' GDP I . -21.50 -20.77 21.44
O3' GDP I . -20.67 -21.81 21.94
C2' GDP I . -22.92 -20.94 21.96
O2' GDP I . -22.94 -21.96 22.95
C1' GDP I . -23.29 -19.61 22.59
N9 GDP I . -24.57 -19.12 22.04
C8 GDP I . -24.71 -18.28 21.00
N7 GDP I . -26.02 -18.03 20.74
C5 GDP I . -26.73 -18.73 21.63
C6 GDP I . -28.18 -18.92 21.92
O6 GDP I . -29.04 -18.34 21.23
N1 GDP I . -28.51 -19.73 22.92
C2 GDP I . -27.59 -20.36 23.67
N2 GDP I . -28.02 -21.17 24.68
N3 GDP I . -26.26 -20.24 23.47
C4 GDP I . -25.78 -19.45 22.48
#